data_8TDB
#
_entry.id   8TDB
#
_cell.length_a   111.730
_cell.length_b   180.678
_cell.length_c   88.011
_cell.angle_alpha   90.00
_cell.angle_beta   106.26
_cell.angle_gamma   90.00
#
_symmetry.space_group_name_H-M   'C 1 2 1'
#
loop_
_entity.id
_entity.type
_entity.pdbx_description
1 polymer 'Pyrroline-5-carboxylate reductase 1, mitochondrial'
2 non-polymer '1,4-DIHYDRONICOTINAMIDE ADENINE DINUCLEOTIDE'
3 non-polymer '(1R)-1-hydroxyethane-1-sulfonic acid'
4 water water
#
_entity_poly.entity_id   1
_entity_poly.type   'polypeptide(L)'
_entity_poly.pdbx_seq_one_letter_code
;MHHHHHHSSGVDLGTENLYFQSMSVGFIGAGQLAFALAKGFTAAGVLAAHKIMASSPDMDLATVSALRKMGVKLTPHNKE
TVQHSDVLFLAVKPHIIPFILDEIGADIEDRHIVVSCAAGVTISSIEKKLSAFRPAPRVIRCMTNTPVVVREGATVYATG
THAQVEDGRLMEQLLSSVGFCTEVEEDLIDAVTGLSGSGPAYAFTALDALADGGVKMGLPRRLAVRLGAQALLGAAKMLL
HSEQHPGQLKDNVSSPGGATIHALHVLESGGFRSLLINAVEASCIRTRELQSMADQEQVSPAAIKKTILDKVKLDS
;
_entity_poly.pdbx_strand_id   A,B,C,D,E
#
loop_
_chem_comp.id
_chem_comp.type
_chem_comp.name
_chem_comp.formula
GHO non-polymer '(1R)-1-hydroxyethane-1-sulfonic acid' 'C2 H6 O4 S'
NAI non-polymer '1,4-DIHYDRONICOTINAMIDE ADENINE DINUCLEOTIDE' 'C21 H29 N7 O14 P2'
#
# COMPACT_ATOMS: atom_id res chain seq x y z
N MET A 23 31.33 10.27 21.74
CA MET A 23 29.88 10.52 21.91
C MET A 23 29.11 9.22 22.16
N SER A 24 28.26 9.22 23.17
CA SER A 24 27.50 8.04 23.54
C SER A 24 26.02 8.25 23.26
N VAL A 25 25.38 7.20 22.76
CA VAL A 25 23.99 7.24 22.33
C VAL A 25 23.21 6.18 23.09
N GLY A 26 22.04 6.54 23.56
CA GLY A 26 21.17 5.60 24.21
C GLY A 26 19.77 5.60 23.60
N PHE A 27 19.15 4.43 23.61
CA PHE A 27 17.77 4.26 23.17
C PHE A 27 16.93 3.71 24.31
N ILE A 28 15.92 4.45 24.73
CA ILE A 28 14.89 3.87 25.60
C ILE A 28 13.91 3.11 24.70
N GLY A 29 13.84 1.80 24.88
CA GLY A 29 12.99 0.98 24.05
C GLY A 29 13.77 0.47 22.85
N ALA A 30 13.96 -0.84 22.78
CA ALA A 30 14.86 -1.43 21.80
C ALA A 30 14.05 -2.25 20.80
N GLY A 31 13.29 -1.55 19.97
CA GLY A 31 12.46 -2.20 18.97
C GLY A 31 12.80 -1.78 17.55
N GLN A 32 11.76 -1.61 16.72
CA GLN A 32 11.94 -1.37 15.29
C GLN A 32 12.76 -0.11 15.03
N LEU A 33 12.41 0.98 15.68
CA LEU A 33 13.10 2.23 15.37
C LEU A 33 14.52 2.23 15.91
N ALA A 34 14.73 1.71 17.13
CA ALA A 34 16.08 1.70 17.68
C ALA A 34 16.98 0.83 16.83
N PHE A 35 16.47 -0.31 16.34
CA PHE A 35 17.27 -1.12 15.45
C PHE A 35 17.58 -0.39 14.16
N ALA A 36 16.60 0.33 13.62
CA ALA A 36 16.80 1.04 12.36
C ALA A 36 17.86 2.14 12.51
N LEU A 37 17.77 2.94 13.56
CA LEU A 37 18.72 4.02 13.77
C LEU A 37 20.10 3.49 14.17
N ALA A 38 20.16 2.50 15.06
CA ALA A 38 21.44 1.93 15.42
C ALA A 38 22.12 1.32 14.20
N LYS A 39 21.37 0.57 13.38
CA LYS A 39 21.97 -0.06 12.20
C LYS A 39 22.44 0.98 11.19
N GLY A 40 21.67 2.06 11.02
CA GLY A 40 22.10 3.13 10.12
C GLY A 40 23.29 3.92 10.64
N PHE A 41 23.27 4.28 11.94
CA PHE A 41 24.37 5.07 12.49
C PHE A 41 25.69 4.33 12.36
N THR A 42 25.67 3.01 12.61
CA THR A 42 26.93 2.27 12.58
C THR A 42 27.33 1.92 11.16
N ALA A 43 26.37 1.66 10.27
CA ALA A 43 26.69 1.62 8.84
C ALA A 43 27.29 2.93 8.37
N ALA A 44 26.70 4.06 8.79
CA ALA A 44 27.32 5.34 8.48
C ALA A 44 28.69 5.50 9.14
N GLY A 45 29.00 4.70 10.15
CA GLY A 45 30.24 4.88 10.87
C GLY A 45 30.30 6.11 11.75
N VAL A 46 29.17 6.76 12.05
CA VAL A 46 29.24 7.88 12.98
C VAL A 46 29.47 7.38 14.38
N LEU A 47 29.05 6.17 14.67
CA LEU A 47 28.99 5.68 16.04
C LEU A 47 29.46 4.25 16.05
N ALA A 48 30.25 3.89 17.05
CA ALA A 48 30.60 2.49 17.24
C ALA A 48 29.43 1.79 17.90
N ALA A 49 29.17 0.56 17.45
CA ALA A 49 28.07 -0.21 18.02
C ALA A 49 28.10 -0.21 19.55
N HIS A 50 29.28 -0.34 20.15
CA HIS A 50 29.39 -0.46 21.60
C HIS A 50 29.37 0.88 22.32
N LYS A 51 29.25 1.98 21.59
CA LYS A 51 28.91 3.27 22.18
C LYS A 51 27.41 3.52 22.15
N ILE A 52 26.64 2.55 21.64
CA ILE A 52 25.18 2.57 21.66
C ILE A 52 24.71 1.64 22.76
N MET A 53 23.74 2.10 23.56
CA MET A 53 23.07 1.26 24.53
C MET A 53 21.58 1.40 24.35
N ALA A 54 20.88 0.27 24.46
CA ALA A 54 19.43 0.26 24.34
C ALA A 54 18.85 -0.54 25.50
N SER A 55 17.64 -0.20 25.89
CA SER A 55 17.01 -0.87 27.01
C SER A 55 15.61 -1.31 26.63
N SER A 56 15.20 -2.46 27.17
CA SER A 56 13.85 -2.95 26.96
C SER A 56 13.49 -3.93 28.06
N PRO A 57 12.27 -3.90 28.57
CA PRO A 57 11.85 -4.95 29.51
C PRO A 57 11.71 -6.31 28.83
N ASP A 58 11.04 -6.38 27.68
CA ASP A 58 10.74 -7.65 27.03
C ASP A 58 11.91 -8.04 26.13
N MET A 59 12.94 -8.64 26.76
CA MET A 59 14.18 -8.98 26.05
C MET A 59 13.98 -10.03 24.97
N ASP A 60 13.09 -11.01 25.18
CA ASP A 60 12.87 -12.05 24.17
C ASP A 60 12.34 -11.49 22.84
N LEU A 61 12.35 -10.17 22.64
CA LEU A 61 11.95 -9.57 21.37
C LEU A 61 12.94 -9.93 20.26
N ALA A 62 12.42 -9.98 19.03
CA ALA A 62 13.29 -10.18 17.87
C ALA A 62 14.34 -9.08 17.76
N THR A 63 13.93 -7.82 17.95
CA THR A 63 14.82 -6.67 17.79
C THR A 63 15.92 -6.64 18.84
N VAL A 64 15.70 -7.22 20.02
CA VAL A 64 16.77 -7.32 21.00
C VAL A 64 17.84 -8.28 20.51
N SER A 65 17.43 -9.38 19.86
CA SER A 65 18.41 -10.34 19.34
C SER A 65 19.22 -9.75 18.20
N ALA A 66 18.60 -8.89 17.38
CA ALA A 66 19.30 -8.28 16.25
C ALA A 66 20.30 -7.23 16.72
N LEU A 67 19.91 -6.39 17.69
CA LEU A 67 20.84 -5.39 18.22
C LEU A 67 21.96 -6.03 19.01
N ARG A 68 21.72 -7.19 19.62
CA ARG A 68 22.78 -7.87 20.34
C ARG A 68 23.91 -8.26 19.40
N LYS A 69 23.55 -8.92 18.28
CA LYS A 69 24.57 -9.33 17.32
C LYS A 69 25.25 -8.14 16.65
N MET A 70 24.53 -7.03 16.48
CA MET A 70 25.16 -5.80 16.00
C MET A 70 26.33 -5.39 16.91
N GLY A 71 26.18 -5.58 18.22
CA GLY A 71 27.18 -5.15 19.20
C GLY A 71 26.67 -4.11 20.18
N VAL A 72 25.43 -3.63 20.06
CA VAL A 72 24.88 -2.66 20.99
C VAL A 72 24.83 -3.26 22.39
N LYS A 73 25.06 -2.44 23.41
CA LYS A 73 24.85 -2.87 24.78
C LYS A 73 23.34 -2.87 25.10
N LEU A 74 22.86 -3.99 25.62
CA LEU A 74 21.46 -4.15 25.97
C LEU A 74 21.34 -4.25 27.48
N THR A 75 20.28 -3.64 28.04
CA THR A 75 20.08 -3.73 29.49
C THR A 75 18.60 -3.55 29.76
N PRO A 76 18.02 -4.24 30.74
CA PRO A 76 16.59 -4.05 31.03
C PRO A 76 16.27 -2.77 31.78
N HIS A 77 17.28 -2.08 32.31
CA HIS A 77 17.08 -0.94 33.21
C HIS A 77 17.22 0.36 32.44
N ASN A 78 16.16 1.16 32.41
CA ASN A 78 16.19 2.41 31.66
C ASN A 78 17.18 3.41 32.27
N LYS A 79 17.46 3.30 33.58
CA LYS A 79 18.41 4.23 34.21
C LYS A 79 19.83 4.03 33.67
N GLU A 80 20.25 2.79 33.44
CA GLU A 80 21.58 2.54 32.90
C GLU A 80 21.75 3.18 31.53
N THR A 81 20.70 3.16 30.72
CA THR A 81 20.76 3.83 29.43
C THR A 81 20.99 5.34 29.62
N VAL A 82 20.26 5.96 30.55
CA VAL A 82 20.33 7.41 30.71
C VAL A 82 21.74 7.82 31.11
N GLN A 83 22.31 7.10 32.09
CA GLN A 83 23.65 7.43 32.59
C GLN A 83 24.72 7.23 31.53
N HIS A 84 24.49 6.30 30.59
CA HIS A 84 25.43 6.06 29.51
C HIS A 84 25.44 7.18 28.48
N SER A 85 24.28 7.79 28.26
CA SER A 85 24.01 8.56 27.04
C SER A 85 24.42 10.02 27.12
N ASP A 86 24.89 10.55 26.00
CA ASP A 86 24.90 12.00 25.79
C ASP A 86 23.63 12.41 25.04
N VAL A 87 23.32 11.66 24.01
CA VAL A 87 22.08 11.81 23.27
C VAL A 87 21.22 10.61 23.60
N LEU A 88 20.01 10.86 24.06
CA LEU A 88 19.12 9.81 24.53
C LEU A 88 17.88 9.83 23.65
N PHE A 89 17.72 8.83 22.79
CA PHE A 89 16.52 8.71 21.98
C PHE A 89 15.41 8.06 22.79
N LEU A 90 14.22 8.63 22.72
CA LEU A 90 13.02 8.05 23.31
C LEU A 90 12.36 7.24 22.21
N ALA A 91 12.47 5.92 22.29
CA ALA A 91 11.97 5.08 21.22
C ALA A 91 10.92 4.09 21.74
N VAL A 92 9.98 4.56 22.54
CA VAL A 92 8.89 3.73 22.99
C VAL A 92 7.60 4.19 22.31
N LYS A 93 6.55 3.36 22.45
CA LYS A 93 5.24 3.74 21.96
C LYS A 93 4.80 5.05 22.61
N PRO A 94 4.02 5.87 21.90
CA PRO A 94 3.72 7.21 22.41
C PRO A 94 3.05 7.23 23.77
N HIS A 95 2.19 6.25 24.08
CA HIS A 95 1.59 6.22 25.42
C HIS A 95 2.55 5.76 26.51
N ILE A 96 3.68 5.14 26.17
CA ILE A 96 4.67 4.79 27.19
C ILE A 96 5.52 6.01 27.60
N ILE A 97 5.62 7.01 26.71
CA ILE A 97 6.44 8.20 26.98
C ILE A 97 6.18 8.79 28.37
N PRO A 98 4.94 9.06 28.79
CA PRO A 98 4.75 9.62 30.15
C PRO A 98 5.26 8.70 31.24
N PHE A 99 5.02 7.40 31.10
CA PHE A 99 5.57 6.43 32.04
C PHE A 99 7.09 6.56 32.11
N ILE A 100 7.74 6.68 30.95
CA ILE A 100 9.20 6.68 30.86
C ILE A 100 9.79 7.95 31.47
N LEU A 101 9.20 9.11 31.16
CA LEU A 101 9.74 10.36 31.68
C LEU A 101 9.61 10.43 33.19
N ASP A 102 8.62 9.75 33.77
CA ASP A 102 8.55 9.66 35.22
C ASP A 102 9.59 8.69 35.78
N GLU A 103 9.90 7.62 35.04
CA GLU A 103 10.91 6.69 35.50
C GLU A 103 12.27 7.36 35.62
N ILE A 104 12.77 7.95 34.54
CA ILE A 104 14.15 8.40 34.50
C ILE A 104 14.28 9.90 34.63
N GLY A 105 13.17 10.61 34.89
CA GLY A 105 13.21 12.06 34.99
C GLY A 105 14.26 12.57 35.95
N ALA A 106 14.39 11.91 37.11
CA ALA A 106 15.41 12.31 38.09
C ALA A 106 16.82 12.05 37.58
N ASP A 107 16.98 11.24 36.53
CA ASP A 107 18.32 10.91 36.07
C ASP A 107 18.80 11.78 34.91
N ILE A 108 17.93 12.60 34.31
CA ILE A 108 18.37 13.50 33.25
C ILE A 108 19.27 14.58 33.86
N GLU A 109 20.43 14.78 33.26
CA GLU A 109 21.35 15.81 33.73
C GLU A 109 21.45 16.93 32.70
N ASP A 110 22.20 17.96 33.10
CA ASP A 110 22.37 19.14 32.25
C ASP A 110 22.92 18.80 30.87
N ARG A 111 23.76 17.76 30.78
CA ARG A 111 24.50 17.43 29.56
C ARG A 111 23.67 16.66 28.55
N HIS A 112 22.49 16.19 28.92
CA HIS A 112 21.73 15.32 28.06
C HIS A 112 21.05 16.11 26.96
N ILE A 113 20.94 15.48 25.80
CA ILE A 113 20.03 15.92 24.75
C ILE A 113 19.02 14.80 24.58
N VAL A 114 17.75 15.11 24.85
CA VAL A 114 16.67 14.12 24.83
C VAL A 114 15.92 14.31 23.53
N VAL A 115 16.09 13.36 22.60
CA VAL A 115 15.42 13.38 21.32
C VAL A 115 14.20 12.47 21.42
N SER A 116 13.02 13.02 21.29
CA SER A 116 11.83 12.18 21.27
C SER A 116 11.46 11.80 19.83
N CYS A 117 11.39 10.50 19.58
CA CYS A 117 11.00 9.92 18.31
C CYS A 117 9.56 9.46 18.26
N ALA A 118 8.78 9.67 19.32
CA ALA A 118 7.43 9.14 19.37
C ALA A 118 6.50 9.94 18.46
N ALA A 119 5.64 9.24 17.71
CA ALA A 119 4.66 9.93 16.88
C ALA A 119 3.70 10.75 17.74
N GLY A 120 3.48 12.01 17.37
CA GLY A 120 2.48 12.85 18.01
C GLY A 120 2.87 13.56 19.30
N VAL A 121 3.89 13.09 20.02
CA VAL A 121 4.16 13.60 21.37
C VAL A 121 4.87 14.94 21.30
N THR A 122 4.30 15.94 21.98
CA THR A 122 4.77 17.30 21.86
C THR A 122 5.96 17.57 22.78
N ILE A 123 6.78 18.53 22.36
CA ILE A 123 7.85 19.03 23.22
C ILE A 123 7.28 19.58 24.51
N SER A 124 6.10 20.20 24.44
CA SER A 124 5.47 20.77 25.62
C SER A 124 5.27 19.72 26.71
N SER A 125 4.67 18.59 26.36
CA SER A 125 4.42 17.54 27.34
C SER A 125 5.72 16.92 27.85
N ILE A 126 6.76 16.86 27.05
CA ILE A 126 7.99 16.22 27.53
C ILE A 126 8.68 17.13 28.54
N GLU A 127 8.81 18.41 28.20
CA GLU A 127 9.42 19.38 29.09
C GLU A 127 8.69 19.46 30.43
N LYS A 128 7.36 19.49 30.41
CA LYS A 128 6.59 19.61 31.65
C LYS A 128 6.92 18.47 32.61
N LYS A 129 6.93 17.23 32.12
CA LYS A 129 7.37 16.11 32.95
C LYS A 129 8.80 16.33 33.46
N LEU A 130 9.75 16.57 32.53
CA LEU A 130 11.17 16.65 32.91
C LEU A 130 11.47 17.89 33.75
N SER A 131 10.79 19.01 33.48
CA SER A 131 11.08 20.23 34.22
C SER A 131 10.77 20.10 35.71
N ALA A 132 9.89 19.18 36.10
CA ALA A 132 9.67 18.93 37.52
C ALA A 132 10.94 18.45 38.23
N PHE A 133 11.95 18.00 37.48
CA PHE A 133 13.21 17.52 38.05
C PHE A 133 14.26 18.58 37.78
N ARG A 134 15.17 18.37 36.83
CA ARG A 134 16.13 19.42 36.51
C ARG A 134 15.44 20.55 35.76
N PRO A 135 15.77 21.81 36.05
CA PRO A 135 14.96 22.90 35.49
C PRO A 135 15.04 23.08 33.97
N ALA A 136 16.11 22.68 33.30
CA ALA A 136 16.34 23.11 31.91
C ALA A 136 16.58 21.95 30.96
N PRO A 137 15.63 21.01 30.85
CA PRO A 137 15.83 19.85 29.97
C PRO A 137 15.98 20.25 28.50
N ARG A 138 17.01 19.71 27.86
CA ARG A 138 17.29 19.97 26.44
C ARG A 138 16.59 18.91 25.61
N VAL A 139 15.46 19.27 25.01
CA VAL A 139 14.58 18.34 24.30
C VAL A 139 14.57 18.69 22.81
N ILE A 140 14.58 17.66 21.98
CA ILE A 140 14.38 17.75 20.54
C ILE A 140 13.30 16.74 20.15
N ARG A 141 12.32 17.19 19.37
CA ARG A 141 11.34 16.27 18.79
C ARG A 141 11.76 15.94 17.37
N CYS A 142 11.74 14.66 17.02
CA CYS A 142 12.10 14.28 15.67
C CYS A 142 11.05 13.32 15.11
N MET A 143 10.95 13.29 13.78
CA MET A 143 10.13 12.32 13.04
C MET A 143 11.00 11.71 11.96
N THR A 144 11.06 10.39 11.92
CA THR A 144 11.96 9.68 11.02
C THR A 144 11.16 8.54 10.41
N ASN A 145 11.85 7.57 9.81
CA ASN A 145 11.20 6.40 9.28
C ASN A 145 12.22 5.28 9.13
N THR A 146 11.70 4.07 8.93
CA THR A 146 12.54 2.89 8.93
C THR A 146 13.63 2.86 7.85
N PRO A 147 13.53 3.55 6.68
CA PRO A 147 14.66 3.52 5.74
C PRO A 147 15.95 4.17 6.24
N VAL A 148 16.00 4.62 7.50
CA VAL A 148 17.29 5.00 8.07
C VAL A 148 18.20 3.80 8.09
N VAL A 149 17.62 2.60 8.20
CA VAL A 149 18.44 1.39 8.28
C VAL A 149 19.24 1.15 7.00
N VAL A 150 18.86 1.75 5.87
CA VAL A 150 19.72 1.75 4.68
C VAL A 150 20.22 3.16 4.37
N ARG A 151 20.20 4.05 5.36
CA ARG A 151 20.70 5.41 5.26
C ARG A 151 19.93 6.27 4.26
N GLU A 152 18.66 5.98 4.05
CA GLU A 152 17.83 6.80 3.18
C GLU A 152 16.58 7.23 3.91
N GLY A 153 16.71 7.55 5.19
CA GLY A 153 15.58 8.02 5.96
C GLY A 153 15.21 9.44 5.59
N ALA A 154 14.02 9.83 6.02
CA ALA A 154 13.56 11.22 5.90
C ALA A 154 13.25 11.69 7.31
N THR A 155 13.96 12.71 7.77
CA THR A 155 13.89 13.15 9.15
C THR A 155 13.58 14.64 9.20
N VAL A 156 12.72 15.03 10.14
CA VAL A 156 12.57 16.43 10.53
C VAL A 156 12.77 16.51 12.03
N TYR A 157 13.14 17.69 12.52
CA TYR A 157 13.25 17.85 13.96
C TYR A 157 12.90 19.27 14.35
N ALA A 158 12.35 19.42 15.55
CA ALA A 158 12.12 20.72 16.17
C ALA A 158 12.88 20.79 17.50
N THR A 159 13.51 21.92 17.76
CA THR A 159 14.22 22.10 19.00
C THR A 159 13.29 22.68 20.05
N GLY A 160 13.46 22.25 21.29
CA GLY A 160 12.64 22.71 22.38
C GLY A 160 13.12 24.03 22.95
N THR A 161 12.59 24.35 24.14
CA THR A 161 12.83 25.64 24.79
C THR A 161 14.29 25.81 25.24
N HIS A 162 14.91 24.75 25.76
CA HIS A 162 16.25 24.87 26.29
C HIS A 162 17.30 24.22 25.39
N ALA A 163 16.90 23.65 24.26
CA ALA A 163 17.88 23.16 23.29
C ALA A 163 18.67 24.32 22.73
N GLN A 164 19.98 24.31 22.94
CA GLN A 164 20.86 25.35 22.40
C GLN A 164 21.07 25.19 20.90
N VAL A 165 21.66 26.23 20.30
CA VAL A 165 21.94 26.22 18.86
C VAL A 165 22.85 25.06 18.51
N GLU A 166 23.84 24.76 19.36
CA GLU A 166 24.73 23.63 19.09
C GLU A 166 23.99 22.30 19.16
N ASP A 167 22.87 22.22 19.88
CA ASP A 167 22.13 20.97 19.98
C ASP A 167 21.43 20.65 18.66
N GLY A 168 20.72 21.62 18.09
CA GLY A 168 20.16 21.44 16.78
C GLY A 168 21.19 21.06 15.73
N ARG A 169 22.35 21.73 15.76
CA ARG A 169 23.39 21.42 14.77
C ARG A 169 23.88 19.99 14.92
N LEU A 170 24.17 19.57 16.16
CA LEU A 170 24.59 18.19 16.41
C LEU A 170 23.53 17.18 15.98
N MET A 171 22.26 17.45 16.24
CA MET A 171 21.21 16.50 15.89
C MET A 171 21.05 16.42 14.38
N GLU A 172 21.13 17.57 13.71
CA GLU A 172 21.12 17.56 12.26
C GLU A 172 22.27 16.72 11.72
N GLN A 173 23.48 16.93 12.24
CA GLN A 173 24.63 16.17 11.74
C GLN A 173 24.42 14.68 11.96
N LEU A 174 24.02 14.27 13.16
CA LEU A 174 23.73 12.87 13.41
C LEU A 174 22.73 12.30 12.39
N LEU A 175 21.58 12.96 12.22
CA LEU A 175 20.55 12.32 11.42
C LEU A 175 20.80 12.47 9.93
N SER A 176 21.59 13.45 9.50
CA SER A 176 21.93 13.52 8.08
C SER A 176 22.80 12.35 7.65
N SER A 177 23.40 11.62 8.58
CA SER A 177 24.20 10.46 8.18
C SER A 177 23.35 9.24 7.82
N VAL A 178 22.05 9.28 8.02
CA VAL A 178 21.19 8.16 7.67
C VAL A 178 20.07 8.60 6.75
N GLY A 179 20.25 9.73 6.09
CA GLY A 179 19.27 10.17 5.11
C GLY A 179 19.13 11.67 5.14
N PHE A 180 17.98 12.14 4.67
CA PHE A 180 17.69 13.56 4.63
C PHE A 180 17.23 14.01 6.01
N CYS A 181 17.65 15.19 6.41
CA CYS A 181 17.24 15.69 7.72
C CYS A 181 17.12 17.20 7.63
N THR A 182 16.05 17.76 8.19
CA THR A 182 15.98 19.21 8.22
C THR A 182 15.17 19.66 9.43
N GLU A 183 15.36 20.91 9.80
CA GLU A 183 14.64 21.48 10.93
C GLU A 183 13.31 22.05 10.48
N VAL A 184 12.27 21.81 11.27
CA VAL A 184 10.94 22.34 10.99
C VAL A 184 10.39 22.99 12.24
N GLU A 185 9.36 23.81 12.06
CA GLU A 185 8.55 24.17 13.20
C GLU A 185 7.79 22.94 13.69
N GLU A 186 7.61 22.85 15.00
CA GLU A 186 6.98 21.67 15.59
C GLU A 186 5.57 21.42 15.07
N ASP A 187 4.82 22.48 14.79
CA ASP A 187 3.45 22.29 14.31
C ASP A 187 3.37 21.59 12.95
N LEU A 188 4.50 21.37 12.27
CA LEU A 188 4.47 20.59 11.04
C LEU A 188 4.62 19.09 11.27
N ILE A 189 5.12 18.64 12.41
CA ILE A 189 5.58 17.26 12.51
C ILE A 189 4.45 16.23 12.44
N ASP A 190 3.22 16.59 12.80
CA ASP A 190 2.12 15.64 12.63
C ASP A 190 1.83 15.40 11.14
N ALA A 191 1.91 16.46 10.34
CA ALA A 191 1.77 16.30 8.90
C ALA A 191 2.91 15.47 8.33
N VAL A 192 4.14 15.73 8.77
CA VAL A 192 5.28 14.94 8.29
C VAL A 192 5.07 13.47 8.60
N THR A 193 4.53 13.17 9.78
CA THR A 193 4.32 11.78 10.18
C THR A 193 3.44 11.05 9.19
N GLY A 194 2.41 11.72 8.68
CA GLY A 194 1.52 11.07 7.73
C GLY A 194 2.10 10.97 6.33
N LEU A 195 3.04 11.84 6.01
CA LEU A 195 3.67 11.82 4.69
C LEU A 195 4.90 10.92 4.69
N SER A 196 5.93 11.26 5.45
CA SER A 196 7.13 10.46 5.34
C SER A 196 7.27 9.43 6.45
N GLY A 197 6.60 9.60 7.58
CA GLY A 197 6.67 8.58 8.62
C GLY A 197 5.92 7.33 8.23
N SER A 198 4.65 7.47 7.86
CA SER A 198 3.87 6.38 7.30
C SER A 198 4.25 6.07 5.85
N GLY A 199 4.84 7.02 5.13
CA GLY A 199 5.18 6.90 3.73
C GLY A 199 5.76 5.58 3.22
N PRO A 200 6.76 5.02 3.90
CA PRO A 200 7.29 3.72 3.43
C PRO A 200 6.22 2.63 3.34
N ALA A 201 5.22 2.63 4.22
CA ALA A 201 4.18 1.62 4.14
C ALA A 201 3.31 1.76 2.90
N TYR A 202 2.99 2.99 2.49
CA TYR A 202 2.32 3.19 1.22
C TYR A 202 3.16 2.62 0.07
N ALA A 203 4.47 2.82 0.12
CA ALA A 203 5.35 2.32 -0.92
C ALA A 203 5.40 0.78 -0.94
N PHE A 204 5.36 0.15 0.24
CA PHE A 204 5.38 -1.30 0.25
C PHE A 204 4.07 -1.87 -0.28
N THR A 205 2.94 -1.22 0.02
CA THR A 205 1.66 -1.66 -0.55
C THR A 205 1.66 -1.51 -2.07
N ALA A 206 2.17 -0.39 -2.56
CA ALA A 206 2.23 -0.13 -4.00
C ALA A 206 3.14 -1.11 -4.70
N LEU A 207 4.30 -1.40 -4.09
CA LEU A 207 5.24 -2.34 -4.70
C LEU A 207 4.66 -3.74 -4.75
N ASP A 208 3.92 -4.14 -3.71
CA ASP A 208 3.35 -5.48 -3.73
C ASP A 208 2.29 -5.59 -4.81
N ALA A 209 1.48 -4.55 -4.98
CA ALA A 209 0.46 -4.54 -6.02
C ALA A 209 1.06 -4.42 -7.42
N LEU A 210 2.12 -3.61 -7.57
CA LEU A 210 2.78 -3.49 -8.87
C LEU A 210 3.37 -4.82 -9.32
N ALA A 211 3.91 -5.58 -8.37
CA ALA A 211 4.39 -6.93 -8.65
C ALA A 211 3.26 -7.87 -9.05
N ASP A 212 2.12 -7.80 -8.34
CA ASP A 212 0.93 -8.57 -8.74
C ASP A 212 0.54 -8.28 -10.20
N GLY A 213 0.57 -7.01 -10.60
CA GLY A 213 0.28 -6.68 -12.00
C GLY A 213 1.31 -7.25 -12.95
N GLY A 214 2.59 -7.17 -12.58
CA GLY A 214 3.63 -7.83 -13.36
C GLY A 214 3.40 -9.31 -13.50
N VAL A 215 3.02 -9.98 -12.40
CA VAL A 215 2.76 -11.42 -12.46
C VAL A 215 1.50 -11.69 -13.27
N LYS A 216 0.49 -10.83 -13.16
CA LYS A 216 -0.70 -11.03 -13.98
C LYS A 216 -0.35 -11.01 -15.46
N MET A 217 0.58 -10.15 -15.88
CA MET A 217 0.94 -10.01 -17.28
C MET A 217 2.03 -10.97 -17.74
N GLY A 218 2.50 -11.88 -16.87
CA GLY A 218 3.42 -12.92 -17.27
C GLY A 218 4.81 -12.89 -16.63
N LEU A 219 5.16 -11.90 -15.80
CA LEU A 219 6.51 -11.90 -15.22
C LEU A 219 6.62 -12.83 -14.00
N PRO A 220 7.77 -13.48 -13.80
CA PRO A 220 8.02 -14.15 -12.52
C PRO A 220 7.98 -13.16 -11.36
N ARG A 221 7.47 -13.63 -10.22
CA ARG A 221 7.32 -12.76 -9.06
CA ARG A 221 7.33 -12.79 -9.04
C ARG A 221 8.65 -12.09 -8.68
N ARG A 222 9.74 -12.87 -8.64
CA ARG A 222 11.03 -12.29 -8.25
C ARG A 222 11.41 -11.14 -9.19
N LEU A 223 11.35 -11.38 -10.50
CA LEU A 223 11.71 -10.32 -11.44
C LEU A 223 10.75 -9.13 -11.34
N ALA A 224 9.46 -9.39 -11.12
CA ALA A 224 8.52 -8.29 -11.06
C ALA A 224 8.70 -7.46 -9.78
N VAL A 225 9.03 -8.12 -8.65
CA VAL A 225 9.34 -7.37 -7.43
C VAL A 225 10.57 -6.49 -7.65
N ARG A 226 11.61 -7.08 -8.24
CA ARG A 226 12.86 -6.37 -8.53
C ARG A 226 12.65 -5.16 -9.44
N LEU A 227 11.88 -5.33 -10.53
CA LEU A 227 11.74 -4.24 -11.50
C LEU A 227 10.83 -3.15 -10.99
N GLY A 228 9.80 -3.49 -10.23
CA GLY A 228 8.97 -2.45 -9.63
C GLY A 228 9.73 -1.61 -8.63
N ALA A 229 10.52 -2.24 -7.75
CA ALA A 229 11.27 -1.48 -6.77
C ALA A 229 12.30 -0.60 -7.42
N GLN A 230 13.00 -1.14 -8.43
CA GLN A 230 13.98 -0.33 -9.15
C GLN A 230 13.33 0.86 -9.85
N ALA A 231 12.08 0.72 -10.31
CA ALA A 231 11.40 1.81 -10.99
C ALA A 231 11.04 2.92 -10.03
N LEU A 232 10.48 2.56 -8.86
CA LEU A 232 10.15 3.56 -7.85
C LEU A 232 11.42 4.24 -7.33
N LEU A 233 12.51 3.49 -7.20
CA LEU A 233 13.76 4.07 -6.73
C LEU A 233 14.31 5.07 -7.74
N GLY A 234 14.34 4.70 -9.02
CA GLY A 234 14.87 5.59 -10.03
C GLY A 234 13.99 6.81 -10.21
N ALA A 235 12.67 6.64 -10.15
CA ALA A 235 11.78 7.78 -10.31
C ALA A 235 11.95 8.78 -9.17
N ALA A 236 11.99 8.29 -7.94
CA ALA A 236 12.17 9.17 -6.79
C ALA A 236 13.49 9.91 -6.86
N LYS A 237 14.58 9.18 -7.18
CA LYS A 237 15.87 9.85 -7.31
C LYS A 237 15.85 10.87 -8.43
N MET A 238 15.24 10.52 -9.55
CA MET A 238 15.09 11.46 -10.65
C MET A 238 14.43 12.74 -10.18
N LEU A 239 13.33 12.61 -9.43
CA LEU A 239 12.65 13.76 -8.87
C LEU A 239 13.57 14.55 -7.93
N LEU A 240 14.22 13.86 -6.99
CA LEU A 240 15.08 14.56 -6.03
C LEU A 240 16.25 15.27 -6.70
N HIS A 241 16.73 14.76 -7.85
CA HIS A 241 17.81 15.41 -8.59
C HIS A 241 17.31 16.37 -9.68
N SER A 242 16.00 16.57 -9.78
CA SER A 242 15.41 17.38 -10.85
C SER A 242 14.97 18.75 -10.34
N GLU A 243 14.99 19.72 -11.24
CA GLU A 243 14.41 21.03 -10.94
C GLU A 243 12.90 21.04 -11.18
N GLN A 244 12.32 19.95 -11.61
CA GLN A 244 11.07 19.99 -12.36
C GLN A 244 9.89 19.50 -11.53
N HIS A 245 8.73 20.01 -11.90
CA HIS A 245 7.51 19.57 -11.28
C HIS A 245 7.30 18.09 -11.60
N PRO A 246 6.74 17.31 -10.68
CA PRO A 246 6.46 15.89 -11.01
C PRO A 246 5.52 15.72 -12.20
N GLY A 247 4.66 16.71 -12.49
CA GLY A 247 3.83 16.63 -13.68
C GLY A 247 4.64 16.65 -14.96
N GLN A 248 5.67 17.51 -14.99
CA GLN A 248 6.55 17.59 -16.14
C GLN A 248 7.31 16.31 -16.37
N LEU A 249 7.84 15.70 -15.31
CA LEU A 249 8.52 14.43 -15.48
C LEU A 249 7.56 13.39 -16.04
N LYS A 250 6.34 13.37 -15.50
CA LYS A 250 5.28 12.49 -16.00
C LYS A 250 5.04 12.70 -17.50
N ASP A 251 4.89 13.97 -17.92
CA ASP A 251 4.78 14.29 -19.34
C ASP A 251 5.90 13.66 -20.14
N ASN A 252 7.14 13.79 -19.64
CA ASN A 252 8.31 13.28 -20.37
C ASN A 252 8.24 11.79 -20.64
N VAL A 253 7.59 11.03 -19.75
CA VAL A 253 7.54 9.57 -19.93
C VAL A 253 6.45 9.13 -20.91
N SER A 254 5.34 9.87 -21.04
CA SER A 254 4.19 9.37 -21.82
C SER A 254 4.19 9.99 -23.22
N SER A 255 4.44 9.15 -24.23
CA SER A 255 4.32 9.54 -25.62
C SER A 255 2.86 9.47 -26.10
N PRO A 256 2.50 10.31 -27.06
CA PRO A 256 1.13 10.30 -27.60
C PRO A 256 0.62 8.90 -27.98
N GLY A 257 -0.60 8.60 -27.54
CA GLY A 257 -1.24 7.32 -27.85
C GLY A 257 -0.62 6.13 -27.16
N GLY A 258 0.43 6.32 -26.38
CA GLY A 258 1.27 5.23 -25.96
C GLY A 258 0.75 4.46 -24.76
N ALA A 259 1.58 3.50 -24.36
CA ALA A 259 1.21 2.58 -23.29
C ALA A 259 1.11 3.30 -21.94
N THR A 260 2.04 4.21 -21.66
CA THR A 260 2.03 4.87 -20.37
C THR A 260 0.78 5.74 -20.20
N ILE A 261 0.48 6.61 -21.18
CA ILE A 261 -0.69 7.46 -21.03
C ILE A 261 -1.98 6.65 -20.87
N HIS A 262 -2.08 5.47 -21.50
CA HIS A 262 -3.24 4.60 -21.26
C HIS A 262 -3.26 4.11 -19.80
N ALA A 263 -2.09 3.78 -19.22
CA ALA A 263 -2.09 3.33 -17.85
C ALA A 263 -2.43 4.48 -16.90
N LEU A 264 -2.02 5.70 -17.22
CA LEU A 264 -2.32 6.81 -16.32
C LEU A 264 -3.81 7.12 -16.33
N HIS A 265 -4.50 6.79 -17.41
CA HIS A 265 -5.93 6.99 -17.42
C HIS A 265 -6.63 6.04 -16.45
N VAL A 266 -6.17 4.78 -16.37
CA VAL A 266 -6.90 3.89 -15.47
C VAL A 266 -6.59 4.22 -14.02
N LEU A 267 -5.40 4.74 -13.71
CA LEU A 267 -5.17 5.30 -12.37
C LEU A 267 -6.11 6.47 -12.09
N GLU A 268 -6.19 7.43 -13.04
CA GLU A 268 -7.07 8.59 -12.82
C GLU A 268 -8.51 8.17 -12.60
N SER A 269 -8.98 7.14 -13.34
CA SER A 269 -10.38 6.73 -13.22
C SER A 269 -10.70 6.07 -11.89
N GLY A 270 -9.71 5.48 -11.23
CA GLY A 270 -9.96 5.01 -9.87
C GLY A 270 -9.76 6.04 -8.77
N GLY A 271 -9.47 7.30 -9.10
CA GLY A 271 -9.23 8.27 -8.03
C GLY A 271 -7.93 8.02 -7.28
N PHE A 272 -6.93 7.48 -7.99
CA PHE A 272 -5.65 7.10 -7.40
C PHE A 272 -5.06 8.23 -6.56
N ARG A 273 -5.02 9.44 -7.11
CA ARG A 273 -4.46 10.57 -6.39
C ARG A 273 -5.18 10.82 -5.08
N SER A 274 -6.52 10.72 -5.08
CA SER A 274 -7.27 11.01 -3.86
C SER A 274 -7.04 9.96 -2.77
N LEU A 275 -6.79 8.70 -3.14
CA LEU A 275 -6.45 7.71 -2.12
C LEU A 275 -5.19 8.10 -1.37
N LEU A 276 -4.16 8.58 -2.09
CA LEU A 276 -2.91 8.96 -1.44
C LEU A 276 -3.10 10.20 -0.57
N ILE A 277 -3.89 11.17 -1.03
CA ILE A 277 -4.24 12.29 -0.17
C ILE A 277 -5.03 11.81 1.04
N ASN A 278 -5.99 10.89 0.83
CA ASN A 278 -6.75 10.35 1.95
C ASN A 278 -5.83 9.71 2.96
N ALA A 279 -4.81 8.98 2.49
CA ALA A 279 -3.93 8.25 3.39
C ALA A 279 -3.12 9.22 4.24
N VAL A 280 -2.47 10.21 3.62
CA VAL A 280 -1.70 11.18 4.37
C VAL A 280 -2.57 11.83 5.43
N GLU A 281 -3.76 12.30 5.02
CA GLU A 281 -4.70 12.96 5.92
C GLU A 281 -5.14 12.03 7.04
N ALA A 282 -5.48 10.76 6.71
CA ALA A 282 -5.86 9.80 7.75
C ALA A 282 -4.71 9.56 8.73
N SER A 283 -3.48 9.46 8.24
CA SER A 283 -2.35 9.25 9.15
C SER A 283 -2.15 10.47 10.06
N CYS A 284 -2.15 11.66 9.48
CA CYS A 284 -2.00 12.88 10.27
C CYS A 284 -3.13 13.04 11.28
N ILE A 285 -4.37 12.77 10.88
CA ILE A 285 -5.48 12.88 11.82
C ILE A 285 -5.29 11.93 12.99
N ARG A 286 -4.93 10.68 12.70
CA ARG A 286 -4.76 9.71 13.76
C ARG A 286 -3.65 10.15 14.72
N THR A 287 -2.57 10.71 14.18
CA THR A 287 -1.50 11.22 15.03
C THR A 287 -2.02 12.28 15.98
N ARG A 288 -2.81 13.24 15.47
CA ARG A 288 -3.36 14.27 16.34
C ARG A 288 -4.36 13.68 17.32
N GLU A 289 -5.19 12.75 16.87
CA GLU A 289 -6.21 12.16 17.74
C GLU A 289 -5.56 11.48 18.95
N LEU A 290 -4.48 10.73 18.72
CA LEU A 290 -3.86 10.03 19.84
C LEU A 290 -3.23 10.99 20.84
N GLN A 291 -2.73 12.13 20.36
CA GLN A 291 -2.13 13.12 21.27
C GLN A 291 -3.20 13.89 22.03
N SER A 292 -4.40 14.03 21.46
CA SER A 292 -5.53 14.54 22.22
C SER A 292 -5.91 13.59 23.36
N MET A 293 -5.89 12.28 23.11
CA MET A 293 -6.17 11.31 24.16
C MET A 293 -5.09 11.33 25.24
N ALA A 294 -3.82 11.40 24.84
CA ALA A 294 -2.74 11.54 25.80
C ALA A 294 -2.87 12.85 26.58
N ASP A 295 -3.17 13.95 25.89
CA ASP A 295 -3.29 15.27 26.53
C ASP A 295 -4.53 15.40 27.41
N GLN A 296 -5.48 14.46 27.33
CA GLN A 296 -6.56 14.38 28.30
C GLN A 296 -6.17 13.52 29.51
N GLU A 297 -5.65 12.33 29.26
CA GLU A 297 -5.27 11.39 30.33
C GLU A 297 -4.24 11.99 31.30
N LEU B 18 36.24 0.49 -15.37
CA LEU B 18 35.58 0.05 -16.60
C LEU B 18 35.54 1.16 -17.66
N TYR B 19 36.15 0.91 -18.82
CA TYR B 19 36.07 1.86 -19.93
C TYR B 19 36.44 1.09 -21.20
N PHE B 20 35.48 0.99 -22.14
CA PHE B 20 35.71 0.37 -23.44
C PHE B 20 36.17 1.46 -24.41
N GLN B 21 37.49 1.53 -24.62
CA GLN B 21 38.10 2.53 -25.48
C GLN B 21 37.44 2.59 -26.85
N SER B 22 37.74 1.61 -27.71
CA SER B 22 37.30 1.65 -29.10
C SER B 22 35.85 1.20 -29.28
N MET B 23 34.92 1.76 -28.50
CA MET B 23 33.48 1.51 -28.70
C MET B 23 32.80 2.81 -29.07
N SER B 24 32.40 2.92 -30.34
CA SER B 24 31.64 4.07 -30.81
C SER B 24 30.15 3.79 -30.65
N VAL B 25 29.44 4.69 -30.00
CA VAL B 25 28.01 4.56 -29.74
C VAL B 25 27.27 5.59 -30.58
N GLY B 26 26.12 5.20 -31.14
CA GLY B 26 25.28 6.10 -31.88
C GLY B 26 23.82 5.95 -31.51
N PHE B 27 23.10 7.07 -31.58
CA PHE B 27 21.66 7.11 -31.29
C PHE B 27 20.91 7.62 -32.51
N ILE B 28 19.96 6.81 -33.02
CA ILE B 28 18.94 7.31 -33.94
C ILE B 28 17.82 7.93 -33.10
N GLY B 29 17.60 9.23 -33.26
CA GLY B 29 16.66 9.94 -32.41
C GLY B 29 17.38 10.63 -31.26
N ALA B 30 17.11 11.90 -31.03
CA ALA B 30 17.90 12.63 -30.04
C ALA B 30 17.03 13.21 -28.94
N GLY B 31 16.11 12.41 -28.40
CA GLY B 31 15.12 12.94 -27.48
C GLY B 31 15.27 12.41 -26.07
N GLN B 32 14.14 12.30 -25.37
CA GLN B 32 14.14 11.96 -23.94
C GLN B 32 15.03 10.76 -23.63
N LEU B 33 14.84 9.63 -24.34
CA LEU B 33 15.59 8.43 -24.04
C LEU B 33 17.06 8.55 -24.45
N ALA B 34 17.32 9.10 -25.64
CA ALA B 34 18.70 9.27 -26.07
C ALA B 34 19.46 10.17 -25.10
N PHE B 35 18.83 11.27 -24.67
CA PHE B 35 19.48 12.12 -23.67
C PHE B 35 19.72 11.35 -22.38
N ALA B 36 18.70 10.65 -21.87
CA ALA B 36 18.84 9.92 -20.61
C ALA B 36 19.93 8.85 -20.71
N LEU B 37 19.97 8.11 -21.80
CA LEU B 37 21.02 7.09 -21.92
C LEU B 37 22.40 7.74 -22.01
N ALA B 38 22.53 8.80 -22.80
CA ALA B 38 23.83 9.45 -22.98
C ALA B 38 24.32 10.09 -21.68
N LYS B 39 23.41 10.65 -20.89
CA LYS B 39 23.81 11.29 -19.63
C LYS B 39 24.23 10.26 -18.61
N GLY B 40 23.49 9.16 -18.51
CA GLY B 40 23.92 8.05 -17.66
C GLY B 40 25.26 7.50 -18.10
N PHE B 41 25.42 7.22 -19.39
CA PHE B 41 26.64 6.60 -19.90
C PHE B 41 27.86 7.48 -19.66
N THR B 42 27.70 8.79 -19.84
CA THR B 42 28.85 9.67 -19.58
C THR B 42 29.09 9.84 -18.09
N ALA B 43 28.02 10.01 -17.29
CA ALA B 43 28.20 10.09 -15.85
C ALA B 43 28.88 8.83 -15.31
N ALA B 44 28.45 7.66 -15.77
CA ALA B 44 29.13 6.43 -15.38
C ALA B 44 30.61 6.45 -15.77
N GLY B 45 30.99 7.27 -16.75
CA GLY B 45 32.37 7.35 -17.20
C GLY B 45 32.79 6.26 -18.16
N VAL B 46 31.87 5.40 -18.59
CA VAL B 46 32.24 4.31 -19.49
C VAL B 46 32.27 4.76 -20.95
N LEU B 47 31.64 5.89 -21.26
CA LEU B 47 31.69 6.48 -22.60
C LEU B 47 32.00 7.97 -22.46
N ALA B 48 33.07 8.41 -23.09
CA ALA B 48 33.25 9.85 -23.29
C ALA B 48 32.19 10.36 -24.26
N ALA B 49 31.70 11.58 -23.98
CA ALA B 49 30.61 12.13 -24.78
C ALA B 49 30.99 12.24 -26.26
N HIS B 50 32.25 12.56 -26.57
CA HIS B 50 32.61 12.81 -27.96
C HIS B 50 32.68 11.54 -28.78
N LYS B 51 32.77 10.38 -28.14
CA LYS B 51 32.63 9.10 -28.82
C LYS B 51 31.16 8.66 -28.94
N ILE B 52 30.21 9.59 -28.73
CA ILE B 52 28.77 9.35 -28.89
C ILE B 52 28.23 10.29 -29.97
N MET B 53 27.38 9.74 -30.86
CA MET B 53 26.71 10.53 -31.89
C MET B 53 25.20 10.30 -31.86
N ALA B 54 24.44 11.38 -31.98
CA ALA B 54 22.98 11.34 -32.07
C ALA B 54 22.51 12.02 -33.36
N SER B 55 21.34 11.61 -33.85
CA SER B 55 20.75 12.21 -35.04
C SER B 55 19.25 12.37 -34.86
N SER B 56 18.72 13.46 -35.43
CA SER B 56 17.30 13.81 -35.40
C SER B 56 17.02 14.79 -36.54
N PRO B 57 15.75 14.88 -37.02
CA PRO B 57 15.41 15.93 -37.99
C PRO B 57 15.12 17.26 -37.33
N ASP B 58 14.62 17.25 -36.09
CA ASP B 58 14.31 18.47 -35.35
C ASP B 58 15.56 18.89 -34.57
N MET B 59 16.50 19.50 -35.30
CA MET B 59 17.76 19.99 -34.73
C MET B 59 17.53 21.19 -33.81
N ASP B 60 16.28 21.63 -33.69
CA ASP B 60 15.90 22.68 -32.75
C ASP B 60 15.01 22.11 -31.64
N LEU B 61 15.31 20.90 -31.18
CA LEU B 61 14.62 20.30 -30.06
C LEU B 61 15.34 20.64 -28.75
N ALA B 62 14.63 20.47 -27.64
CA ALA B 62 15.17 20.82 -26.33
C ALA B 62 16.20 19.81 -25.84
N THR B 63 16.00 18.54 -26.16
CA THR B 63 16.96 17.51 -25.79
C THR B 63 18.19 17.56 -26.68
N VAL B 64 18.05 18.06 -27.92
CA VAL B 64 19.21 18.26 -28.78
C VAL B 64 20.12 19.35 -28.21
N SER B 65 19.54 20.42 -27.66
CA SER B 65 20.34 21.40 -26.96
C SER B 65 21.12 20.75 -25.83
N ALA B 66 20.45 19.89 -25.05
CA ALA B 66 21.06 19.27 -23.88
C ALA B 66 22.26 18.41 -24.26
N LEU B 67 22.10 17.55 -25.27
CA LEU B 67 23.17 16.62 -25.63
C LEU B 67 24.40 17.34 -26.18
N ARG B 68 24.21 18.47 -26.86
CA ARG B 68 25.37 19.20 -27.35
C ARG B 68 26.15 19.86 -26.21
N LYS B 69 25.45 20.26 -25.14
CA LYS B 69 26.16 20.79 -23.98
C LYS B 69 27.03 19.71 -23.31
N MET B 70 26.63 18.44 -23.43
CA MET B 70 27.48 17.34 -23.00
C MET B 70 28.67 17.12 -23.92
N GLY B 71 28.67 17.70 -25.12
CA GLY B 71 29.70 17.39 -26.10
C GLY B 71 29.38 16.24 -27.03
N VAL B 72 28.18 15.66 -26.92
CA VAL B 72 27.78 14.60 -27.84
C VAL B 72 27.71 15.14 -29.25
N LYS B 73 28.31 14.41 -30.20
CA LYS B 73 28.33 14.84 -31.59
C LYS B 73 26.93 14.70 -32.20
N LEU B 74 26.36 15.82 -32.64
CA LEU B 74 25.01 15.81 -33.19
C LEU B 74 25.07 15.93 -34.71
N THR B 75 24.07 15.39 -35.39
CA THR B 75 24.00 15.46 -36.85
C THR B 75 22.57 15.22 -37.28
N PRO B 76 22.11 15.83 -38.37
CA PRO B 76 20.75 15.55 -38.85
C PRO B 76 20.63 14.29 -39.68
N HIS B 77 21.74 13.68 -40.08
CA HIS B 77 21.70 12.60 -41.05
C HIS B 77 21.92 11.28 -40.33
N ASN B 78 20.91 10.40 -40.41
CA ASN B 78 21.01 9.08 -39.79
C ASN B 78 22.16 8.29 -40.39
N LYS B 79 22.47 8.51 -41.67
CA LYS B 79 23.58 7.80 -42.28
C LYS B 79 24.89 8.14 -41.60
N GLU B 80 25.08 9.41 -41.22
CA GLU B 80 26.29 9.80 -40.52
C GLU B 80 26.40 9.10 -39.17
N THR B 81 25.27 8.88 -38.50
CA THR B 81 25.29 8.16 -37.23
C THR B 81 25.70 6.70 -37.43
N VAL B 82 25.06 6.01 -38.37
CA VAL B 82 25.35 4.59 -38.59
C VAL B 82 26.81 4.39 -38.96
N GLN B 83 27.35 5.29 -39.79
CA GLN B 83 28.74 5.16 -40.22
C GLN B 83 29.73 5.47 -39.09
N HIS B 84 29.34 6.30 -38.13
CA HIS B 84 30.20 6.57 -36.98
C HIS B 84 30.21 5.43 -35.98
N SER B 85 29.13 4.67 -35.90
CA SER B 85 28.83 3.90 -34.70
C SER B 85 29.19 2.43 -34.86
N ASP B 86 29.47 1.78 -33.71
CA ASP B 86 29.54 0.34 -33.57
C ASP B 86 28.28 -0.23 -32.92
N VAL B 87 27.84 0.37 -31.82
CA VAL B 87 26.55 0.07 -31.20
C VAL B 87 25.59 1.21 -31.55
N LEU B 88 24.42 0.87 -32.07
CA LEU B 88 23.49 1.84 -32.61
C LEU B 88 22.16 1.70 -31.89
N PHE B 89 21.79 2.71 -31.10
CA PHE B 89 20.52 2.72 -30.38
C PHE B 89 19.43 3.30 -31.27
N LEU B 90 18.34 2.56 -31.43
CA LEU B 90 17.14 3.07 -32.08
C LEU B 90 16.29 3.70 -30.98
N ALA B 91 16.30 5.03 -30.91
CA ALA B 91 15.56 5.72 -29.86
C ALA B 91 14.53 6.63 -30.52
N VAL B 92 13.77 6.09 -31.46
CA VAL B 92 12.65 6.80 -32.08
C VAL B 92 11.34 6.16 -31.63
N LYS B 93 10.25 6.88 -31.85
CA LYS B 93 8.90 6.37 -31.65
C LYS B 93 8.75 5.03 -32.38
N PRO B 94 7.93 4.12 -31.85
CA PRO B 94 7.83 2.77 -32.47
C PRO B 94 7.35 2.78 -33.92
N HIS B 95 6.42 3.68 -34.28
CA HIS B 95 5.98 3.72 -35.69
C HIS B 95 7.07 4.26 -36.62
N ILE B 96 8.11 4.92 -36.08
CA ILE B 96 9.22 5.42 -36.89
C ILE B 96 10.23 4.32 -37.21
N ILE B 97 10.26 3.24 -36.41
CA ILE B 97 11.27 2.20 -36.62
C ILE B 97 11.23 1.63 -38.03
N PRO B 98 10.08 1.28 -38.62
CA PRO B 98 10.10 0.83 -40.03
C PRO B 98 10.79 1.79 -40.97
N PHE B 99 10.44 3.07 -40.94
CA PHE B 99 11.04 4.03 -41.87
C PHE B 99 12.55 4.15 -41.65
N ILE B 100 12.97 4.20 -40.40
CA ILE B 100 14.39 4.27 -40.06
C ILE B 100 15.13 3.09 -40.67
N LEU B 101 14.61 1.87 -40.45
CA LEU B 101 15.32 0.69 -40.92
C LEU B 101 15.37 0.62 -42.45
N ASP B 102 14.40 1.22 -43.13
CA ASP B 102 14.46 1.30 -44.58
C ASP B 102 15.48 2.33 -45.04
N GLU B 103 15.70 3.39 -44.25
CA GLU B 103 16.67 4.41 -44.65
C GLU B 103 18.10 3.95 -44.45
N ILE B 104 18.39 3.23 -43.36
CA ILE B 104 19.76 2.92 -42.98
C ILE B 104 20.14 1.48 -43.25
N GLY B 105 19.20 0.63 -43.66
CA GLY B 105 19.48 -0.79 -43.74
C GLY B 105 20.61 -1.15 -44.70
N ALA B 106 20.72 -0.42 -45.81
CA ALA B 106 21.81 -0.68 -46.73
C ALA B 106 23.15 -0.17 -46.21
N ASP B 107 23.15 0.71 -45.19
CA ASP B 107 24.37 1.19 -44.54
C ASP B 107 24.81 0.31 -43.38
N ILE B 108 23.99 -0.66 -42.97
CA ILE B 108 24.36 -1.57 -41.88
C ILE B 108 25.54 -2.43 -42.34
N GLU B 109 26.54 -2.57 -41.46
CA GLU B 109 27.70 -3.42 -41.69
C GLU B 109 27.69 -4.59 -40.71
N ASP B 110 28.60 -5.53 -40.97
CA ASP B 110 28.72 -6.69 -40.10
C ASP B 110 29.15 -6.31 -38.68
N ARG B 111 29.74 -5.13 -38.50
CA ARG B 111 30.28 -4.73 -37.21
C ARG B 111 29.21 -4.18 -36.28
N HIS B 112 28.05 -3.78 -36.80
CA HIS B 112 27.04 -3.12 -36.00
C HIS B 112 26.31 -4.11 -35.09
N ILE B 113 26.07 -3.67 -33.86
CA ILE B 113 25.03 -4.22 -32.98
C ILE B 113 23.91 -3.20 -32.91
N VAL B 114 22.74 -3.57 -33.40
CA VAL B 114 21.57 -2.69 -33.39
C VAL B 114 20.75 -2.98 -32.13
N VAL B 115 20.66 -2.01 -31.23
CA VAL B 115 19.85 -2.11 -30.04
C VAL B 115 18.59 -1.27 -30.26
N SER B 116 17.43 -1.93 -30.33
CA SER B 116 16.16 -1.24 -30.40
C SER B 116 15.60 -1.00 -29.00
N CYS B 117 15.26 0.27 -28.73
CA CYS B 117 14.63 0.71 -27.49
C CYS B 117 13.12 0.88 -27.62
N ALA B 118 12.58 0.74 -28.83
CA ALA B 118 11.18 1.08 -29.07
C ALA B 118 10.25 0.18 -28.28
N ALA B 119 9.18 0.78 -27.73
CA ALA B 119 8.18 -0.02 -27.03
C ALA B 119 7.50 -0.98 -28.00
N GLY B 120 7.45 -2.26 -27.63
CA GLY B 120 6.67 -3.25 -28.35
C GLY B 120 7.23 -3.77 -29.67
N VAL B 121 8.18 -3.07 -30.29
CA VAL B 121 8.64 -3.47 -31.62
C VAL B 121 9.51 -4.72 -31.51
N THR B 122 9.11 -5.80 -32.17
CA THR B 122 9.74 -7.08 -31.95
C THR B 122 11.04 -7.23 -32.74
N ILE B 123 11.90 -8.13 -32.23
CA ILE B 123 13.13 -8.48 -32.93
C ILE B 123 12.81 -9.01 -34.33
N SER B 124 11.78 -9.85 -34.43
CA SER B 124 11.42 -10.42 -35.72
C SER B 124 11.19 -9.32 -36.77
N SER B 125 10.40 -8.30 -36.41
CA SER B 125 10.13 -7.23 -37.37
C SER B 125 11.40 -6.48 -37.78
N ILE B 126 12.31 -6.26 -36.82
CA ILE B 126 13.55 -5.54 -37.11
C ILE B 126 14.46 -6.37 -38.01
N GLU B 127 14.53 -7.67 -37.79
CA GLU B 127 15.42 -8.48 -38.60
C GLU B 127 14.87 -8.65 -40.01
N LYS B 128 13.54 -8.77 -40.16
CA LYS B 128 12.98 -8.94 -41.49
C LYS B 128 13.25 -7.72 -42.37
N LYS B 129 13.16 -6.52 -41.80
CA LYS B 129 13.47 -5.29 -42.52
C LYS B 129 14.95 -5.23 -42.87
N LEU B 130 15.82 -5.45 -41.90
CA LEU B 130 17.26 -5.33 -42.11
C LEU B 130 17.83 -6.46 -42.99
N SER B 131 17.29 -7.68 -42.89
CA SER B 131 17.85 -8.79 -43.67
C SER B 131 17.55 -8.67 -45.15
N ALA B 132 16.54 -7.88 -45.53
CA ALA B 132 16.37 -7.54 -46.94
C ALA B 132 17.62 -6.90 -47.54
N PHE B 133 18.51 -6.35 -46.70
CA PHE B 133 19.69 -5.62 -47.16
C PHE B 133 20.99 -6.39 -46.99
N ARG B 134 21.22 -7.03 -45.84
CA ARG B 134 22.42 -7.85 -45.66
C ARG B 134 21.99 -8.97 -44.72
N PRO B 135 22.36 -10.21 -44.99
CA PRO B 135 21.98 -11.30 -44.08
C PRO B 135 22.59 -11.09 -42.70
N ALA B 136 21.96 -11.74 -41.72
CA ALA B 136 22.46 -11.91 -40.37
C ALA B 136 22.70 -10.61 -39.59
N PRO B 137 21.77 -9.64 -39.59
CA PRO B 137 21.96 -8.47 -38.73
C PRO B 137 21.93 -8.84 -37.24
N ARG B 138 22.71 -8.10 -36.45
CA ARG B 138 22.89 -8.39 -35.03
C ARG B 138 21.98 -7.45 -34.23
N VAL B 139 20.87 -7.98 -33.75
CA VAL B 139 19.83 -7.17 -33.12
C VAL B 139 19.65 -7.59 -31.68
N ILE B 140 19.55 -6.59 -30.80
CA ILE B 140 19.17 -6.78 -29.40
C ILE B 140 17.99 -5.86 -29.14
N ARG B 141 16.95 -6.38 -28.48
CA ARG B 141 15.83 -5.57 -28.04
C ARG B 141 15.95 -5.28 -26.55
N CYS B 142 15.83 -4.02 -26.17
CA CYS B 142 15.88 -3.69 -24.76
C CYS B 142 14.69 -2.82 -24.37
N MET B 143 14.23 -2.98 -23.14
CA MET B 143 13.31 -2.06 -22.50
C MET B 143 14.03 -1.42 -21.33
N THR B 144 13.99 -0.09 -21.27
CA THR B 144 14.64 0.65 -20.21
C THR B 144 13.66 1.72 -19.75
N ASN B 145 14.12 2.64 -18.90
CA ASN B 145 13.29 3.74 -18.45
C ASN B 145 14.17 4.96 -18.24
N THR B 146 13.51 6.12 -18.09
CA THR B 146 14.26 7.37 -18.02
C THR B 146 15.23 7.46 -16.83
N PRO B 147 14.97 6.84 -15.64
CA PRO B 147 15.94 6.91 -14.54
C PRO B 147 17.37 6.47 -14.84
N VAL B 148 17.66 5.92 -16.03
CA VAL B 148 19.07 5.76 -16.39
C VAL B 148 19.79 7.10 -16.33
N VAL B 149 19.05 8.21 -16.46
CA VAL B 149 19.67 9.53 -16.42
C VAL B 149 20.33 9.81 -15.07
N VAL B 150 19.89 9.16 -13.99
CA VAL B 150 20.55 9.22 -12.69
C VAL B 150 21.19 7.89 -12.34
N ARG B 151 21.35 7.01 -13.32
CA ARG B 151 21.99 5.71 -13.15
C ARG B 151 21.19 4.78 -12.24
N GLU B 152 19.87 4.93 -12.16
CA GLU B 152 19.01 4.00 -11.46
C GLU B 152 17.96 3.42 -12.37
N GLY B 153 18.31 3.18 -13.64
CA GLY B 153 17.35 2.62 -14.57
C GLY B 153 17.01 1.18 -14.24
N ALA B 154 15.91 0.72 -14.83
CA ALA B 154 15.55 -0.70 -14.83
C ALA B 154 15.50 -1.14 -16.26
N THR B 155 16.39 -2.04 -16.63
CA THR B 155 16.54 -2.44 -18.03
C THR B 155 16.45 -3.94 -18.13
N VAL B 156 15.76 -4.41 -19.17
CA VAL B 156 15.89 -5.79 -19.62
C VAL B 156 16.29 -5.76 -21.09
N TYR B 157 16.77 -6.88 -21.59
CA TYR B 157 17.09 -6.98 -23.00
C TYR B 157 16.95 -8.44 -23.40
N ALA B 158 16.84 -8.65 -24.71
CA ALA B 158 16.80 -9.97 -25.34
C ALA B 158 17.65 -9.93 -26.60
N THR B 159 18.42 -11.00 -26.83
CA THR B 159 19.27 -11.08 -28.02
C THR B 159 18.49 -11.66 -29.21
N GLY B 160 18.80 -11.15 -30.41
CA GLY B 160 18.22 -11.65 -31.64
C GLY B 160 18.87 -12.95 -32.10
N THR B 161 18.48 -13.37 -33.33
CA THR B 161 18.96 -14.64 -33.88
C THR B 161 20.47 -14.65 -34.10
N HIS B 162 21.01 -13.53 -34.54
CA HIS B 162 22.38 -13.47 -35.03
C HIS B 162 23.32 -12.74 -34.09
N ALA B 163 22.80 -12.20 -32.99
CA ALA B 163 23.66 -11.61 -31.97
C ALA B 163 24.61 -12.66 -31.42
N GLN B 164 25.88 -12.31 -31.32
CA GLN B 164 26.85 -13.20 -30.70
C GLN B 164 26.71 -13.13 -29.19
N VAL B 165 27.05 -14.23 -28.53
CA VAL B 165 26.95 -14.28 -27.07
C VAL B 165 27.76 -13.15 -26.46
N GLU B 166 28.87 -12.77 -27.11
CA GLU B 166 29.64 -11.63 -26.64
C GLU B 166 28.89 -10.31 -26.83
N ASP B 167 27.86 -10.28 -27.68
CA ASP B 167 27.09 -9.04 -27.86
C ASP B 167 26.16 -8.76 -26.68
N GLY B 168 25.49 -9.78 -26.17
CA GLY B 168 24.64 -9.57 -25.01
C GLY B 168 25.42 -9.26 -23.75
N ARG B 169 26.61 -9.86 -23.62
CA ARG B 169 27.47 -9.59 -22.47
C ARG B 169 27.97 -8.15 -22.49
N LEU B 170 28.30 -7.65 -23.69
CA LEU B 170 28.69 -6.24 -23.84
C LEU B 170 27.51 -5.31 -23.57
N MET B 171 26.37 -5.56 -24.20
CA MET B 171 25.19 -4.74 -23.92
C MET B 171 24.88 -4.73 -22.43
N GLU B 172 24.92 -5.91 -21.80
CA GLU B 172 24.64 -5.96 -20.38
C GLU B 172 25.66 -5.15 -19.58
N GLN B 173 26.95 -5.27 -19.91
CA GLN B 173 27.94 -4.46 -19.23
C GLN B 173 27.62 -2.97 -19.36
N LEU B 174 27.44 -2.52 -20.60
CA LEU B 174 27.10 -1.12 -20.85
C LEU B 174 25.89 -0.66 -20.03
N LEU B 175 24.82 -1.45 -20.05
CA LEU B 175 23.56 -1.03 -19.45
C LEU B 175 23.53 -1.22 -17.93
N SER B 176 24.27 -2.18 -17.41
CA SER B 176 24.40 -2.30 -15.95
C SER B 176 25.04 -1.06 -15.33
N SER B 177 25.76 -0.27 -16.11
CA SER B 177 26.42 0.92 -15.56
C SER B 177 25.46 2.09 -15.36
N VAL B 178 24.18 1.94 -15.67
CA VAL B 178 23.22 3.04 -15.53
C VAL B 178 21.96 2.53 -14.83
N GLY B 179 22.05 1.32 -14.28
CA GLY B 179 20.97 0.80 -13.49
C GLY B 179 21.02 -0.72 -13.45
N PHE B 180 19.90 -1.29 -13.03
CA PHE B 180 19.74 -2.74 -13.04
C PHE B 180 19.51 -3.21 -14.47
N CYS B 181 20.16 -4.31 -14.84
CA CYS B 181 20.04 -4.85 -16.20
C CYS B 181 20.03 -6.37 -16.15
N THR B 182 19.15 -7.00 -16.93
CA THR B 182 19.16 -8.45 -16.99
C THR B 182 18.60 -8.94 -18.32
N GLU B 183 19.06 -10.10 -18.74
CA GLU B 183 18.51 -10.70 -19.94
C GLU B 183 17.18 -11.37 -19.61
N VAL B 184 16.23 -11.26 -20.54
CA VAL B 184 14.95 -11.96 -20.45
C VAL B 184 14.65 -12.60 -21.80
N GLU B 185 13.70 -13.53 -21.79
CA GLU B 185 13.08 -13.98 -23.03
C GLU B 185 12.26 -12.83 -23.63
N GLU B 186 12.24 -12.74 -24.96
CA GLU B 186 11.57 -11.58 -25.57
C GLU B 186 10.09 -11.48 -25.17
N ASP B 187 9.40 -12.60 -24.97
CA ASP B 187 7.96 -12.48 -24.69
C ASP B 187 7.64 -11.92 -23.32
N LEU B 188 8.63 -11.57 -22.50
CA LEU B 188 8.39 -10.88 -21.25
C LEU B 188 8.47 -9.38 -21.39
N ILE B 189 8.93 -8.87 -22.52
CA ILE B 189 9.31 -7.46 -22.56
C ILE B 189 8.11 -6.53 -22.58
N ASP B 190 7.00 -6.91 -23.22
CA ASP B 190 5.81 -6.07 -23.19
C ASP B 190 5.27 -5.90 -21.76
N ALA B 191 5.34 -6.96 -20.95
CA ALA B 191 4.93 -6.83 -19.56
C ALA B 191 5.91 -5.97 -18.76
N VAL B 192 7.22 -6.10 -19.05
CA VAL B 192 8.21 -5.22 -18.40
C VAL B 192 7.92 -3.77 -18.77
N THR B 193 7.51 -3.54 -20.01
CA THR B 193 7.13 -2.20 -20.44
C THR B 193 6.04 -1.66 -19.52
N GLY B 194 5.05 -2.49 -19.20
CA GLY B 194 3.96 -2.07 -18.35
C GLY B 194 4.35 -1.86 -16.91
N LEU B 195 5.41 -2.55 -16.46
CA LEU B 195 5.86 -2.45 -15.06
C LEU B 195 6.92 -1.35 -14.92
N SER B 196 8.11 -1.55 -15.49
CA SER B 196 9.17 -0.59 -15.22
C SER B 196 9.39 0.44 -16.32
N GLY B 197 8.92 0.21 -17.55
CA GLY B 197 9.05 1.25 -18.56
C GLY B 197 8.10 2.43 -18.31
N SER B 198 6.81 2.12 -18.09
CA SER B 198 5.82 3.09 -17.62
C SER B 198 5.91 3.40 -16.12
N GLY B 199 6.56 2.53 -15.33
CA GLY B 199 6.56 2.65 -13.89
C GLY B 199 6.98 3.98 -13.30
N PRO B 200 8.00 4.65 -13.83
CA PRO B 200 8.33 5.98 -13.28
C PRO B 200 7.16 6.96 -13.32
N ALA B 201 6.25 6.84 -14.30
CA ALA B 201 5.15 7.78 -14.41
C ALA B 201 4.09 7.56 -13.32
N TYR B 202 3.84 6.30 -12.94
CA TYR B 202 3.03 6.04 -11.75
C TYR B 202 3.66 6.68 -10.50
N ALA B 203 4.98 6.55 -10.34
CA ALA B 203 5.65 7.15 -9.20
C ALA B 203 5.48 8.66 -9.17
N PHE B 204 5.60 9.32 -10.34
CA PHE B 204 5.48 10.77 -10.41
C PHE B 204 4.05 11.24 -10.07
N THR B 205 3.05 10.56 -10.61
CA THR B 205 1.65 10.78 -10.22
C THR B 205 1.42 10.56 -8.73
N ALA B 206 2.04 9.51 -8.14
CA ALA B 206 1.89 9.26 -6.71
C ALA B 206 2.59 10.32 -5.88
N LEU B 207 3.78 10.77 -6.31
CA LEU B 207 4.50 11.78 -5.55
C LEU B 207 3.81 13.13 -5.60
N ASP B 208 3.20 13.47 -6.74
CA ASP B 208 2.43 14.70 -6.82
C ASP B 208 1.25 14.64 -5.86
N ALA B 209 0.56 13.50 -5.83
CA ALA B 209 -0.60 13.30 -4.94
C ALA B 209 -0.19 13.36 -3.48
N LEU B 210 0.83 12.58 -3.10
CA LEU B 210 1.30 12.59 -1.73
C LEU B 210 1.71 14.00 -1.28
N ALA B 211 2.40 14.74 -2.14
CA ALA B 211 2.72 16.12 -1.78
C ALA B 211 1.45 16.93 -1.57
N ASP B 212 0.45 16.77 -2.44
CA ASP B 212 -0.85 17.38 -2.20
C ASP B 212 -1.38 17.04 -0.82
N GLY B 213 -1.25 15.77 -0.43
CA GLY B 213 -1.67 15.37 0.91
C GLY B 213 -0.93 16.13 1.99
N GLY B 214 0.40 16.27 1.82
CA GLY B 214 1.18 17.04 2.77
C GLY B 214 0.76 18.49 2.82
N VAL B 215 0.48 19.09 1.66
CA VAL B 215 0.04 20.49 1.64
C VAL B 215 -1.32 20.62 2.32
N LYS B 216 -2.22 19.67 2.06
CA LYS B 216 -3.53 19.68 2.73
C LYS B 216 -3.39 19.72 4.25
N MET B 217 -2.43 18.98 4.81
CA MET B 217 -2.23 18.87 6.25
C MET B 217 -1.30 19.91 6.84
N GLY B 218 -0.83 20.89 6.04
CA GLY B 218 -0.09 22.01 6.57
C GLY B 218 1.36 22.10 6.13
N LEU B 219 1.88 21.21 5.26
CA LEU B 219 3.29 21.28 4.84
C LEU B 219 3.46 22.19 3.64
N PRO B 220 4.53 22.99 3.66
CA PRO B 220 4.96 23.69 2.42
C PRO B 220 5.22 22.70 1.29
N ARG B 221 4.89 23.16 0.08
CA ARG B 221 4.95 22.29 -1.10
CA ARG B 221 4.95 22.29 -1.10
C ARG B 221 6.34 21.71 -1.32
N ARG B 222 7.36 22.58 -1.21
CA ARG B 222 8.74 22.13 -1.42
C ARG B 222 9.12 21.04 -0.43
N LEU B 223 8.81 21.24 0.85
CA LEU B 223 9.07 20.23 1.85
C LEU B 223 8.28 18.95 1.56
N ALA B 224 6.98 19.07 1.26
CA ALA B 224 6.19 17.86 1.04
C ALA B 224 6.74 17.04 -0.13
N VAL B 225 7.15 17.73 -1.21
CA VAL B 225 7.70 17.03 -2.37
C VAL B 225 8.98 16.28 -1.98
N ARG B 226 9.90 16.97 -1.30
CA ARG B 226 11.15 16.35 -0.88
C ARG B 226 10.90 15.14 0.02
N LEU B 227 10.10 15.31 1.07
CA LEU B 227 9.88 14.20 2.02
C LEU B 227 9.18 13.05 1.34
N GLY B 228 8.22 13.35 0.45
CA GLY B 228 7.52 12.28 -0.23
C GLY B 228 8.45 11.48 -1.11
N ALA B 229 9.31 12.18 -1.85
CA ALA B 229 10.25 11.50 -2.73
C ALA B 229 11.29 10.73 -1.93
N GLN B 230 11.77 11.32 -0.84
CA GLN B 230 12.72 10.61 0.01
C GLN B 230 12.10 9.34 0.60
N ALA B 231 10.81 9.37 0.93
CA ALA B 231 10.17 8.20 1.51
C ALA B 231 10.01 7.07 0.49
N LEU B 232 9.63 7.40 -0.76
CA LEU B 232 9.55 6.38 -1.81
C LEU B 232 10.92 5.82 -2.13
N LEU B 233 11.95 6.68 -2.11
CA LEU B 233 13.29 6.25 -2.45
C LEU B 233 13.82 5.28 -1.41
N GLY B 234 13.68 5.64 -0.13
CA GLY B 234 14.16 4.80 0.93
C GLY B 234 13.41 3.49 1.04
N ALA B 235 12.09 3.52 0.91
CA ALA B 235 11.33 2.28 0.95
C ALA B 235 11.77 1.33 -0.17
N ALA B 236 11.93 1.86 -1.38
CA ALA B 236 12.41 1.04 -2.48
C ALA B 236 13.77 0.47 -2.16
N LYS B 237 14.67 1.29 -1.62
CA LYS B 237 16.00 0.78 -1.26
C LYS B 237 15.93 -0.28 -0.18
N MET B 238 15.06 -0.09 0.81
CA MET B 238 14.87 -1.13 1.82
C MET B 238 14.48 -2.45 1.19
N LEU B 239 13.53 -2.43 0.25
CA LEU B 239 13.06 -3.66 -0.38
C LEU B 239 14.16 -4.33 -1.19
N LEU B 240 14.89 -3.54 -1.98
CA LEU B 240 15.96 -4.10 -2.79
C LEU B 240 17.03 -4.76 -1.94
N HIS B 241 17.32 -4.20 -0.77
CA HIS B 241 18.39 -4.72 0.10
C HIS B 241 17.90 -5.67 1.19
N SER B 242 16.60 -5.92 1.26
CA SER B 242 16.05 -6.88 2.20
C SER B 242 15.79 -8.21 1.50
N GLU B 243 15.76 -9.27 2.30
CA GLU B 243 15.31 -10.55 1.77
C GLU B 243 13.79 -10.66 1.75
N GLN B 244 13.11 -9.76 2.48
CA GLN B 244 11.76 -9.98 2.99
C GLN B 244 10.67 -9.50 2.04
N HIS B 245 9.47 -10.01 2.28
CA HIS B 245 8.30 -9.63 1.50
C HIS B 245 7.93 -8.17 1.77
N PRO B 246 7.50 -7.42 0.75
CA PRO B 246 6.98 -6.07 1.02
C PRO B 246 5.90 -6.07 2.08
N GLY B 247 5.03 -7.08 2.10
CA GLY B 247 4.06 -7.20 3.17
C GLY B 247 4.71 -7.27 4.54
N GLN B 248 5.83 -7.99 4.63
CA GLN B 248 6.53 -8.10 5.90
C GLN B 248 7.14 -6.76 6.32
N LEU B 249 7.67 -6.00 5.37
CA LEU B 249 8.20 -4.69 5.73
C LEU B 249 7.07 -3.73 6.10
N LYS B 250 5.90 -3.90 5.46
CA LYS B 250 4.74 -3.09 5.84
C LYS B 250 4.25 -3.44 7.23
N ASP B 251 4.29 -4.72 7.59
CA ASP B 251 4.00 -5.09 8.98
C ASP B 251 4.98 -4.41 9.95
N ASN B 252 6.26 -4.33 9.60
CA ASN B 252 7.25 -3.73 10.51
C ASN B 252 6.97 -2.25 10.75
N VAL B 253 6.39 -1.54 9.79
CA VAL B 253 6.17 -0.11 9.97
C VAL B 253 4.84 0.24 10.63
N SER B 254 3.83 -0.64 10.57
CA SER B 254 2.53 -0.32 11.17
C SER B 254 2.44 -0.93 12.56
N SER B 255 2.37 -0.08 13.56
CA SER B 255 2.19 -0.44 14.95
C SER B 255 0.70 -0.54 15.30
N PRO B 256 0.36 -1.37 16.27
CA PRO B 256 -1.06 -1.57 16.63
C PRO B 256 -1.78 -0.25 16.90
N GLY B 257 -2.96 -0.11 16.29
CA GLY B 257 -3.77 1.08 16.46
C GLY B 257 -3.17 2.38 15.97
N GLY B 258 -1.97 2.36 15.36
CA GLY B 258 -1.24 3.57 15.08
C GLY B 258 -1.67 4.32 13.83
N ALA B 259 -0.90 5.38 13.53
CA ALA B 259 -1.25 6.27 12.41
C ALA B 259 -1.16 5.53 11.07
N THR B 260 -0.19 4.63 10.94
CA THR B 260 0.06 4.04 9.64
C THR B 260 -1.00 3.01 9.26
N ILE B 261 -1.43 2.16 10.19
CA ILE B 261 -2.46 1.18 9.87
C ILE B 261 -3.78 1.85 9.58
N HIS B 262 -4.03 3.04 10.15
CA HIS B 262 -5.22 3.79 9.80
C HIS B 262 -5.16 4.27 8.36
N ALA B 263 -4.00 4.77 7.92
CA ALA B 263 -3.87 5.21 6.54
C ALA B 263 -3.95 4.03 5.58
N LEU B 264 -3.29 2.91 5.90
CA LEU B 264 -3.37 1.78 4.99
C LEU B 264 -4.82 1.36 4.79
N HIS B 265 -5.66 1.49 5.81
CA HIS B 265 -7.05 1.10 5.65
C HIS B 265 -7.74 1.97 4.60
N VAL B 266 -7.56 3.30 4.65
CA VAL B 266 -8.24 4.12 3.64
C VAL B 266 -7.69 3.83 2.24
N LEU B 267 -6.43 3.41 2.13
CA LEU B 267 -5.93 2.92 0.85
C LEU B 267 -6.68 1.67 0.40
N GLU B 268 -6.85 0.71 1.32
CA GLU B 268 -7.53 -0.54 0.97
C GLU B 268 -9.00 -0.30 0.60
N SER B 269 -9.69 0.62 1.31
CA SER B 269 -11.09 0.92 0.99
C SER B 269 -11.25 1.52 -0.40
N GLY B 270 -10.21 2.08 -0.95
CA GLY B 270 -10.30 2.61 -2.29
C GLY B 270 -9.87 1.66 -3.38
N GLY B 271 -9.52 0.42 -3.07
CA GLY B 271 -8.97 -0.48 -4.07
C GLY B 271 -7.62 -0.04 -4.63
N PHE B 272 -6.81 0.61 -3.81
CA PHE B 272 -5.51 1.13 -4.22
C PHE B 272 -4.69 0.10 -4.97
N ARG B 273 -4.66 -1.14 -4.46
CA ARG B 273 -3.85 -2.20 -5.07
C ARG B 273 -4.36 -2.53 -6.47
N SER B 274 -5.69 -2.69 -6.62
CA SER B 274 -6.25 -3.03 -7.91
C SER B 274 -5.96 -1.96 -8.96
N LEU B 275 -5.84 -0.69 -8.55
CA LEU B 275 -5.58 0.37 -9.53
C LEU B 275 -4.22 0.22 -10.18
N LEU B 276 -3.24 -0.23 -9.39
CA LEU B 276 -1.89 -0.43 -9.90
C LEU B 276 -1.79 -1.73 -10.67
N ILE B 277 -2.62 -2.73 -10.35
CA ILE B 277 -2.70 -3.87 -11.25
C ILE B 277 -3.35 -3.44 -12.57
N ASN B 278 -4.45 -2.68 -12.49
CA ASN B 278 -5.08 -2.15 -13.70
C ASN B 278 -4.08 -1.40 -14.57
N ALA B 279 -3.22 -0.61 -13.95
CA ALA B 279 -2.30 0.25 -14.70
C ALA B 279 -1.26 -0.57 -15.45
N VAL B 280 -0.59 -1.48 -14.75
CA VAL B 280 0.40 -2.33 -15.40
C VAL B 280 -0.24 -3.09 -16.55
N GLU B 281 -1.43 -3.65 -16.29
CA GLU B 281 -2.19 -4.38 -17.29
C GLU B 281 -2.54 -3.51 -18.50
N ALA B 282 -3.00 -2.29 -18.27
CA ALA B 282 -3.40 -1.45 -19.39
C ALA B 282 -2.18 -1.10 -20.23
N SER B 283 -1.05 -0.79 -19.59
CA SER B 283 0.16 -0.44 -20.33
C SER B 283 0.68 -1.61 -21.16
N CYS B 284 0.58 -2.84 -20.64
CA CYS B 284 1.07 -4.00 -21.36
C CYS B 284 0.17 -4.33 -22.54
N ILE B 285 -1.16 -4.36 -22.31
CA ILE B 285 -2.12 -4.63 -23.38
C ILE B 285 -1.99 -3.61 -24.51
N ARG B 286 -1.93 -2.32 -24.15
CA ARG B 286 -1.70 -1.29 -25.15
C ARG B 286 -0.43 -1.55 -25.95
N THR B 287 0.66 -1.96 -25.27
CA THR B 287 1.91 -2.27 -25.97
C THR B 287 1.68 -3.37 -27.01
N ARG B 288 1.06 -4.49 -26.61
CA ARG B 288 0.79 -5.57 -27.56
C ARG B 288 -0.10 -5.09 -28.70
N GLU B 289 -1.10 -4.29 -28.38
CA GLU B 289 -2.07 -3.83 -29.35
C GLU B 289 -1.40 -3.00 -30.43
N LEU B 290 -0.47 -2.13 -30.03
CA LEU B 290 0.23 -1.28 -30.98
C LEU B 290 1.11 -2.11 -31.91
N GLN B 291 1.88 -3.03 -31.33
CA GLN B 291 2.68 -3.91 -32.18
C GLN B 291 1.79 -4.78 -33.07
N SER B 292 0.67 -5.27 -32.53
CA SER B 292 -0.16 -6.17 -33.31
C SER B 292 -0.79 -5.50 -34.52
N MET B 293 -0.89 -4.16 -34.52
CA MET B 293 -1.35 -3.47 -35.72
C MET B 293 -0.22 -2.88 -36.55
N ALA B 294 0.99 -2.72 -35.97
CA ALA B 294 2.18 -2.54 -36.79
C ALA B 294 2.46 -3.80 -37.62
N ASP B 295 2.31 -4.97 -37.00
CA ASP B 295 2.39 -6.22 -37.74
C ASP B 295 1.31 -6.34 -38.81
N GLN B 296 0.20 -5.60 -38.69
CA GLN B 296 -0.81 -5.57 -39.74
C GLN B 296 -0.38 -4.68 -40.91
N GLU B 297 0.24 -3.53 -40.63
CA GLU B 297 0.63 -2.58 -41.68
C GLU B 297 1.69 -3.13 -42.66
N MET C 23 -11.43 -32.72 39.27
CA MET C 23 -11.77 -31.29 39.14
C MET C 23 -13.21 -31.06 38.68
N SER C 24 -13.88 -30.08 39.30
CA SER C 24 -15.31 -29.85 39.13
C SER C 24 -15.55 -28.59 38.31
N VAL C 25 -16.30 -28.72 37.22
CA VAL C 25 -16.59 -27.59 36.34
C VAL C 25 -18.09 -27.34 36.34
N GLY C 26 -18.47 -26.07 36.22
CA GLY C 26 -19.86 -25.69 36.12
C GLY C 26 -20.02 -24.56 35.12
N PHE C 27 -21.17 -24.53 34.46
CA PHE C 27 -21.52 -23.50 33.48
C PHE C 27 -22.80 -22.79 33.91
N ILE C 28 -22.72 -21.47 34.09
CA ILE C 28 -23.91 -20.64 34.25
C ILE C 28 -24.43 -20.37 32.85
N GLY C 29 -25.61 -20.90 32.53
CA GLY C 29 -26.11 -20.75 31.18
C GLY C 29 -25.64 -21.86 30.27
N ALA C 30 -26.58 -22.53 29.59
CA ALA C 30 -26.26 -23.73 28.84
C ALA C 30 -26.64 -23.62 27.37
N GLY C 31 -25.99 -22.69 26.65
CA GLY C 31 -26.32 -22.41 25.27
C GLY C 31 -25.20 -22.80 24.32
N GLN C 32 -25.06 -22.10 23.18
CA GLN C 32 -24.03 -22.47 22.21
C GLN C 32 -22.66 -22.58 22.85
N LEU C 33 -22.31 -21.61 23.70
CA LEU C 33 -20.96 -21.58 24.26
C LEU C 33 -20.73 -22.73 25.25
N ALA C 34 -21.68 -22.98 26.14
CA ALA C 34 -21.48 -24.02 27.13
C ALA C 34 -21.43 -25.41 26.48
N PHE C 35 -22.28 -25.65 25.48
CA PHE C 35 -22.23 -26.94 24.80
C PHE C 35 -20.90 -27.12 24.08
N ALA C 36 -20.45 -26.11 23.34
CA ALA C 36 -19.17 -26.22 22.65
C ALA C 36 -18.04 -26.54 23.61
N LEU C 37 -17.99 -25.85 24.76
CA LEU C 37 -16.89 -26.05 25.69
C LEU C 37 -16.95 -27.43 26.32
N ALA C 38 -18.14 -27.84 26.82
CA ALA C 38 -18.26 -29.16 27.41
C ALA C 38 -17.97 -30.25 26.37
N LYS C 39 -18.35 -30.00 25.12
CA LYS C 39 -18.11 -30.99 24.07
C LYS C 39 -16.61 -31.18 23.83
N GLY C 40 -15.87 -30.06 23.72
CA GLY C 40 -14.44 -30.17 23.53
C GLY C 40 -13.72 -30.72 24.74
N PHE C 41 -14.03 -30.19 25.94
CA PHE C 41 -13.39 -30.67 27.16
C PHE C 41 -13.52 -32.19 27.27
N THR C 42 -14.73 -32.72 27.08
CA THR C 42 -14.92 -34.16 27.23
C THR C 42 -14.31 -34.91 26.05
N ALA C 43 -14.36 -34.33 24.85
CA ALA C 43 -13.68 -34.92 23.72
C ALA C 43 -12.17 -34.88 23.89
N ALA C 44 -11.64 -33.87 24.57
CA ALA C 44 -10.21 -33.84 24.86
C ALA C 44 -9.81 -34.87 25.89
N GLY C 45 -10.75 -35.36 26.71
CA GLY C 45 -10.45 -36.32 27.74
C GLY C 45 -9.99 -35.73 29.05
N VAL C 46 -10.05 -34.40 29.21
CA VAL C 46 -9.57 -33.77 30.45
C VAL C 46 -10.67 -33.60 31.49
N LEU C 47 -11.94 -33.82 31.13
CA LEU C 47 -13.05 -33.74 32.06
C LEU C 47 -14.09 -34.79 31.73
N ALA C 48 -14.49 -35.56 32.73
CA ALA C 48 -15.65 -36.42 32.55
C ALA C 48 -16.92 -35.58 32.51
N ALA C 49 -17.89 -36.04 31.72
CA ALA C 49 -19.13 -35.28 31.56
C ALA C 49 -19.90 -35.21 32.88
N HIS C 50 -19.85 -36.27 33.69
CA HIS C 50 -20.61 -36.28 34.94
C HIS C 50 -19.99 -35.39 36.01
N LYS C 51 -18.73 -35.00 35.85
CA LYS C 51 -18.12 -34.01 36.71
C LYS C 51 -18.36 -32.60 36.20
N ILE C 52 -19.22 -32.44 35.20
CA ILE C 52 -19.60 -31.14 34.64
C ILE C 52 -21.08 -30.93 34.91
N MET C 53 -21.44 -29.76 35.44
CA MET C 53 -22.83 -29.36 35.62
C MET C 53 -23.06 -28.04 34.93
N ALA C 54 -24.19 -27.89 34.25
CA ALA C 54 -24.62 -26.62 33.70
C ALA C 54 -26.00 -26.29 34.23
N SER C 55 -26.40 -25.03 34.08
CA SER C 55 -27.71 -24.60 34.55
C SER C 55 -28.34 -23.63 33.56
N SER C 56 -29.67 -23.72 33.44
CA SER C 56 -30.40 -22.84 32.54
C SER C 56 -31.82 -22.69 33.05
N PRO C 57 -32.40 -21.49 32.95
CA PRO C 57 -33.83 -21.37 33.29
C PRO C 57 -34.74 -22.09 32.30
N ASP C 58 -34.38 -22.11 31.02
CA ASP C 58 -35.18 -22.76 29.97
C ASP C 58 -34.68 -24.19 29.75
N MET C 59 -34.94 -25.05 30.74
CA MET C 59 -34.44 -26.42 30.76
C MET C 59 -34.99 -27.27 29.62
N ASP C 60 -35.47 -26.63 28.56
CA ASP C 60 -35.96 -27.32 27.37
C ASP C 60 -35.37 -26.72 26.11
N LEU C 61 -34.22 -26.05 26.22
CA LEU C 61 -33.52 -25.59 25.02
C LEU C 61 -32.88 -26.77 24.30
N ALA C 62 -32.67 -26.62 22.99
CA ALA C 62 -32.06 -27.70 22.24
C ALA C 62 -30.59 -27.87 22.59
N THR C 63 -29.94 -26.81 23.09
CA THR C 63 -28.62 -26.96 23.70
C THR C 63 -28.69 -27.70 25.04
N VAL C 64 -29.79 -27.53 25.77
CA VAL C 64 -29.98 -28.32 26.99
C VAL C 64 -30.10 -29.80 26.63
N SER C 65 -30.79 -30.13 25.54
CA SER C 65 -30.96 -31.52 25.16
C SER C 65 -29.64 -32.16 24.75
N ALA C 66 -28.88 -31.48 23.89
CA ALA C 66 -27.55 -31.94 23.49
C ALA C 66 -26.65 -32.17 24.70
N LEU C 67 -26.66 -31.23 25.67
CA LEU C 67 -25.85 -31.41 26.87
C LEU C 67 -26.29 -32.61 27.69
N ARG C 68 -27.61 -32.86 27.77
CA ARG C 68 -28.06 -34.00 28.55
C ARG C 68 -27.77 -35.32 27.84
N LYS C 69 -27.92 -35.35 26.52
CA LYS C 69 -27.52 -36.54 25.78
C LYS C 69 -26.05 -36.87 26.03
N MET C 70 -25.23 -35.84 26.25
CA MET C 70 -23.79 -35.92 26.43
C MET C 70 -23.36 -36.37 27.83
N GLY C 71 -24.28 -36.41 28.80
CA GLY C 71 -23.94 -36.82 30.14
C GLY C 71 -23.63 -35.71 31.13
N VAL C 72 -23.85 -34.47 30.77
CA VAL C 72 -23.66 -33.37 31.72
C VAL C 72 -24.84 -33.34 32.69
N LYS C 73 -24.58 -32.94 33.93
CA LYS C 73 -25.65 -32.69 34.89
C LYS C 73 -26.29 -31.35 34.60
N LEU C 74 -27.61 -31.35 34.42
CA LEU C 74 -28.36 -30.13 34.13
C LEU C 74 -29.26 -29.79 35.32
N THR C 75 -29.62 -28.50 35.44
CA THR C 75 -30.41 -27.99 36.56
C THR C 75 -30.89 -26.58 36.24
N PRO C 76 -32.05 -26.15 36.75
CA PRO C 76 -32.49 -24.77 36.46
C PRO C 76 -31.94 -23.75 37.44
N HIS C 77 -31.48 -24.21 38.61
CA HIS C 77 -31.06 -23.32 39.69
C HIS C 77 -29.57 -22.99 39.56
N ASN C 78 -29.27 -21.71 39.33
CA ASN C 78 -27.88 -21.27 39.29
C ASN C 78 -27.14 -21.59 40.58
N LYS C 79 -27.87 -21.74 41.70
CA LYS C 79 -27.24 -21.99 42.99
C LYS C 79 -26.56 -23.36 43.05
N GLU C 80 -27.16 -24.39 42.44
CA GLU C 80 -26.54 -25.71 42.50
C GLU C 80 -25.24 -25.78 41.71
N THR C 81 -25.14 -25.03 40.61
CA THR C 81 -23.94 -25.07 39.79
C THR C 81 -22.74 -24.57 40.57
N VAL C 82 -22.88 -23.42 41.23
CA VAL C 82 -21.78 -22.83 41.99
C VAL C 82 -21.35 -23.77 43.13
N GLN C 83 -22.31 -24.39 43.83
CA GLN C 83 -21.99 -25.30 44.92
C GLN C 83 -21.44 -26.65 44.42
N HIS C 84 -21.52 -26.92 43.11
CA HIS C 84 -20.94 -28.12 42.50
C HIS C 84 -19.50 -27.92 42.07
N SER C 85 -19.15 -26.74 41.58
CA SER C 85 -17.91 -26.62 40.82
C SER C 85 -16.84 -25.86 41.59
N ASP C 86 -15.60 -26.10 41.17
CA ASP C 86 -14.44 -25.28 41.50
C ASP C 86 -14.27 -24.19 40.45
N VAL C 87 -14.13 -24.61 39.20
CA VAL C 87 -14.03 -23.68 38.08
C VAL C 87 -15.43 -23.40 37.55
N LEU C 88 -15.79 -22.13 37.50
CA LEU C 88 -17.14 -21.71 37.14
C LEU C 88 -17.06 -20.81 35.92
N PHE C 89 -17.56 -21.30 34.79
CA PHE C 89 -17.71 -20.50 33.58
C PHE C 89 -19.04 -19.77 33.64
N LEU C 90 -19.01 -18.47 33.35
CA LEU C 90 -20.21 -17.67 33.15
C LEU C 90 -20.50 -17.70 31.66
N ALA C 91 -21.55 -18.39 31.25
CA ALA C 91 -21.85 -18.57 29.84
C ALA C 91 -23.24 -18.04 29.48
N VAL C 92 -23.57 -16.85 29.97
CA VAL C 92 -24.79 -16.16 29.60
C VAL C 92 -24.41 -14.94 28.77
N LYS C 93 -25.42 -14.33 28.17
CA LYS C 93 -25.19 -13.14 27.37
C LYS C 93 -24.68 -12.00 28.24
N PRO C 94 -23.98 -11.04 27.63
CA PRO C 94 -23.33 -9.97 28.43
C PRO C 94 -24.26 -9.27 29.39
N HIS C 95 -25.46 -8.91 28.94
CA HIS C 95 -26.38 -8.16 29.80
C HIS C 95 -26.93 -9.00 30.95
N ILE C 96 -26.90 -10.32 30.86
CA ILE C 96 -27.39 -11.12 31.99
C ILE C 96 -26.34 -11.20 33.10
N ILE C 97 -25.07 -10.89 32.80
CA ILE C 97 -24.01 -11.06 33.77
C ILE C 97 -24.27 -10.31 35.07
N PRO C 98 -24.59 -9.01 35.07
CA PRO C 98 -24.93 -8.37 36.36
C PRO C 98 -26.03 -9.10 37.11
N PHE C 99 -27.07 -9.55 36.41
CA PHE C 99 -28.14 -10.30 37.08
C PHE C 99 -27.60 -11.59 37.68
N ILE C 100 -26.77 -12.31 36.91
CA ILE C 100 -26.17 -13.56 37.39
C ILE C 100 -25.38 -13.29 38.67
N LEU C 101 -24.51 -12.27 38.63
CA LEU C 101 -23.56 -12.07 39.72
C LEU C 101 -24.25 -11.62 41.01
N ASP C 102 -25.29 -10.79 40.89
CA ASP C 102 -26.06 -10.42 42.08
C ASP C 102 -26.72 -11.65 42.70
N GLU C 103 -26.99 -12.68 41.90
CA GLU C 103 -27.77 -13.83 42.38
C GLU C 103 -26.90 -14.84 43.12
N ILE C 104 -25.69 -15.10 42.63
CA ILE C 104 -24.82 -16.12 43.22
C ILE C 104 -23.67 -15.53 44.02
N GLY C 105 -23.41 -14.23 43.89
CA GLY C 105 -22.34 -13.58 44.62
C GLY C 105 -22.13 -14.07 46.04
N ALA C 106 -23.24 -14.28 46.77
CA ALA C 106 -23.16 -14.74 48.16
C ALA C 106 -22.69 -16.18 48.29
N ASP C 107 -22.67 -16.95 47.20
CA ASP C 107 -22.31 -18.36 47.27
C ASP C 107 -20.89 -18.63 46.79
N ILE C 108 -20.18 -17.60 46.31
CA ILE C 108 -18.80 -17.73 45.89
C ILE C 108 -17.90 -18.00 47.10
N GLU C 109 -17.50 -19.26 47.27
CA GLU C 109 -16.51 -19.61 48.27
C GLU C 109 -15.12 -19.20 47.77
N ASP C 110 -14.10 -19.39 48.61
CA ASP C 110 -12.73 -19.05 48.21
C ASP C 110 -12.12 -20.07 47.24
N ARG C 111 -12.75 -21.23 47.05
CA ARG C 111 -12.23 -22.25 46.16
C ARG C 111 -12.53 -21.96 44.70
N HIS C 112 -13.39 -21.00 44.42
CA HIS C 112 -13.87 -20.83 43.07
C HIS C 112 -12.89 -20.04 42.23
N ILE C 113 -12.83 -20.41 40.95
CA ILE C 113 -12.31 -19.55 39.90
C ILE C 113 -13.50 -19.23 39.01
N VAL C 114 -13.82 -17.95 38.87
CA VAL C 114 -14.92 -17.50 38.02
C VAL C 114 -14.31 -17.09 36.69
N VAL C 115 -14.66 -17.83 35.64
CA VAL C 115 -14.17 -17.57 34.29
C VAL C 115 -15.32 -16.93 33.50
N SER C 116 -15.19 -15.66 33.16
CA SER C 116 -16.24 -14.98 32.41
C SER C 116 -15.93 -15.10 30.93
N CYS C 117 -16.90 -15.61 30.17
CA CYS C 117 -16.80 -15.72 28.73
C CYS C 117 -17.49 -14.59 27.99
N ALA C 118 -18.30 -13.79 28.67
CA ALA C 118 -19.20 -12.89 27.97
C ALA C 118 -18.42 -11.84 27.18
N ALA C 119 -18.92 -11.48 26.00
CA ALA C 119 -18.23 -10.46 25.20
C ALA C 119 -18.24 -9.12 25.94
N GLY C 120 -17.09 -8.43 25.90
CA GLY C 120 -16.95 -7.09 26.43
C GLY C 120 -16.99 -6.89 27.94
N VAL C 121 -17.48 -7.85 28.70
CA VAL C 121 -17.66 -7.62 30.15
C VAL C 121 -16.31 -7.63 30.84
N THR C 122 -15.99 -6.55 31.54
CA THR C 122 -14.66 -6.32 32.07
C THR C 122 -14.46 -7.00 33.43
N ILE C 123 -13.19 -7.34 33.68
CA ILE C 123 -12.82 -7.90 34.98
C ILE C 123 -13.24 -6.96 36.09
N SER C 124 -12.97 -5.67 35.89
CA SER C 124 -13.34 -4.66 36.86
C SER C 124 -14.78 -4.81 37.31
N SER C 125 -15.72 -4.85 36.36
CA SER C 125 -17.14 -4.88 36.72
C SER C 125 -17.55 -6.17 37.43
N ILE C 126 -16.91 -7.30 37.10
CA ILE C 126 -17.23 -8.54 37.79
C ILE C 126 -16.68 -8.54 39.20
N GLU C 127 -15.44 -8.08 39.35
CA GLU C 127 -14.83 -8.01 40.68
C GLU C 127 -15.58 -7.03 41.57
N LYS C 128 -16.07 -5.92 41.02
CA LYS C 128 -16.80 -4.97 41.85
C LYS C 128 -18.08 -5.61 42.40
N LYS C 129 -18.86 -6.24 41.53
CA LYS C 129 -20.09 -6.89 41.98
C LYS C 129 -19.78 -8.00 42.99
N LEU C 130 -18.81 -8.86 42.69
CA LEU C 130 -18.53 -9.99 43.59
C LEU C 130 -17.84 -9.55 44.88
N SER C 131 -17.09 -8.45 44.88
CA SER C 131 -16.40 -8.07 46.11
C SER C 131 -17.35 -7.54 47.18
N ALA C 132 -18.54 -7.07 46.79
CA ALA C 132 -19.56 -6.72 47.75
C ALA C 132 -19.93 -7.88 48.67
N PHE C 133 -19.68 -9.12 48.26
CA PHE C 133 -20.02 -10.29 49.06
C PHE C 133 -18.80 -10.87 49.78
N ARG C 134 -17.76 -11.23 49.02
CA ARG C 134 -16.57 -11.83 49.58
C ARG C 134 -15.38 -11.02 49.08
N PRO C 135 -14.45 -10.65 49.95
CA PRO C 135 -13.25 -9.97 49.46
C PRO C 135 -12.45 -10.92 48.58
N ALA C 136 -11.79 -10.34 47.57
CA ALA C 136 -10.84 -11.02 46.70
C ALA C 136 -11.43 -12.15 45.85
N PRO C 137 -12.50 -11.93 45.11
CA PRO C 137 -12.99 -12.99 44.21
C PRO C 137 -11.97 -13.26 43.11
N ARG C 138 -11.83 -14.54 42.73
CA ARG C 138 -10.85 -14.98 41.74
C ARG C 138 -11.49 -15.01 40.36
N VAL C 139 -11.07 -14.11 39.49
CA VAL C 139 -11.75 -13.85 38.23
C VAL C 139 -10.76 -13.98 37.07
N ILE C 140 -11.14 -14.75 36.05
CA ILE C 140 -10.42 -14.82 34.79
C ILE C 140 -11.39 -14.40 33.69
N ARG C 141 -10.95 -13.51 32.82
CA ARG C 141 -11.77 -13.17 31.66
C ARG C 141 -11.22 -13.88 30.43
N CYS C 142 -12.09 -14.57 29.70
CA CYS C 142 -11.63 -15.25 28.49
C CYS C 142 -12.47 -14.82 27.30
N MET C 143 -11.86 -14.86 26.13
CA MET C 143 -12.58 -14.80 24.86
C MET C 143 -12.26 -16.06 24.07
N THR C 144 -13.29 -16.69 23.52
CA THR C 144 -13.14 -17.99 22.88
C THR C 144 -13.95 -17.95 21.58
N ASN C 145 -14.22 -19.11 20.99
CA ASN C 145 -15.14 -19.16 19.87
C ASN C 145 -15.73 -20.56 19.76
N THR C 146 -16.69 -20.69 18.87
CA THR C 146 -17.41 -21.95 18.84
C THR C 146 -16.58 -23.14 18.33
N PRO C 147 -15.48 -22.97 17.52
CA PRO C 147 -14.73 -24.17 17.11
C PRO C 147 -14.06 -24.96 18.23
N VAL C 148 -14.14 -24.50 19.48
CA VAL C 148 -13.67 -25.32 20.59
C VAL C 148 -14.39 -26.65 20.56
N VAL C 149 -15.57 -26.69 19.92
CA VAL C 149 -16.35 -27.93 19.83
C VAL C 149 -15.64 -29.00 19.01
N VAL C 150 -14.75 -28.63 18.10
CA VAL C 150 -13.91 -29.59 17.38
C VAL C 150 -12.45 -29.44 17.83
N ARG C 151 -12.24 -28.89 19.02
CA ARG C 151 -10.91 -28.72 19.61
C ARG C 151 -9.98 -27.86 18.75
N GLU C 152 -10.53 -26.88 18.03
CA GLU C 152 -9.71 -25.97 17.23
C GLU C 152 -10.06 -24.52 17.52
N GLY C 153 -10.48 -24.21 18.74
CA GLY C 153 -10.79 -22.84 19.08
C GLY C 153 -9.54 -21.98 19.21
N ALA C 154 -9.78 -20.67 19.16
CA ALA C 154 -8.76 -19.65 19.44
C ALA C 154 -9.19 -18.95 20.73
N THR C 155 -8.33 -18.98 21.74
CA THR C 155 -8.72 -18.52 23.06
C THR C 155 -7.64 -17.64 23.68
N VAL C 156 -8.03 -16.49 24.18
CA VAL C 156 -7.17 -15.67 25.00
C VAL C 156 -7.85 -15.50 26.36
N TYR C 157 -7.04 -15.19 27.37
CA TYR C 157 -7.57 -14.92 28.70
C TYR C 157 -6.75 -13.81 29.36
N ALA C 158 -7.36 -13.17 30.34
CA ALA C 158 -6.68 -12.22 31.20
C ALA C 158 -7.02 -12.55 32.65
N THR C 159 -6.03 -12.41 33.51
CA THR C 159 -6.21 -12.70 34.93
C THR C 159 -6.59 -11.43 35.70
N GLY C 160 -7.54 -11.58 36.63
CA GLY C 160 -7.96 -10.49 37.49
C GLY C 160 -6.94 -10.19 38.60
N THR C 161 -7.29 -9.18 39.41
CA THR C 161 -6.38 -8.72 40.47
C THR C 161 -6.05 -9.84 41.46
N HIS C 162 -7.04 -10.67 41.79
CA HIS C 162 -6.88 -11.68 42.82
C HIS C 162 -6.66 -13.08 42.26
N ALA C 163 -6.41 -13.20 40.96
CA ALA C 163 -6.11 -14.49 40.35
C ALA C 163 -4.69 -14.92 40.72
N GLN C 164 -4.55 -16.05 41.41
CA GLN C 164 -3.23 -16.59 41.73
C GLN C 164 -2.53 -17.09 40.48
N VAL C 165 -1.20 -17.21 40.56
CA VAL C 165 -0.40 -17.59 39.39
C VAL C 165 -0.81 -18.97 38.89
N GLU C 166 -1.04 -19.91 39.81
CA GLU C 166 -1.53 -21.23 39.41
C GLU C 166 -2.88 -21.13 38.68
N ASP C 167 -3.75 -20.20 39.08
CA ASP C 167 -5.05 -20.08 38.44
C ASP C 167 -4.91 -19.87 36.93
N GLY C 168 -4.03 -18.94 36.52
CA GLY C 168 -3.78 -18.73 35.11
C GLY C 168 -3.19 -19.95 34.41
N ARG C 169 -2.45 -20.77 35.15
CA ARG C 169 -1.88 -22.00 34.59
C ARG C 169 -2.93 -23.09 34.44
N LEU C 170 -3.86 -23.18 35.39
CA LEU C 170 -4.99 -24.10 35.26
C LEU C 170 -5.86 -23.71 34.08
N MET C 171 -6.15 -22.41 33.94
CA MET C 171 -6.93 -21.93 32.81
C MET C 171 -6.26 -22.29 31.48
N GLU C 172 -4.98 -21.96 31.35
CA GLU C 172 -4.29 -22.21 30.07
C GLU C 172 -4.24 -23.69 29.75
N GLN C 173 -3.90 -24.53 30.74
CA GLN C 173 -3.90 -25.96 30.48
C GLN C 173 -5.27 -26.42 30.02
N LEU C 174 -6.31 -26.01 30.75
CA LEU C 174 -7.66 -26.43 30.39
C LEU C 174 -8.01 -26.02 28.96
N LEU C 175 -7.79 -24.75 28.62
CA LEU C 175 -8.25 -24.28 27.32
C LEU C 175 -7.31 -24.63 26.16
N SER C 176 -6.03 -24.92 26.43
CA SER C 176 -5.15 -25.42 25.39
C SER C 176 -5.55 -26.81 24.90
N SER C 177 -6.36 -27.54 25.66
CA SER C 177 -6.82 -28.85 25.19
C SER C 177 -7.88 -28.74 24.11
N VAL C 178 -8.53 -27.58 23.96
CA VAL C 178 -9.58 -27.42 22.96
C VAL C 178 -9.21 -26.38 21.90
N GLY C 179 -7.96 -25.97 21.83
CA GLY C 179 -7.53 -25.10 20.75
C GLY C 179 -6.31 -24.31 21.16
N PHE C 180 -6.09 -23.19 20.48
CA PHE C 180 -5.00 -22.31 20.82
C PHE C 180 -5.38 -21.48 22.05
N CYS C 181 -4.42 -21.26 22.95
CA CYS C 181 -4.66 -20.46 24.14
C CYS C 181 -3.43 -19.66 24.47
N THR C 182 -3.63 -18.42 24.92
CA THR C 182 -2.53 -17.62 25.44
C THR C 182 -3.07 -16.48 26.30
N GLU C 183 -2.29 -16.11 27.31
CA GLU C 183 -2.65 -14.99 28.17
C GLU C 183 -2.39 -13.67 27.45
N VAL C 184 -3.32 -12.72 27.61
CA VAL C 184 -3.16 -11.38 27.04
C VAL C 184 -3.50 -10.35 28.11
N GLU C 185 -3.06 -9.13 27.87
CA GLU C 185 -3.56 -8.02 28.66
C GLU C 185 -5.04 -7.80 28.32
N GLU C 186 -5.82 -7.43 29.34
CA GLU C 186 -7.27 -7.34 29.18
C GLU C 186 -7.67 -6.35 28.10
N ASP C 187 -6.88 -5.29 27.90
CA ASP C 187 -7.25 -4.27 26.93
C ASP C 187 -7.08 -4.72 25.48
N LEU C 188 -6.67 -5.97 25.23
CA LEU C 188 -6.70 -6.53 23.89
C LEU C 188 -7.97 -7.34 23.60
N ILE C 189 -8.76 -7.69 24.62
CA ILE C 189 -9.74 -8.75 24.45
C ILE C 189 -10.90 -8.30 23.55
N ASP C 190 -11.31 -7.04 23.66
CA ASP C 190 -12.32 -6.52 22.72
C ASP C 190 -11.85 -6.62 21.27
N ALA C 191 -10.58 -6.29 21.01
CA ALA C 191 -10.02 -6.49 19.66
C ALA C 191 -10.00 -7.97 19.28
N VAL C 192 -9.57 -8.84 20.20
CA VAL C 192 -9.60 -10.28 19.91
C VAL C 192 -11.03 -10.74 19.58
N THR C 193 -12.02 -10.22 20.32
CA THR C 193 -13.42 -10.57 20.08
C THR C 193 -13.82 -10.29 18.64
N GLY C 194 -13.35 -9.19 18.07
CA GLY C 194 -13.67 -8.88 16.69
C GLY C 194 -12.95 -9.72 15.65
N LEU C 195 -11.82 -10.33 16.04
CA LEU C 195 -11.00 -11.05 15.09
C LEU C 195 -11.33 -12.53 15.13
N SER C 196 -11.03 -13.19 16.26
CA SER C 196 -11.30 -14.62 16.36
C SER C 196 -12.61 -14.95 17.05
N GLY C 197 -13.18 -14.05 17.86
CA GLY C 197 -14.52 -14.28 18.39
C GLY C 197 -15.59 -14.29 17.30
N SER C 198 -15.64 -13.23 16.47
CA SER C 198 -16.51 -13.14 15.31
C SER C 198 -15.97 -13.87 14.08
N GLY C 199 -14.67 -14.09 14.01
CA GLY C 199 -14.03 -14.73 12.87
C GLY C 199 -14.72 -15.93 12.24
N PRO C 200 -15.16 -16.91 13.04
CA PRO C 200 -15.85 -18.06 12.44
C PRO C 200 -17.05 -17.66 11.60
N ALA C 201 -17.77 -16.60 11.99
CA ALA C 201 -18.89 -16.12 11.19
C ALA C 201 -18.45 -15.54 9.86
N TYR C 202 -17.26 -14.90 9.81
CA TYR C 202 -16.74 -14.45 8.52
C TYR C 202 -16.39 -15.64 7.65
N ALA C 203 -15.69 -16.63 8.21
CA ALA C 203 -15.35 -17.82 7.44
C ALA C 203 -16.59 -18.53 6.91
N PHE C 204 -17.63 -18.67 7.76
CA PHE C 204 -18.85 -19.34 7.33
C PHE C 204 -19.52 -18.60 6.18
N THR C 205 -19.54 -17.27 6.25
CA THR C 205 -20.01 -16.43 5.15
C THR C 205 -19.16 -16.62 3.90
N ALA C 206 -17.84 -16.66 4.06
CA ALA C 206 -16.95 -16.84 2.92
C ALA C 206 -17.19 -18.18 2.26
N LEU C 207 -17.33 -19.23 3.08
CA LEU C 207 -17.51 -20.58 2.57
C LEU C 207 -18.82 -20.75 1.83
N ASP C 208 -19.88 -20.10 2.32
CA ASP C 208 -21.14 -20.17 1.61
C ASP C 208 -21.03 -19.49 0.24
N ALA C 209 -20.28 -18.39 0.16
CA ALA C 209 -20.13 -17.69 -1.11
C ALA C 209 -19.24 -18.47 -2.08
N LEU C 210 -18.12 -19.02 -1.60
CA LEU C 210 -17.24 -19.81 -2.44
C LEU C 210 -17.96 -21.01 -2.99
N ALA C 211 -18.77 -21.66 -2.15
CA ALA C 211 -19.63 -22.73 -2.61
C ALA C 211 -20.56 -22.25 -3.73
N ASP C 212 -21.17 -21.09 -3.55
CA ASP C 212 -22.00 -20.51 -4.60
C ASP C 212 -21.19 -20.32 -5.88
N GLY C 213 -19.94 -19.87 -5.76
CA GLY C 213 -19.12 -19.71 -6.94
C GLY C 213 -18.90 -21.05 -7.64
N GLY C 214 -18.54 -22.07 -6.87
CA GLY C 214 -18.43 -23.42 -7.40
C GLY C 214 -19.70 -23.87 -8.10
N VAL C 215 -20.85 -23.69 -7.45
CA VAL C 215 -22.11 -24.13 -8.08
C VAL C 215 -22.34 -23.37 -9.38
N LYS C 216 -22.03 -22.06 -9.39
CA LYS C 216 -22.20 -21.28 -10.61
C LYS C 216 -21.39 -21.87 -11.76
N MET C 217 -20.18 -22.32 -11.48
CA MET C 217 -19.29 -22.84 -12.51
C MET C 217 -19.52 -24.33 -12.81
N GLY C 218 -20.47 -24.97 -12.14
CA GLY C 218 -20.88 -26.32 -12.52
C GLY C 218 -20.73 -27.40 -11.46
N LEU C 219 -20.18 -27.13 -10.23
CA LEU C 219 -20.06 -28.21 -9.25
C LEU C 219 -21.37 -28.43 -8.49
N PRO C 220 -21.66 -29.68 -8.13
CA PRO C 220 -22.74 -29.91 -7.15
C PRO C 220 -22.45 -29.21 -5.81
N ARG C 221 -23.53 -28.77 -5.16
CA ARG C 221 -23.43 -28.04 -3.90
CA ARG C 221 -23.41 -28.03 -3.91
C ARG C 221 -22.56 -28.78 -2.90
N ARG C 222 -22.85 -30.07 -2.68
CA ARG C 222 -22.15 -30.82 -1.63
C ARG C 222 -20.65 -30.85 -1.89
N LEU C 223 -20.25 -31.07 -3.15
CA LEU C 223 -18.84 -31.08 -3.46
C LEU C 223 -18.23 -29.69 -3.31
N ALA C 224 -18.95 -28.64 -3.73
CA ALA C 224 -18.39 -27.30 -3.63
C ALA C 224 -18.16 -26.90 -2.17
N VAL C 225 -19.07 -27.29 -1.26
CA VAL C 225 -18.90 -26.93 0.16
C VAL C 225 -17.67 -27.63 0.73
N ARG C 226 -17.56 -28.93 0.45
CA ARG C 226 -16.45 -29.74 0.96
C ARG C 226 -15.10 -29.22 0.48
N LEU C 227 -15.01 -28.83 -0.79
CA LEU C 227 -13.74 -28.40 -1.33
C LEU C 227 -13.35 -27.02 -0.82
N GLY C 228 -14.34 -26.13 -0.71
CA GLY C 228 -14.05 -24.82 -0.16
C GLY C 228 -13.57 -24.92 1.27
N ALA C 229 -14.34 -25.61 2.11
CA ALA C 229 -13.93 -25.81 3.51
C ALA C 229 -12.56 -26.47 3.59
N GLN C 230 -12.31 -27.46 2.74
CA GLN C 230 -11.00 -28.12 2.77
C GLN C 230 -9.89 -27.17 2.36
N ALA C 231 -10.15 -26.32 1.36
CA ALA C 231 -9.15 -25.35 0.97
C ALA C 231 -8.91 -24.32 2.06
N LEU C 232 -9.99 -23.85 2.72
CA LEU C 232 -9.86 -22.89 3.81
C LEU C 232 -9.04 -23.48 4.94
N LEU C 233 -9.27 -24.76 5.21
CA LEU C 233 -8.61 -25.45 6.32
C LEU C 233 -7.13 -25.64 6.03
N GLY C 234 -6.80 -26.17 4.84
CA GLY C 234 -5.41 -26.40 4.50
C GLY C 234 -4.60 -25.11 4.41
N ALA C 235 -5.22 -24.04 3.89
CA ALA C 235 -4.49 -22.79 3.77
C ALA C 235 -4.16 -22.23 5.15
N ALA C 236 -5.10 -22.33 6.08
CA ALA C 236 -4.84 -21.85 7.44
C ALA C 236 -3.80 -22.69 8.13
N LYS C 237 -3.91 -24.02 7.99
CA LYS C 237 -2.90 -24.87 8.60
C LYS C 237 -1.53 -24.60 8.01
N MET C 238 -1.45 -24.45 6.68
CA MET C 238 -0.20 -24.09 6.04
C MET C 238 0.43 -22.87 6.70
N LEU C 239 -0.37 -21.82 6.86
CA LEU C 239 0.11 -20.61 7.50
C LEU C 239 0.59 -20.90 8.92
N LEU C 240 -0.24 -21.54 9.73
CA LEU C 240 0.12 -21.81 11.12
C LEU C 240 1.43 -22.57 11.24
N HIS C 241 1.72 -23.47 10.30
CA HIS C 241 2.95 -24.27 10.35
C HIS C 241 4.10 -23.63 9.59
N SER C 242 3.85 -22.61 8.78
CA SER C 242 4.91 -21.95 8.02
C SER C 242 5.55 -20.80 8.79
N GLU C 243 6.85 -20.62 8.58
CA GLU C 243 7.49 -19.41 9.08
C GLU C 243 7.00 -18.18 8.33
N GLN C 244 6.68 -18.33 7.05
CA GLN C 244 6.55 -17.21 6.13
C GLN C 244 5.25 -16.42 6.35
N HIS C 245 5.22 -15.26 5.68
CA HIS C 245 4.20 -14.22 5.63
C HIS C 245 3.05 -14.65 4.72
N PRO C 246 1.80 -14.34 5.11
CA PRO C 246 0.66 -14.69 4.23
C PRO C 246 0.83 -14.22 2.79
N GLY C 247 1.45 -13.07 2.56
CA GLY C 247 1.69 -12.63 1.19
C GLY C 247 2.62 -13.57 0.44
N GLN C 248 3.62 -14.12 1.13
CA GLN C 248 4.58 -15.03 0.51
C GLN C 248 3.94 -16.35 0.10
N LEU C 249 3.07 -16.89 0.96
CA LEU C 249 2.38 -18.12 0.60
C LEU C 249 1.48 -17.89 -0.60
N LYS C 250 0.87 -16.70 -0.67
CA LYS C 250 0.04 -16.31 -1.81
C LYS C 250 0.88 -16.25 -3.09
N ASP C 251 2.05 -15.62 -3.03
CA ASP C 251 2.99 -15.66 -4.15
C ASP C 251 3.17 -17.07 -4.69
N ASN C 252 3.49 -18.02 -3.80
CA ASN C 252 3.78 -19.39 -4.21
C ASN C 252 2.58 -20.05 -4.89
N VAL C 253 1.36 -19.60 -4.61
CA VAL C 253 0.23 -20.22 -5.27
C VAL C 253 0.04 -19.69 -6.69
N SER C 254 0.21 -18.38 -6.93
CA SER C 254 -0.16 -17.80 -8.22
C SER C 254 1.04 -17.73 -9.17
N SER C 255 0.96 -18.48 -10.28
CA SER C 255 1.92 -18.48 -11.36
C SER C 255 1.66 -17.34 -12.35
N PRO C 256 2.71 -16.83 -13.00
CA PRO C 256 2.55 -15.71 -13.93
C PRO C 256 1.49 -15.98 -15.01
N GLY C 257 0.58 -15.03 -15.19
CA GLY C 257 -0.48 -15.14 -16.17
C GLY C 257 -1.61 -16.11 -15.84
N GLY C 258 -1.49 -16.89 -14.75
CA GLY C 258 -2.36 -18.00 -14.49
C GLY C 258 -3.71 -17.62 -13.89
N ALA C 259 -4.44 -18.65 -13.46
CA ALA C 259 -5.83 -18.48 -13.04
C ALA C 259 -5.93 -17.78 -11.69
N THR C 260 -5.07 -18.13 -10.75
CA THR C 260 -5.16 -17.59 -9.40
C THR C 260 -4.96 -16.07 -9.40
N ILE C 261 -3.91 -15.60 -10.08
CA ILE C 261 -3.63 -14.17 -10.08
C ILE C 261 -4.78 -13.40 -10.73
N HIS C 262 -5.47 -14.01 -11.71
CA HIS C 262 -6.66 -13.38 -12.27
C HIS C 262 -7.76 -13.25 -11.23
N ALA C 263 -8.04 -14.33 -10.50
CA ALA C 263 -9.06 -14.24 -9.46
C ALA C 263 -8.68 -13.21 -8.40
N LEU C 264 -7.39 -13.17 -8.01
CA LEU C 264 -6.97 -12.24 -6.99
C LEU C 264 -7.21 -10.80 -7.43
N HIS C 265 -7.09 -10.54 -8.74
CA HIS C 265 -7.34 -9.19 -9.22
C HIS C 265 -8.78 -8.81 -9.00
N VAL C 266 -9.73 -9.73 -9.25
CA VAL C 266 -11.13 -9.35 -9.02
C VAL C 266 -11.43 -9.22 -7.52
N LEU C 267 -10.73 -9.95 -6.64
CA LEU C 267 -10.89 -9.66 -5.21
C LEU C 267 -10.40 -8.26 -4.86
N GLU C 268 -9.24 -7.87 -5.41
CA GLU C 268 -8.70 -6.53 -5.16
C GLU C 268 -9.63 -5.43 -5.68
N SER C 269 -10.19 -5.62 -6.87
CA SER C 269 -10.98 -4.54 -7.46
C SER C 269 -12.24 -4.24 -6.66
N GLY C 270 -12.74 -5.22 -5.91
CA GLY C 270 -13.87 -4.95 -5.04
C GLY C 270 -13.50 -4.49 -3.64
N GLY C 271 -12.22 -4.32 -3.34
CA GLY C 271 -11.83 -3.95 -1.99
C GLY C 271 -12.04 -5.06 -0.97
N PHE C 272 -11.72 -6.30 -1.37
CA PHE C 272 -11.86 -7.48 -0.52
C PHE C 272 -11.21 -7.28 0.85
N ARG C 273 -9.94 -6.87 0.84
CA ARG C 273 -9.20 -6.72 2.09
C ARG C 273 -9.89 -5.75 3.02
N SER C 274 -10.34 -4.61 2.47
CA SER C 274 -10.91 -3.57 3.31
C SER C 274 -12.23 -4.01 3.94
N LEU C 275 -12.98 -4.90 3.29
CA LEU C 275 -14.19 -5.41 3.91
C LEU C 275 -13.85 -6.20 5.19
N LEU C 276 -12.84 -7.07 5.11
CA LEU C 276 -12.39 -7.82 6.28
C LEU C 276 -11.91 -6.88 7.39
N ILE C 277 -11.20 -5.81 7.03
CA ILE C 277 -10.81 -4.82 8.03
C ILE C 277 -12.04 -4.13 8.61
N ASN C 278 -12.98 -3.72 7.73
CA ASN C 278 -14.21 -3.11 8.22
C ASN C 278 -14.88 -4.02 9.23
N ALA C 279 -14.91 -5.33 8.95
CA ALA C 279 -15.61 -6.29 9.80
C ALA C 279 -15.00 -6.34 11.20
N VAL C 280 -13.72 -6.70 11.28
CA VAL C 280 -13.04 -6.79 12.57
C VAL C 280 -13.25 -5.50 13.35
N GLU C 281 -13.07 -4.36 12.69
CA GLU C 281 -13.31 -3.06 13.31
C GLU C 281 -14.74 -2.95 13.81
N ALA C 282 -15.73 -3.27 12.98
CA ALA C 282 -17.11 -3.10 13.41
C ALA C 282 -17.41 -3.96 14.62
N SER C 283 -16.96 -5.22 14.61
CA SER C 283 -17.19 -6.12 15.74
C SER C 283 -16.53 -5.58 17.01
N CYS C 284 -15.31 -5.03 16.88
CA CYS C 284 -14.62 -4.51 18.05
C CYS C 284 -15.31 -3.28 18.62
N ILE C 285 -15.62 -2.30 17.77
CA ILE C 285 -16.27 -1.07 18.22
C ILE C 285 -17.60 -1.38 18.90
N ARG C 286 -18.39 -2.25 18.28
CA ARG C 286 -19.68 -2.59 18.87
C ARG C 286 -19.51 -3.24 20.25
N THR C 287 -18.46 -4.06 20.41
CA THR C 287 -18.16 -4.64 21.72
C THR C 287 -17.82 -3.56 22.74
N ARG C 288 -17.02 -2.56 22.34
CA ARG C 288 -16.72 -1.46 23.24
C ARG C 288 -17.95 -0.64 23.57
N GLU C 289 -18.78 -0.40 22.57
CA GLU C 289 -19.98 0.41 22.72
C GLU C 289 -20.98 -0.25 23.66
N LEU C 290 -21.14 -1.57 23.54
CA LEU C 290 -22.04 -2.28 24.45
C LEU C 290 -21.55 -2.19 25.89
N GLN C 291 -20.22 -2.24 26.10
CA GLN C 291 -19.72 -2.18 27.47
C GLN C 291 -19.81 -0.77 28.08
N SER C 292 -19.79 0.29 27.27
CA SER C 292 -20.02 1.64 27.80
C SER C 292 -21.44 1.78 28.33
N MET C 293 -22.42 1.25 27.61
CA MET C 293 -23.80 1.28 28.07
C MET C 293 -23.99 0.39 29.30
N ALA C 294 -23.31 -0.76 29.34
CA ALA C 294 -23.28 -1.56 30.55
C ALA C 294 -22.67 -0.77 31.71
N ASP C 295 -21.51 -0.12 31.48
CA ASP C 295 -20.85 0.64 32.53
C ASP C 295 -21.66 1.86 32.94
N GLN C 296 -22.12 2.66 31.96
CA GLN C 296 -23.02 3.77 32.26
C GLN C 296 -24.21 3.32 33.11
N GLU C 297 -24.78 2.15 32.80
CA GLU C 297 -25.89 1.60 33.58
C GLU C 297 -25.41 0.71 34.75
N ASN D 17 -2.00 -51.80 1.54
CA ASN D 17 -0.81 -50.96 1.56
C ASN D 17 0.22 -51.44 0.54
N LEU D 18 -0.01 -52.65 0.00
CA LEU D 18 0.88 -53.17 -1.05
C LEU D 18 0.89 -52.28 -2.28
N TYR D 19 -0.08 -51.36 -2.40
CA TYR D 19 -0.04 -50.36 -3.45
C TYR D 19 1.25 -49.54 -3.39
N PHE D 20 1.78 -49.31 -2.19
CA PHE D 20 2.95 -48.46 -2.00
C PHE D 20 4.24 -49.23 -1.72
N GLN D 21 4.19 -50.57 -1.66
CA GLN D 21 5.33 -51.40 -1.31
C GLN D 21 6.54 -51.11 -2.21
N SER D 22 6.45 -51.45 -3.49
CA SER D 22 7.54 -51.25 -4.44
C SER D 22 7.32 -50.02 -5.34
N MET D 23 6.29 -49.23 -5.09
CA MET D 23 5.89 -48.16 -6.01
C MET D 23 6.93 -47.05 -6.12
N SER D 24 7.20 -46.61 -7.35
CA SER D 24 8.12 -45.52 -7.61
C SER D 24 7.39 -44.36 -8.28
N VAL D 25 7.64 -43.15 -7.79
CA VAL D 25 6.98 -41.95 -8.30
C VAL D 25 8.03 -41.04 -8.91
N GLY D 26 7.67 -40.36 -9.99
CA GLY D 26 8.50 -39.33 -10.56
C GLY D 26 7.70 -38.07 -10.85
N PHE D 27 8.41 -36.95 -10.82
CA PHE D 27 7.83 -35.65 -11.12
C PHE D 27 8.62 -35.05 -12.27
N ILE D 28 7.92 -34.72 -13.35
CA ILE D 28 8.48 -33.85 -14.38
C ILE D 28 8.27 -32.42 -13.92
N GLY D 29 9.37 -31.71 -13.69
CA GLY D 29 9.30 -30.40 -13.07
C GLY D 29 9.45 -30.52 -11.57
N ALA D 30 10.29 -29.67 -10.97
CA ALA D 30 10.60 -29.80 -9.56
C ALA D 30 10.41 -28.45 -8.87
N GLY D 31 9.18 -27.94 -8.96
CA GLY D 31 8.85 -26.67 -8.33
C GLY D 31 7.90 -26.79 -7.15
N GLN D 32 7.04 -25.77 -6.97
CA GLN D 32 6.14 -25.72 -5.81
C GLN D 32 5.35 -27.02 -5.65
N LEU D 33 4.76 -27.50 -6.75
CA LEU D 33 3.83 -28.61 -6.66
C LEU D 33 4.56 -29.93 -6.38
N ALA D 34 5.61 -30.21 -7.14
CA ALA D 34 6.44 -31.37 -6.86
C ALA D 34 6.87 -31.41 -5.38
N PHE D 35 7.38 -30.29 -4.86
CA PHE D 35 7.85 -30.28 -3.47
C PHE D 35 6.70 -30.47 -2.49
N ALA D 36 5.58 -29.76 -2.68
CA ALA D 36 4.41 -29.96 -1.84
C ALA D 36 3.97 -31.42 -1.82
N LEU D 37 3.89 -32.05 -3.00
CA LEU D 37 3.37 -33.42 -3.05
C LEU D 37 4.38 -34.39 -2.47
N ALA D 38 5.65 -34.22 -2.79
CA ALA D 38 6.68 -35.07 -2.21
C ALA D 38 6.79 -34.84 -0.71
N LYS D 39 6.63 -33.59 -0.25
CA LYS D 39 6.72 -33.30 1.17
C LYS D 39 5.60 -33.98 1.93
N GLY D 40 4.36 -33.89 1.42
CA GLY D 40 3.26 -34.61 2.03
C GLY D 40 3.37 -36.12 1.85
N PHE D 41 3.79 -36.59 0.67
CA PHE D 41 3.94 -38.03 0.46
C PHE D 41 4.93 -38.62 1.46
N THR D 42 6.08 -37.99 1.63
CA THR D 42 7.05 -38.52 2.58
C THR D 42 6.58 -38.33 4.01
N ALA D 43 6.00 -37.16 4.34
CA ALA D 43 5.50 -36.96 5.69
C ALA D 43 4.40 -37.96 6.03
N ALA D 44 3.64 -38.44 5.04
CA ALA D 44 2.61 -39.44 5.28
C ALA D 44 3.18 -40.84 5.39
N GLY D 45 4.43 -41.03 4.97
CA GLY D 45 5.06 -42.33 5.01
C GLY D 45 4.61 -43.29 3.92
N VAL D 46 3.78 -42.86 2.97
CA VAL D 46 3.34 -43.78 1.93
C VAL D 46 4.50 -44.11 0.99
N LEU D 47 5.47 -43.21 0.86
CA LEU D 47 6.63 -43.46 0.02
C LEU D 47 7.87 -42.96 0.74
N ALA D 48 8.97 -43.68 0.59
CA ALA D 48 10.29 -43.22 1.00
C ALA D 48 10.83 -42.22 -0.02
N ALA D 49 11.59 -41.24 0.48
CA ALA D 49 12.11 -40.17 -0.38
C ALA D 49 12.94 -40.73 -1.53
N HIS D 50 13.83 -41.69 -1.24
CA HIS D 50 14.71 -42.17 -2.29
C HIS D 50 13.95 -42.91 -3.40
N LYS D 51 12.73 -43.37 -3.12
CA LYS D 51 11.89 -43.97 -4.15
C LYS D 51 11.22 -42.92 -5.02
N ILE D 52 11.55 -41.65 -4.80
CA ILE D 52 10.97 -40.53 -5.55
C ILE D 52 12.09 -39.87 -6.34
N MET D 53 11.79 -39.49 -7.58
CA MET D 53 12.73 -38.78 -8.43
C MET D 53 12.04 -37.57 -9.02
N ALA D 54 12.71 -36.43 -8.98
CA ALA D 54 12.21 -35.18 -9.55
C ALA D 54 13.24 -34.64 -10.53
N SER D 55 12.78 -34.10 -11.66
CA SER D 55 13.68 -33.58 -12.67
C SER D 55 13.31 -32.15 -13.05
N SER D 56 14.34 -31.37 -13.38
CA SER D 56 14.15 -29.96 -13.72
C SER D 56 15.35 -29.48 -14.50
N PRO D 57 15.17 -28.53 -15.42
CA PRO D 57 16.33 -27.95 -16.12
C PRO D 57 17.18 -27.07 -15.21
N ASP D 58 16.55 -26.13 -14.49
CA ASP D 58 17.26 -25.24 -13.55
C ASP D 58 17.40 -25.98 -12.22
N MET D 59 18.37 -26.90 -12.19
CA MET D 59 18.63 -27.72 -11.01
C MET D 59 18.87 -26.83 -9.79
N ASP D 60 19.99 -26.09 -9.78
CA ASP D 60 20.20 -25.11 -8.72
C ASP D 60 19.05 -24.11 -8.68
N LEU D 61 17.93 -24.52 -8.06
CA LEU D 61 16.75 -23.69 -7.89
C LEU D 61 16.29 -23.78 -6.44
N ALA D 62 15.27 -22.97 -6.11
CA ALA D 62 14.79 -22.88 -4.74
C ALA D 62 14.25 -24.23 -4.25
N THR D 63 13.24 -24.76 -4.95
CA THR D 63 12.56 -25.97 -4.51
C THR D 63 13.36 -27.24 -4.76
N VAL D 64 14.29 -27.23 -5.73
CA VAL D 64 15.08 -28.44 -5.97
C VAL D 64 16.10 -28.66 -4.86
N SER D 65 16.41 -27.62 -4.08
CA SER D 65 17.33 -27.77 -2.94
C SER D 65 16.61 -28.32 -1.72
N ALA D 66 15.34 -27.93 -1.54
CA ALA D 66 14.50 -28.56 -0.52
C ALA D 66 14.32 -30.04 -0.80
N LEU D 67 13.98 -30.39 -2.05
CA LEU D 67 13.78 -31.78 -2.43
C LEU D 67 15.03 -32.62 -2.23
N ARG D 68 16.21 -32.06 -2.45
CA ARG D 68 17.42 -32.86 -2.20
C ARG D 68 17.63 -33.09 -0.72
N LYS D 69 17.31 -32.09 0.11
CA LYS D 69 17.45 -32.24 1.55
C LYS D 69 16.53 -33.34 2.07
N MET D 70 15.32 -33.43 1.52
CA MET D 70 14.41 -34.51 1.88
C MET D 70 14.95 -35.89 1.53
N GLY D 71 15.87 -35.99 0.56
CA GLY D 71 16.40 -37.26 0.12
C GLY D 71 15.88 -37.71 -1.24
N VAL D 72 15.04 -36.90 -1.88
CA VAL D 72 14.57 -37.18 -3.24
C VAL D 72 15.76 -37.24 -4.19
N LYS D 73 15.72 -38.17 -5.13
CA LYS D 73 16.69 -38.16 -6.22
C LYS D 73 16.31 -37.05 -7.20
N LEU D 74 17.30 -36.26 -7.59
CA LEU D 74 17.11 -35.20 -8.57
C LEU D 74 17.91 -35.54 -9.83
N THR D 75 17.54 -34.87 -10.94
CA THR D 75 18.19 -35.08 -12.22
C THR D 75 17.73 -34.00 -13.19
N PRO D 76 18.56 -33.57 -14.14
CA PRO D 76 18.10 -32.64 -15.17
C PRO D 76 17.47 -33.32 -16.38
N HIS D 77 17.31 -34.63 -16.34
CA HIS D 77 16.95 -35.45 -17.48
C HIS D 77 15.55 -36.01 -17.30
N ASN D 78 14.58 -35.40 -17.98
CA ASN D 78 13.20 -35.87 -17.90
C ASN D 78 13.09 -37.36 -18.22
N LYS D 79 13.95 -37.87 -19.11
CA LYS D 79 13.89 -39.28 -19.50
C LYS D 79 14.33 -40.20 -18.35
N GLU D 80 15.32 -39.79 -17.57
CA GLU D 80 15.67 -40.57 -16.39
C GLU D 80 14.50 -40.71 -15.43
N THR D 81 13.66 -39.67 -15.32
CA THR D 81 12.50 -39.76 -14.45
C THR D 81 11.49 -40.77 -15.00
N VAL D 82 11.26 -40.74 -16.32
CA VAL D 82 10.36 -41.69 -16.95
C VAL D 82 10.84 -43.12 -16.72
N GLN D 83 12.14 -43.37 -16.93
CA GLN D 83 12.67 -44.72 -16.71
C GLN D 83 12.57 -45.14 -15.23
N HIS D 84 12.52 -44.19 -14.31
CA HIS D 84 12.43 -44.48 -12.89
C HIS D 84 11.01 -44.75 -12.40
N SER D 85 10.00 -44.10 -12.96
CA SER D 85 8.71 -44.01 -12.28
C SER D 85 7.73 -45.11 -12.69
N ASP D 86 6.86 -45.47 -11.73
CA ASP D 86 5.61 -46.18 -12.00
C ASP D 86 4.49 -45.19 -12.29
N VAL D 87 4.29 -44.24 -11.39
CA VAL D 87 3.39 -43.11 -11.56
C VAL D 87 4.24 -41.88 -11.83
N LEU D 88 3.95 -41.20 -12.92
CA LEU D 88 4.70 -40.03 -13.35
C LEU D 88 3.77 -38.82 -13.29
N PHE D 89 4.01 -37.94 -12.33
CA PHE D 89 3.30 -36.67 -12.27
C PHE D 89 3.92 -35.66 -13.21
N LEU D 90 3.08 -34.89 -13.87
CA LEU D 90 3.54 -33.82 -14.77
C LEU D 90 3.36 -32.52 -13.99
N ALA D 91 4.47 -32.00 -13.48
CA ALA D 91 4.46 -30.87 -12.55
C ALA D 91 5.10 -29.63 -13.19
N VAL D 92 4.82 -29.40 -14.48
CA VAL D 92 5.30 -28.22 -15.19
C VAL D 92 4.10 -27.33 -15.50
N LYS D 93 4.39 -26.10 -15.91
CA LYS D 93 3.32 -25.17 -16.26
C LYS D 93 2.57 -25.70 -17.47
N PRO D 94 1.27 -25.34 -17.62
CA PRO D 94 0.45 -25.95 -18.68
C PRO D 94 1.01 -25.82 -20.08
N HIS D 95 1.53 -24.65 -20.44
CA HIS D 95 2.03 -24.47 -21.79
C HIS D 95 3.29 -25.28 -22.08
N ILE D 96 3.94 -25.86 -21.05
CA ILE D 96 5.10 -26.72 -21.23
C ILE D 96 4.73 -28.18 -21.51
N ILE D 97 3.53 -28.59 -21.11
CA ILE D 97 3.04 -29.96 -21.25
C ILE D 97 3.26 -30.50 -22.66
N PRO D 98 2.77 -29.85 -23.72
CA PRO D 98 3.03 -30.43 -25.05
C PRO D 98 4.50 -30.49 -25.38
N PHE D 99 5.27 -29.48 -24.99
CA PHE D 99 6.71 -29.52 -25.19
C PHE D 99 7.31 -30.72 -24.47
N ILE D 100 6.78 -31.05 -23.29
CA ILE D 100 7.29 -32.19 -22.52
C ILE D 100 6.81 -33.50 -23.13
N LEU D 101 5.55 -33.56 -23.55
CA LEU D 101 5.00 -34.80 -24.09
C LEU D 101 5.69 -35.21 -25.38
N ASP D 102 6.10 -34.24 -26.19
CA ASP D 102 6.87 -34.57 -27.38
C ASP D 102 8.24 -35.14 -27.01
N GLU D 103 8.81 -34.70 -25.89
CA GLU D 103 10.15 -35.11 -25.49
C GLU D 103 10.17 -36.56 -25.03
N ILE D 104 9.39 -36.89 -24.01
CA ILE D 104 9.44 -38.20 -23.39
C ILE D 104 8.38 -39.12 -23.93
N GLY D 105 7.57 -38.66 -24.88
CA GLY D 105 6.48 -39.48 -25.38
C GLY D 105 6.94 -40.84 -25.85
N ALA D 106 8.00 -40.87 -26.66
CA ALA D 106 8.51 -42.16 -27.12
C ALA D 106 9.06 -43.02 -25.98
N ASP D 107 9.13 -42.47 -24.75
CA ASP D 107 9.60 -43.22 -23.58
C ASP D 107 8.47 -43.77 -22.72
N ILE D 108 7.26 -43.20 -22.79
CA ILE D 108 6.15 -43.72 -21.99
C ILE D 108 5.87 -45.14 -22.42
N GLU D 109 6.00 -46.09 -21.49
CA GLU D 109 5.69 -47.48 -21.79
C GLU D 109 4.31 -47.85 -21.22
N ASP D 110 3.89 -49.09 -21.49
CA ASP D 110 2.58 -49.53 -21.05
C ASP D 110 2.46 -49.54 -19.53
N ARG D 111 3.57 -49.73 -18.82
CA ARG D 111 3.61 -49.83 -17.38
C ARG D 111 3.43 -48.49 -16.67
N HIS D 112 3.31 -47.40 -17.41
CA HIS D 112 3.28 -46.08 -16.80
C HIS D 112 1.88 -45.63 -16.50
N ILE D 113 1.74 -44.89 -15.41
CA ILE D 113 0.57 -44.07 -15.15
C ILE D 113 1.01 -42.62 -15.20
N VAL D 114 0.61 -41.91 -16.23
CA VAL D 114 0.91 -40.49 -16.35
C VAL D 114 -0.18 -39.71 -15.65
N VAL D 115 0.20 -38.82 -14.73
CA VAL D 115 -0.76 -38.06 -13.95
C VAL D 115 -0.51 -36.59 -14.23
N SER D 116 -1.43 -35.95 -14.92
CA SER D 116 -1.25 -34.55 -15.21
C SER D 116 -1.79 -33.70 -14.07
N CYS D 117 -0.98 -32.74 -13.62
CA CYS D 117 -1.38 -31.78 -12.61
C CYS D 117 -1.60 -30.40 -13.18
N ALA D 118 -1.21 -30.17 -14.43
CA ALA D 118 -1.31 -28.85 -15.01
C ALA D 118 -2.75 -28.37 -15.00
N ALA D 119 -2.95 -27.10 -14.65
CA ALA D 119 -4.29 -26.54 -14.67
C ALA D 119 -4.83 -26.48 -16.11
N GLY D 120 -6.09 -26.85 -16.29
CA GLY D 120 -6.74 -26.73 -17.57
C GLY D 120 -6.51 -27.85 -18.57
N VAL D 121 -5.35 -28.53 -18.50
CA VAL D 121 -4.92 -29.39 -19.59
C VAL D 121 -5.76 -30.66 -19.64
N THR D 122 -6.45 -30.86 -20.75
CA THR D 122 -7.39 -31.95 -20.91
C THR D 122 -6.71 -33.30 -21.10
N ILE D 123 -7.41 -34.36 -20.67
CA ILE D 123 -6.96 -35.72 -20.94
C ILE D 123 -6.88 -35.97 -22.43
N SER D 124 -7.74 -35.30 -23.20
CA SER D 124 -7.70 -35.46 -24.65
C SER D 124 -6.35 -35.02 -25.22
N SER D 125 -5.87 -33.84 -24.83
CA SER D 125 -4.64 -33.31 -25.40
C SER D 125 -3.44 -34.21 -25.09
N ILE D 126 -3.39 -34.76 -23.87
CA ILE D 126 -2.28 -35.63 -23.47
C ILE D 126 -2.36 -36.96 -24.20
N GLU D 127 -3.56 -37.55 -24.24
CA GLU D 127 -3.73 -38.83 -24.91
C GLU D 127 -3.46 -38.72 -26.41
N LYS D 128 -3.96 -37.66 -27.05
CA LYS D 128 -3.66 -37.44 -28.47
C LYS D 128 -2.16 -37.42 -28.71
N LYS D 129 -1.40 -36.70 -27.88
CA LYS D 129 0.05 -36.63 -28.08
C LYS D 129 0.70 -37.99 -27.81
N LEU D 130 0.40 -38.60 -26.66
CA LEU D 130 1.08 -39.85 -26.29
C LEU D 130 0.63 -41.03 -27.16
N SER D 131 -0.63 -41.06 -27.63
CA SER D 131 -1.07 -42.19 -28.45
C SER D 131 -0.41 -42.23 -29.82
N ALA D 132 0.25 -41.15 -30.25
CA ALA D 132 1.05 -41.25 -31.47
C ALA D 132 2.35 -42.03 -31.26
N PHE D 133 2.57 -42.57 -30.06
CA PHE D 133 3.71 -43.43 -29.78
C PHE D 133 3.20 -44.82 -29.41
N ARG D 134 2.94 -45.05 -28.12
CA ARG D 134 2.29 -46.31 -27.79
C ARG D 134 0.78 -46.11 -27.75
N PRO D 135 -0.01 -47.08 -28.22
CA PRO D 135 -1.42 -46.82 -28.53
C PRO D 135 -2.31 -46.47 -27.34
N ALA D 136 -2.06 -47.01 -26.14
CA ALA D 136 -3.00 -46.88 -25.03
C ALA D 136 -2.32 -46.29 -23.79
N PRO D 137 -2.01 -45.00 -23.80
CA PRO D 137 -1.46 -44.38 -22.59
C PRO D 137 -2.49 -44.34 -21.48
N ARG D 138 -2.06 -44.68 -20.26
CA ARG D 138 -2.88 -44.57 -19.06
C ARG D 138 -2.70 -43.17 -18.48
N VAL D 139 -3.69 -42.31 -18.67
CA VAL D 139 -3.61 -40.91 -18.27
C VAL D 139 -4.65 -40.66 -17.19
N ILE D 140 -4.25 -39.96 -16.13
CA ILE D 140 -5.12 -39.49 -15.07
C ILE D 140 -4.88 -37.98 -14.92
N ARG D 141 -5.95 -37.20 -14.83
CA ARG D 141 -5.83 -35.76 -14.64
C ARG D 141 -6.23 -35.42 -13.21
N CYS D 142 -5.44 -34.60 -12.55
CA CYS D 142 -5.82 -34.20 -11.20
C CYS D 142 -5.73 -32.68 -11.05
N MET D 143 -6.48 -32.18 -10.08
CA MET D 143 -6.30 -30.81 -9.60
C MET D 143 -6.13 -30.89 -8.10
N THR D 144 -5.05 -30.33 -7.60
CA THR D 144 -4.80 -30.33 -6.17
C THR D 144 -4.38 -28.93 -5.75
N ASN D 145 -3.83 -28.78 -4.54
CA ASN D 145 -3.39 -27.47 -4.07
C ASN D 145 -2.22 -27.64 -3.12
N THR D 146 -1.61 -26.52 -2.75
CA THR D 146 -0.37 -26.62 -1.97
C THR D 146 -0.56 -27.19 -0.56
N PRO D 147 -1.72 -27.03 0.11
CA PRO D 147 -1.89 -27.63 1.45
C PRO D 147 -1.65 -29.16 1.57
N VAL D 148 -1.42 -29.89 0.48
CA VAL D 148 -0.94 -31.27 0.60
C VAL D 148 0.40 -31.29 1.34
N VAL D 149 1.13 -30.18 1.31
CA VAL D 149 2.42 -30.10 1.99
C VAL D 149 2.26 -30.24 3.50
N VAL D 150 1.11 -29.85 4.05
CA VAL D 150 0.76 -30.16 5.44
C VAL D 150 -0.32 -31.24 5.48
N ARG D 151 -0.45 -31.99 4.37
CA ARG D 151 -1.34 -33.14 4.25
C ARG D 151 -2.80 -32.77 4.48
N GLU D 152 -3.18 -31.59 4.04
CA GLU D 152 -4.57 -31.13 4.12
C GLU D 152 -5.03 -30.63 2.76
N GLY D 153 -4.57 -31.30 1.69
CA GLY D 153 -4.93 -30.88 0.36
C GLY D 153 -6.38 -31.16 0.02
N ALA D 154 -6.83 -30.53 -1.05
CA ALA D 154 -8.10 -30.81 -1.70
C ALA D 154 -7.79 -31.26 -3.12
N THR D 155 -8.06 -32.53 -3.42
CA THR D 155 -7.71 -33.12 -4.72
C THR D 155 -8.93 -33.79 -5.36
N VAL D 156 -9.13 -33.54 -6.66
CA VAL D 156 -10.03 -34.36 -7.46
C VAL D 156 -9.21 -34.95 -8.59
N TYR D 157 -9.75 -36.01 -9.20
CA TYR D 157 -9.08 -36.60 -10.34
C TYR D 157 -10.11 -37.23 -11.25
N ALA D 158 -9.77 -37.29 -12.55
CA ALA D 158 -10.53 -37.98 -13.58
C ALA D 158 -9.61 -38.95 -14.30
N THR D 159 -10.11 -40.17 -14.52
CA THR D 159 -9.38 -41.21 -15.23
C THR D 159 -9.60 -41.10 -16.72
N GLY D 160 -8.55 -41.36 -17.49
CA GLY D 160 -8.61 -41.30 -18.94
C GLY D 160 -9.22 -42.55 -19.56
N THR D 161 -9.13 -42.61 -20.90
CA THR D 161 -9.75 -43.67 -21.69
C THR D 161 -9.20 -45.05 -21.31
N HIS D 162 -7.89 -45.13 -21.09
CA HIS D 162 -7.19 -46.39 -20.89
C HIS D 162 -6.80 -46.64 -19.44
N ALA D 163 -7.11 -45.71 -18.55
CA ALA D 163 -6.90 -45.93 -17.12
C ALA D 163 -7.72 -47.10 -16.60
N GLN D 164 -7.06 -48.24 -16.33
CA GLN D 164 -7.65 -49.42 -15.69
C GLN D 164 -8.41 -49.10 -14.40
N VAL D 165 -9.17 -50.08 -13.87
CA VAL D 165 -9.97 -49.82 -12.67
C VAL D 165 -9.06 -49.63 -11.47
N GLU D 166 -8.07 -50.51 -11.31
CA GLU D 166 -7.12 -50.38 -10.21
C GLU D 166 -6.33 -49.07 -10.27
N ASP D 167 -6.17 -48.48 -11.47
CA ASP D 167 -5.36 -47.26 -11.58
C ASP D 167 -5.98 -46.12 -10.79
N GLY D 168 -7.31 -45.98 -10.89
CA GLY D 168 -8.01 -45.01 -10.05
C GLY D 168 -7.99 -45.37 -8.58
N ARG D 169 -7.99 -46.68 -8.26
CA ARG D 169 -7.89 -47.11 -6.87
C ARG D 169 -6.54 -46.73 -6.27
N LEU D 170 -5.46 -46.94 -7.03
CA LEU D 170 -4.13 -46.53 -6.53
C LEU D 170 -4.04 -45.01 -6.42
N MET D 171 -4.51 -44.28 -7.44
CA MET D 171 -4.40 -42.82 -7.40
C MET D 171 -5.17 -42.23 -6.24
N GLU D 172 -6.35 -42.78 -5.95
CA GLU D 172 -7.12 -42.29 -4.82
C GLU D 172 -6.39 -42.58 -3.51
N GLN D 173 -5.88 -43.79 -3.36
CA GLN D 173 -5.11 -44.11 -2.16
C GLN D 173 -3.90 -43.19 -2.03
N LEU D 174 -3.20 -42.92 -3.12
CA LEU D 174 -2.00 -42.09 -3.02
C LEU D 174 -2.34 -40.67 -2.57
N LEU D 175 -3.35 -40.06 -3.18
CA LEU D 175 -3.64 -38.66 -2.87
C LEU D 175 -4.49 -38.49 -1.63
N SER D 176 -5.15 -39.54 -1.14
CA SER D 176 -5.86 -39.47 0.12
C SER D 176 -4.91 -39.44 1.31
N SER D 177 -3.64 -39.78 1.11
CA SER D 177 -2.69 -39.70 2.20
C SER D 177 -2.30 -38.25 2.50
N VAL D 178 -2.58 -37.33 1.59
CA VAL D 178 -2.21 -35.94 1.78
C VAL D 178 -3.44 -35.02 1.80
N GLY D 179 -4.62 -35.58 2.01
CA GLY D 179 -5.81 -34.76 2.15
C GLY D 179 -7.02 -35.47 1.60
N PHE D 180 -8.07 -34.68 1.37
CA PHE D 180 -9.27 -35.16 0.72
C PHE D 180 -9.01 -35.47 -0.75
N CYS D 181 -9.56 -36.59 -1.22
CA CYS D 181 -9.46 -37.03 -2.60
C CYS D 181 -10.79 -37.67 -3.01
N THR D 182 -11.29 -37.31 -4.19
CA THR D 182 -12.48 -37.96 -4.72
C THR D 182 -12.42 -37.93 -6.24
N GLU D 183 -13.05 -38.91 -6.87
CA GLU D 183 -13.13 -38.93 -8.32
C GLU D 183 -14.22 -37.99 -8.83
N VAL D 184 -13.97 -37.38 -9.99
CA VAL D 184 -14.95 -36.52 -10.64
C VAL D 184 -14.92 -36.80 -12.15
N GLU D 185 -16.01 -36.41 -12.82
CA GLU D 185 -16.00 -36.36 -14.27
C GLU D 185 -15.13 -35.20 -14.71
N GLU D 186 -14.47 -35.35 -15.86
CA GLU D 186 -13.43 -34.40 -16.22
C GLU D 186 -13.96 -32.98 -16.37
N ASP D 187 -15.20 -32.83 -16.81
CA ASP D 187 -15.67 -31.49 -17.15
C ASP D 187 -15.88 -30.59 -15.93
N LEU D 188 -15.70 -31.10 -14.71
CA LEU D 188 -15.74 -30.30 -13.50
C LEU D 188 -14.38 -29.76 -13.09
N ILE D 189 -13.28 -30.24 -13.67
CA ILE D 189 -11.98 -29.97 -13.05
C ILE D 189 -11.61 -28.50 -13.17
N ASP D 190 -12.09 -27.81 -14.18
CA ASP D 190 -11.77 -26.39 -14.29
C ASP D 190 -12.47 -25.57 -13.21
N ALA D 191 -13.68 -25.98 -12.81
CA ALA D 191 -14.40 -25.28 -11.76
C ALA D 191 -13.81 -25.60 -10.40
N VAL D 192 -13.33 -26.83 -10.22
CA VAL D 192 -12.58 -27.15 -9.02
C VAL D 192 -11.31 -26.30 -8.92
N THR D 193 -10.67 -26.02 -10.08
CA THR D 193 -9.45 -25.22 -10.07
C THR D 193 -9.73 -23.82 -9.54
N GLY D 194 -10.86 -23.21 -9.93
CA GLY D 194 -11.19 -21.91 -9.40
C GLY D 194 -11.58 -21.93 -7.93
N LEU D 195 -12.03 -23.07 -7.42
CA LEU D 195 -12.53 -23.14 -6.04
C LEU D 195 -11.41 -23.55 -5.11
N SER D 196 -10.95 -24.81 -5.21
CA SER D 196 -9.93 -25.26 -4.27
C SER D 196 -8.50 -25.17 -4.79
N GLY D 197 -8.28 -25.18 -6.10
CA GLY D 197 -6.91 -25.00 -6.60
C GLY D 197 -6.37 -23.61 -6.32
N SER D 198 -7.15 -22.59 -6.68
CA SER D 198 -6.89 -21.21 -6.28
C SER D 198 -7.36 -20.89 -4.87
N GLY D 199 -8.17 -21.75 -4.25
CA GLY D 199 -8.68 -21.49 -2.91
C GLY D 199 -7.68 -20.93 -1.90
N PRO D 200 -6.53 -21.61 -1.74
CA PRO D 200 -5.58 -21.14 -0.71
C PRO D 200 -5.17 -19.68 -0.88
N ALA D 201 -4.99 -19.19 -2.11
CA ALA D 201 -4.63 -17.79 -2.29
C ALA D 201 -5.72 -16.85 -1.79
N TYR D 202 -7.00 -17.22 -1.96
CA TYR D 202 -8.08 -16.42 -1.40
C TYR D 202 -7.98 -16.37 0.13
N ALA D 203 -7.72 -17.53 0.76
CA ALA D 203 -7.58 -17.58 2.22
C ALA D 203 -6.39 -16.74 2.70
N PHE D 204 -5.28 -16.75 1.95
CA PHE D 204 -4.10 -16.00 2.40
C PHE D 204 -4.32 -14.50 2.30
N THR D 205 -5.03 -14.04 1.26
CA THR D 205 -5.45 -12.64 1.17
C THR D 205 -6.38 -12.28 2.33
N ALA D 206 -7.36 -13.15 2.60
CA ALA D 206 -8.26 -12.92 3.72
C ALA D 206 -7.51 -12.87 5.04
N LEU D 207 -6.64 -13.86 5.30
CA LEU D 207 -5.90 -13.90 6.57
C LEU D 207 -5.01 -12.67 6.72
N ASP D 208 -4.37 -12.25 5.63
CA ASP D 208 -3.55 -11.05 5.70
C ASP D 208 -4.40 -9.85 6.13
N ALA D 209 -5.62 -9.75 5.62
CA ALA D 209 -6.45 -8.57 5.85
C ALA D 209 -7.14 -8.61 7.22
N LEU D 210 -7.58 -9.79 7.65
CA LEU D 210 -8.06 -9.94 9.01
C LEU D 210 -7.00 -9.49 10.00
N ALA D 211 -5.74 -9.82 9.73
CA ALA D 211 -4.66 -9.41 10.62
C ALA D 211 -4.49 -7.91 10.61
N ASP D 212 -4.59 -7.27 9.44
CA ASP D 212 -4.58 -5.82 9.38
C ASP D 212 -5.68 -5.23 10.26
N GLY D 213 -6.89 -5.80 10.16
CA GLY D 213 -7.96 -5.36 11.03
C GLY D 213 -7.61 -5.55 12.48
N GLY D 214 -7.14 -6.75 12.84
CA GLY D 214 -6.70 -6.98 14.19
C GLY D 214 -5.66 -5.98 14.64
N VAL D 215 -4.70 -5.68 13.76
CA VAL D 215 -3.67 -4.70 14.09
C VAL D 215 -4.28 -3.31 14.24
N LYS D 216 -5.21 -2.95 13.35
CA LYS D 216 -5.86 -1.65 13.44
C LYS D 216 -6.58 -1.46 14.78
N MET D 217 -7.12 -2.53 15.34
CA MET D 217 -7.82 -2.45 16.61
C MET D 217 -6.90 -2.62 17.83
N GLY D 218 -5.58 -2.73 17.64
CA GLY D 218 -4.65 -2.74 18.76
C GLY D 218 -3.94 -4.06 19.03
N LEU D 219 -4.13 -5.12 18.20
CA LEU D 219 -3.43 -6.39 18.43
C LEU D 219 -2.02 -6.35 17.83
N PRO D 220 -1.04 -6.97 18.51
CA PRO D 220 0.25 -7.23 17.85
C PRO D 220 0.05 -8.08 16.61
N ARG D 221 0.84 -7.77 15.56
CA ARG D 221 0.67 -8.46 14.29
CA ARG D 221 0.69 -8.46 14.29
C ARG D 221 0.83 -9.97 14.45
N ARG D 222 1.82 -10.41 15.24
CA ARG D 222 2.04 -11.84 15.41
C ARG D 222 0.80 -12.50 15.99
N LEU D 223 0.22 -11.88 17.03
CA LEU D 223 -0.95 -12.46 17.65
C LEU D 223 -2.16 -12.40 16.72
N ALA D 224 -2.32 -11.30 15.98
CA ALA D 224 -3.45 -11.20 15.05
C ALA D 224 -3.37 -12.25 13.93
N VAL D 225 -2.17 -12.52 13.42
CA VAL D 225 -2.00 -13.54 12.39
C VAL D 225 -2.37 -14.93 12.93
N ARG D 226 -1.79 -15.30 14.08
CA ARG D 226 -2.12 -16.57 14.72
C ARG D 226 -3.62 -16.71 14.92
N LEU D 227 -4.27 -15.65 15.41
CA LEU D 227 -5.66 -15.77 15.83
C LEU D 227 -6.60 -15.91 14.64
N GLY D 228 -6.37 -15.11 13.58
CA GLY D 228 -7.24 -15.20 12.42
C GLY D 228 -7.11 -16.53 11.69
N ALA D 229 -5.89 -17.03 11.53
CA ALA D 229 -5.66 -18.34 10.95
C ALA D 229 -6.31 -19.45 11.79
N GLN D 230 -6.11 -19.42 13.10
CA GLN D 230 -6.79 -20.38 13.96
C GLN D 230 -8.31 -20.29 13.78
N ALA D 231 -8.84 -19.07 13.63
CA ALA D 231 -10.27 -18.88 13.48
C ALA D 231 -10.78 -19.46 12.18
N LEU D 232 -10.05 -19.27 11.08
CA LEU D 232 -10.45 -19.88 9.79
C LEU D 232 -10.28 -21.39 9.83
N LEU D 233 -9.18 -21.87 10.44
CA LEU D 233 -9.01 -23.30 10.62
C LEU D 233 -10.18 -23.90 11.37
N GLY D 234 -10.49 -23.36 12.55
CA GLY D 234 -11.54 -23.96 13.35
C GLY D 234 -12.91 -23.89 12.69
N ALA D 235 -13.18 -22.81 11.96
CA ALA D 235 -14.48 -22.67 11.31
C ALA D 235 -14.63 -23.67 10.18
N ALA D 236 -13.61 -23.78 9.32
CA ALA D 236 -13.62 -24.79 8.26
C ALA D 236 -13.73 -26.18 8.86
N LYS D 237 -13.04 -26.43 9.97
CA LYS D 237 -13.11 -27.76 10.55
C LYS D 237 -14.49 -28.04 11.11
N MET D 238 -15.14 -27.02 11.69
CA MET D 238 -16.50 -27.18 12.18
C MET D 238 -17.45 -27.56 11.05
N LEU D 239 -17.32 -26.89 9.91
CA LEU D 239 -18.20 -27.14 8.77
C LEU D 239 -18.04 -28.58 8.27
N LEU D 240 -16.80 -29.02 8.08
CA LEU D 240 -16.56 -30.38 7.60
C LEU D 240 -17.16 -31.43 8.53
N HIS D 241 -17.20 -31.19 9.85
CA HIS D 241 -17.71 -32.19 10.79
C HIS D 241 -19.18 -31.98 11.16
N SER D 242 -19.84 -30.97 10.60
CA SER D 242 -21.20 -30.62 10.92
C SER D 242 -22.17 -31.14 9.87
N GLU D 243 -23.36 -31.52 10.32
CA GLU D 243 -24.41 -31.96 9.41
C GLU D 243 -25.27 -30.79 8.90
N GLN D 244 -24.78 -29.55 9.02
CA GLN D 244 -25.65 -28.39 8.97
C GLN D 244 -25.16 -27.34 7.98
N HIS D 245 -26.11 -26.53 7.54
CA HIS D 245 -25.84 -25.55 6.50
C HIS D 245 -24.93 -24.45 7.03
N PRO D 246 -23.95 -24.00 6.24
CA PRO D 246 -23.10 -22.88 6.67
C PRO D 246 -23.87 -21.69 7.21
N GLY D 247 -25.12 -21.51 6.76
CA GLY D 247 -25.93 -20.43 7.30
C GLY D 247 -26.35 -20.66 8.74
N GLN D 248 -26.78 -21.88 9.06
CA GLN D 248 -27.11 -22.18 10.45
C GLN D 248 -25.92 -21.93 11.36
N LEU D 249 -24.72 -22.30 10.93
CA LEU D 249 -23.59 -22.14 11.82
C LEU D 249 -23.30 -20.67 12.09
N LYS D 250 -23.41 -19.82 11.06
CA LYS D 250 -23.25 -18.37 11.27
C LYS D 250 -24.37 -17.84 12.15
N ASP D 251 -25.60 -18.33 11.95
CA ASP D 251 -26.69 -18.00 12.87
C ASP D 251 -26.33 -18.33 14.32
N ASN D 252 -25.66 -19.46 14.54
CA ASN D 252 -25.33 -19.82 15.92
C ASN D 252 -24.35 -18.82 16.54
N VAL D 253 -23.51 -18.19 15.72
CA VAL D 253 -22.45 -17.34 16.26
C VAL D 253 -22.92 -15.91 16.53
N SER D 254 -23.92 -15.42 15.80
CA SER D 254 -24.32 -14.02 15.91
C SER D 254 -25.53 -13.93 16.83
N SER D 255 -25.28 -13.47 18.05
CA SER D 255 -26.36 -13.21 18.98
C SER D 255 -27.03 -11.85 18.68
N PRO D 256 -28.31 -11.71 19.01
CA PRO D 256 -29.05 -10.47 18.71
C PRO D 256 -28.34 -9.21 19.17
N GLY D 257 -28.27 -8.20 18.28
CA GLY D 257 -27.67 -6.90 18.55
C GLY D 257 -26.16 -6.89 18.79
N GLY D 258 -25.52 -8.05 18.57
CA GLY D 258 -24.18 -8.29 19.04
C GLY D 258 -23.11 -7.82 18.08
N ALA D 259 -21.86 -7.98 18.53
CA ALA D 259 -20.72 -7.58 17.73
C ALA D 259 -20.72 -8.27 16.38
N THR D 260 -21.04 -9.56 16.35
CA THR D 260 -20.82 -10.34 15.14
C THR D 260 -21.83 -9.99 14.05
N ILE D 261 -23.11 -9.89 14.42
CA ILE D 261 -24.11 -9.49 13.42
C ILE D 261 -23.82 -8.09 12.90
N HIS D 262 -23.22 -7.22 13.71
CA HIS D 262 -22.82 -5.92 13.20
C HIS D 262 -21.72 -6.05 12.14
N ALA D 263 -20.74 -6.92 12.40
CA ALA D 263 -19.63 -7.11 11.47
C ALA D 263 -20.10 -7.78 10.18
N LEU D 264 -21.04 -8.73 10.28
CA LEU D 264 -21.62 -9.33 9.09
C LEU D 264 -22.31 -8.29 8.21
N HIS D 265 -22.92 -7.27 8.82
CA HIS D 265 -23.55 -6.25 7.99
C HIS D 265 -22.53 -5.50 7.14
N VAL D 266 -21.40 -5.08 7.71
CA VAL D 266 -20.45 -4.36 6.86
C VAL D 266 -19.90 -5.28 5.76
N LEU D 267 -19.77 -6.58 6.02
CA LEU D 267 -19.39 -7.48 4.93
C LEU D 267 -20.43 -7.48 3.82
N GLU D 268 -21.72 -7.58 4.19
CA GLU D 268 -22.80 -7.52 3.20
C GLU D 268 -22.82 -6.18 2.46
N SER D 269 -22.50 -5.08 3.15
CA SER D 269 -22.60 -3.79 2.47
C SER D 269 -21.50 -3.61 1.44
N GLY D 270 -20.38 -4.32 1.58
CA GLY D 270 -19.41 -4.29 0.51
C GLY D 270 -19.59 -5.32 -0.59
N GLY D 271 -20.61 -6.19 -0.51
CA GLY D 271 -20.75 -7.26 -1.49
C GLY D 271 -19.69 -8.34 -1.33
N PHE D 272 -19.32 -8.66 -0.09
CA PHE D 272 -18.29 -9.66 0.22
C PHE D 272 -18.58 -10.99 -0.47
N ARG D 273 -19.83 -11.47 -0.38
CA ARG D 273 -20.17 -12.75 -1.00
C ARG D 273 -19.90 -12.74 -2.49
N SER D 274 -20.26 -11.66 -3.17
CA SER D 274 -20.13 -11.65 -4.62
C SER D 274 -18.68 -11.56 -5.06
N LEU D 275 -17.81 -10.97 -4.24
CA LEU D 275 -16.41 -10.92 -4.60
C LEU D 275 -15.83 -12.32 -4.69
N LEU D 276 -16.21 -13.21 -3.77
CA LEU D 276 -15.69 -14.58 -3.83
C LEU D 276 -16.32 -15.36 -4.96
N ILE D 277 -17.55 -15.02 -5.34
CA ILE D 277 -18.14 -15.64 -6.52
C ILE D 277 -17.39 -15.16 -7.76
N ASN D 278 -17.14 -13.86 -7.86
CA ASN D 278 -16.34 -13.32 -8.96
C ASN D 278 -15.01 -14.04 -9.04
N ALA D 279 -14.40 -14.31 -7.89
CA ALA D 279 -13.07 -14.89 -7.87
C ALA D 279 -13.08 -16.30 -8.45
N VAL D 280 -13.89 -17.19 -7.87
CA VAL D 280 -13.99 -18.55 -8.39
C VAL D 280 -14.28 -18.51 -9.88
N GLU D 281 -15.14 -17.58 -10.29
CA GLU D 281 -15.52 -17.49 -11.69
C GLU D 281 -14.35 -17.03 -12.54
N ALA D 282 -13.62 -16.03 -12.09
CA ALA D 282 -12.51 -15.52 -12.89
C ALA D 282 -11.45 -16.59 -13.07
N SER D 283 -11.18 -17.36 -12.02
CA SER D 283 -10.19 -18.42 -12.10
C SER D 283 -10.61 -19.51 -13.07
N CYS D 284 -11.84 -20.02 -12.91
CA CYS D 284 -12.35 -21.05 -13.80
C CYS D 284 -12.34 -20.57 -15.26
N ILE D 285 -12.78 -19.33 -15.50
CA ILE D 285 -12.82 -18.81 -16.86
C ILE D 285 -11.42 -18.67 -17.45
N ARG D 286 -10.48 -18.18 -16.66
CA ARG D 286 -9.09 -18.13 -17.13
C ARG D 286 -8.53 -19.53 -17.42
N THR D 287 -8.86 -20.51 -16.59
CA THR D 287 -8.41 -21.88 -16.86
C THR D 287 -8.93 -22.40 -18.20
N ARG D 288 -10.22 -22.16 -18.49
CA ARG D 288 -10.78 -22.59 -19.76
C ARG D 288 -10.17 -21.80 -20.93
N GLU D 289 -10.00 -20.49 -20.74
CA GLU D 289 -9.46 -19.64 -21.81
C GLU D 289 -8.04 -20.06 -22.18
N LEU D 290 -7.22 -20.39 -21.18
CA LEU D 290 -5.86 -20.85 -21.46
C LEU D 290 -5.88 -22.15 -22.23
N GLN D 291 -6.80 -23.04 -21.90
CA GLN D 291 -6.86 -24.32 -22.60
C GLN D 291 -7.44 -24.17 -24.00
N SER D 292 -8.34 -23.22 -24.22
CA SER D 292 -8.85 -23.02 -25.57
C SER D 292 -7.80 -22.35 -26.47
N MET D 293 -6.88 -21.57 -25.88
CA MET D 293 -5.77 -21.00 -26.63
C MET D 293 -4.70 -22.04 -26.92
N ALA D 294 -4.45 -22.96 -25.98
CA ALA D 294 -3.51 -24.05 -26.24
C ALA D 294 -4.08 -25.03 -27.28
N ASP D 295 -5.39 -25.27 -27.24
CA ASP D 295 -6.05 -26.13 -28.22
C ASP D 295 -5.96 -25.55 -29.64
N GLN D 296 -6.04 -24.21 -29.77
CA GLN D 296 -5.85 -23.58 -31.08
C GLN D 296 -4.47 -23.92 -31.65
N GLU D 297 -3.41 -23.59 -30.93
CA GLU D 297 -2.04 -23.94 -31.32
C GLU D 297 -1.73 -25.43 -31.10
N PHE E 20 -3.68 60.84 -7.79
CA PHE E 20 -3.83 59.52 -8.41
C PHE E 20 -2.57 59.09 -9.16
N GLN E 21 -1.70 60.07 -9.46
CA GLN E 21 -0.43 59.79 -10.12
C GLN E 21 0.76 59.84 -9.17
N SER E 22 0.61 60.43 -7.98
CA SER E 22 1.65 60.47 -6.97
C SER E 22 1.50 59.36 -5.94
N MET E 23 0.66 58.36 -6.23
CA MET E 23 0.25 57.40 -5.22
C MET E 23 1.39 56.44 -4.88
N SER E 24 1.47 56.09 -3.60
CA SER E 24 2.47 55.17 -3.06
C SER E 24 1.79 53.91 -2.55
N VAL E 25 2.16 52.76 -3.10
CA VAL E 25 1.60 51.46 -2.73
C VAL E 25 2.68 50.63 -2.04
N GLY E 26 2.28 49.83 -1.05
CA GLY E 26 3.20 48.92 -0.40
C GLY E 26 2.56 47.59 -0.08
N PHE E 27 3.40 46.56 0.04
CA PHE E 27 2.94 45.19 0.27
C PHE E 27 3.60 44.62 1.51
N ILE E 28 2.81 44.29 2.53
CA ILE E 28 3.31 43.47 3.62
C ILE E 28 3.22 42.01 3.17
N GLY E 29 4.36 41.35 3.06
CA GLY E 29 4.41 40.06 2.41
C GLY E 29 4.83 40.19 0.96
N ALA E 30 5.96 39.60 0.59
CA ALA E 30 6.49 39.77 -0.76
C ALA E 30 6.47 38.46 -1.51
N GLY E 31 5.30 37.84 -1.63
CA GLY E 31 5.16 36.51 -2.20
C GLY E 31 4.32 36.40 -3.47
N GLN E 32 3.59 35.30 -3.63
CA GLN E 32 2.85 35.07 -4.86
C GLN E 32 1.91 36.23 -5.20
N LEU E 33 1.07 36.62 -4.24
CA LEU E 33 0.05 37.64 -4.53
C LEU E 33 0.69 39.00 -4.77
N ALA E 34 1.68 39.36 -3.95
CA ALA E 34 2.34 40.66 -4.07
C ALA E 34 3.09 40.78 -5.39
N PHE E 35 3.70 39.69 -5.84
CA PHE E 35 4.31 39.70 -7.16
C PHE E 35 3.24 39.88 -8.23
N ALA E 36 2.19 39.06 -8.17
CA ALA E 36 1.14 39.11 -9.19
C ALA E 36 0.52 40.49 -9.30
N LEU E 37 0.16 41.10 -8.15
CA LEU E 37 -0.45 42.41 -8.17
C LEU E 37 0.51 43.44 -8.74
N ALA E 38 1.74 43.46 -8.22
CA ALA E 38 2.75 44.42 -8.65
C ALA E 38 3.09 44.28 -10.13
N LYS E 39 3.17 43.04 -10.63
CA LYS E 39 3.44 42.83 -12.05
C LYS E 39 2.28 43.35 -12.90
N GLY E 40 1.03 43.12 -12.47
CA GLY E 40 -0.12 43.60 -13.22
C GLY E 40 -0.29 45.10 -13.11
N PHE E 41 -0.02 45.65 -11.90
CA PHE E 41 -0.10 47.10 -11.71
C PHE E 41 0.88 47.82 -12.62
N THR E 42 2.13 47.34 -12.67
CA THR E 42 3.14 48.00 -13.48
C THR E 42 2.96 47.69 -14.97
N ALA E 43 2.48 46.50 -15.33
CA ALA E 43 2.19 46.28 -16.74
C ALA E 43 1.05 47.16 -17.24
N ALA E 44 0.06 47.45 -16.38
CA ALA E 44 -0.99 48.37 -16.78
C ALA E 44 -0.50 49.81 -16.88
N GLY E 45 0.66 50.11 -16.29
CA GLY E 45 1.12 51.48 -16.24
C GLY E 45 0.44 52.36 -15.22
N VAL E 46 -0.46 51.81 -14.39
CA VAL E 46 -1.08 52.66 -13.36
C VAL E 46 -0.08 52.97 -12.25
N LEU E 47 0.91 52.12 -12.03
CA LEU E 47 1.98 52.34 -11.06
C LEU E 47 3.32 52.05 -11.73
N ALA E 48 4.26 52.98 -11.61
CA ALA E 48 5.65 52.62 -11.87
C ALA E 48 6.17 51.76 -10.72
N ALA E 49 7.07 50.83 -11.05
CA ALA E 49 7.59 49.91 -10.03
C ALA E 49 8.31 50.63 -8.90
N HIS E 50 8.80 51.84 -9.15
CA HIS E 50 9.51 52.57 -8.12
C HIS E 50 8.57 53.18 -7.08
N LYS E 51 7.27 53.18 -7.32
CA LYS E 51 6.27 53.68 -6.39
C LYS E 51 5.75 52.58 -5.49
N ILE E 52 6.31 51.39 -5.57
CA ILE E 52 5.85 50.22 -4.83
C ILE E 52 6.98 49.76 -3.91
N MET E 53 6.62 49.41 -2.68
CA MET E 53 7.56 48.78 -1.76
C MET E 53 6.94 47.51 -1.19
N ALA E 54 7.74 46.45 -1.06
CA ALA E 54 7.30 45.19 -0.47
C ALA E 54 8.25 44.79 0.64
N SER E 55 7.70 44.11 1.66
CA SER E 55 8.49 43.67 2.81
C SER E 55 8.27 42.18 3.07
N SER E 56 9.34 41.52 3.52
CA SER E 56 9.34 40.09 3.78
C SER E 56 10.53 39.79 4.69
N PRO E 57 10.38 38.87 5.65
CA PRO E 57 11.52 38.55 6.53
C PRO E 57 12.57 37.64 5.89
N ASP E 58 12.25 36.96 4.79
CA ASP E 58 13.18 36.10 4.05
C ASP E 58 13.44 36.77 2.70
N MET E 59 14.36 37.75 2.72
CA MET E 59 14.63 38.58 1.55
C MET E 59 15.47 37.80 0.54
N ASP E 60 15.33 36.48 0.54
CA ASP E 60 16.04 35.60 -0.40
C ASP E 60 15.06 34.65 -1.07
N LEU E 61 13.80 35.04 -1.17
CA LEU E 61 12.77 34.23 -1.81
C LEU E 61 12.75 34.47 -3.31
N ALA E 62 12.21 33.48 -4.05
CA ALA E 62 12.13 33.62 -5.50
C ALA E 62 11.26 34.80 -5.90
N THR E 63 10.11 34.96 -5.24
CA THR E 63 9.25 36.11 -5.49
C THR E 63 9.95 37.43 -5.17
N VAL E 64 10.68 37.48 -4.05
CA VAL E 64 11.33 38.73 -3.64
C VAL E 64 12.41 39.11 -4.66
N SER E 65 13.12 38.13 -5.22
CA SER E 65 14.13 38.47 -6.23
C SER E 65 13.48 38.87 -7.55
N ALA E 66 12.34 38.25 -7.88
CA ALA E 66 11.61 38.67 -9.08
C ALA E 66 11.16 40.13 -8.98
N LEU E 67 10.61 40.50 -7.82
CA LEU E 67 10.18 41.88 -7.60
C LEU E 67 11.31 42.88 -7.75
N ARG E 68 12.55 42.48 -7.45
CA ARG E 68 13.67 43.40 -7.62
C ARG E 68 13.89 43.72 -9.10
N LYS E 69 13.96 42.68 -9.94
CA LYS E 69 14.23 42.92 -11.36
C LYS E 69 13.17 43.83 -11.97
N MET E 70 11.92 43.70 -11.52
CA MET E 70 10.87 44.62 -11.95
C MET E 70 11.08 46.05 -11.48
N GLY E 71 11.90 46.27 -10.45
CA GLY E 71 12.15 47.60 -9.95
C GLY E 71 11.35 47.98 -8.73
N VAL E 72 10.73 47.01 -8.07
CA VAL E 72 10.04 47.29 -6.82
C VAL E 72 11.07 47.51 -5.72
N LYS E 73 10.84 48.49 -4.86
CA LYS E 73 11.75 48.72 -3.74
C LYS E 73 11.43 47.68 -2.67
N LEU E 74 12.44 46.95 -2.22
CA LEU E 74 12.22 45.87 -1.27
C LEU E 74 12.90 46.19 0.05
N THR E 75 12.40 45.55 1.11
CA THR E 75 12.89 45.78 2.46
C THR E 75 12.47 44.59 3.31
N PRO E 76 13.19 44.28 4.38
CA PRO E 76 12.68 43.33 5.37
C PRO E 76 11.89 43.99 6.50
N HIS E 77 11.89 45.31 6.60
CA HIS E 77 11.25 46.01 7.72
C HIS E 77 9.83 46.41 7.32
N ASN E 78 8.85 45.78 7.96
CA ASN E 78 7.46 46.11 7.69
C ASN E 78 7.18 47.59 7.94
N LYS E 79 7.90 48.22 8.87
CA LYS E 79 7.65 49.64 9.13
C LYS E 79 8.22 50.54 8.03
N GLU E 80 9.29 50.12 7.36
CA GLU E 80 9.73 50.86 6.17
C GLU E 80 8.64 50.85 5.10
N THR E 81 7.91 49.75 4.96
CA THR E 81 6.83 49.69 3.97
C THR E 81 5.69 50.63 4.34
N VAL E 82 5.27 50.59 5.60
CA VAL E 82 4.21 51.48 6.08
C VAL E 82 4.59 52.94 5.92
N GLN E 83 5.85 53.28 6.24
CA GLN E 83 6.31 54.66 6.10
C GLN E 83 6.40 55.11 4.64
N HIS E 84 6.48 54.18 3.68
CA HIS E 84 6.47 54.51 2.26
C HIS E 84 5.06 54.62 1.70
N SER E 85 4.16 53.75 2.16
CA SER E 85 2.85 53.53 1.53
C SER E 85 1.86 54.63 1.84
N ASP E 86 0.99 54.90 0.87
CA ASP E 86 -0.34 55.45 1.12
C ASP E 86 -1.39 54.33 1.11
N VAL E 87 -1.39 53.53 0.06
CA VAL E 87 -2.23 52.34 -0.07
C VAL E 87 -1.40 51.14 0.35
N LEU E 88 -1.87 50.41 1.35
CA LEU E 88 -1.10 49.37 2.02
C LEU E 88 -1.81 48.05 1.86
N PHE E 89 -1.27 47.17 1.00
CA PHE E 89 -1.77 45.81 0.87
C PHE E 89 -1.14 44.91 1.93
N LEU E 90 -1.99 44.20 2.69
CA LEU E 90 -1.56 43.12 3.57
C LEU E 90 -1.63 41.81 2.78
N ALA E 91 -0.48 41.32 2.32
CA ALA E 91 -0.46 40.08 1.53
C ALA E 91 0.34 38.98 2.22
N VAL E 92 -0.05 38.63 3.45
CA VAL E 92 0.55 37.55 4.21
C VAL E 92 -0.52 36.49 4.42
N LYS E 93 -0.08 35.31 4.85
CA LYS E 93 -1.02 34.25 5.18
C LYS E 93 -1.96 34.71 6.30
N PRO E 94 -3.21 34.24 6.31
CA PRO E 94 -4.19 34.80 7.26
C PRO E 94 -3.79 34.75 8.73
N HIS E 95 -3.10 33.70 9.18
CA HIS E 95 -2.74 33.65 10.59
C HIS E 95 -1.59 34.59 10.95
N ILE E 96 -0.85 35.09 9.95
CA ILE E 96 0.15 36.13 10.22
C ILE E 96 -0.49 37.50 10.37
N ILE E 97 -1.67 37.70 9.74
CA ILE E 97 -2.38 38.97 9.81
C ILE E 97 -2.46 39.53 11.23
N PRO E 98 -2.91 38.76 12.26
CA PRO E 98 -2.94 39.34 13.61
C PRO E 98 -1.57 39.76 14.10
N PHE E 99 -0.53 38.98 13.78
CA PHE E 99 0.84 39.36 14.14
C PHE E 99 1.27 40.64 13.43
N ILE E 100 1.02 40.72 12.12
CA ILE E 100 1.37 41.90 11.33
C ILE E 100 0.73 43.15 11.93
N LEU E 101 -0.54 43.05 12.30
CA LEU E 101 -1.29 44.23 12.72
C LEU E 101 -0.79 44.73 14.07
N ASP E 102 -0.39 43.80 14.96
CA ASP E 102 0.18 44.20 16.24
C ASP E 102 1.51 44.91 16.06
N GLU E 103 2.26 44.54 15.03
CA GLU E 103 3.61 45.09 14.84
C GLU E 103 3.59 46.50 14.25
N ILE E 104 2.59 46.85 13.45
CA ILE E 104 2.64 48.08 12.65
C ILE E 104 1.49 49.02 12.95
N GLY E 105 0.58 48.65 13.87
CA GLY E 105 -0.56 49.51 14.18
C GLY E 105 -0.13 50.87 14.71
N ALA E 106 0.94 50.90 15.49
CA ALA E 106 1.37 52.21 15.97
C ALA E 106 1.92 53.08 14.85
N ASP E 107 1.99 52.57 13.63
CA ASP E 107 2.57 53.32 12.51
C ASP E 107 1.55 53.76 11.47
N ILE E 108 0.29 53.32 11.57
CA ILE E 108 -0.72 53.67 10.59
C ILE E 108 -1.19 55.11 10.82
N GLU E 109 -1.16 55.92 9.77
CA GLU E 109 -1.58 57.32 9.85
C GLU E 109 -3.01 57.47 9.36
N ASP E 110 -3.53 58.68 9.55
CA ASP E 110 -4.85 59.03 9.02
C ASP E 110 -4.91 58.82 7.52
N ARG E 111 -3.77 58.88 6.84
CA ARG E 111 -3.72 58.83 5.38
C ARG E 111 -3.69 57.42 4.81
N HIS E 112 -3.44 56.40 5.63
CA HIS E 112 -3.31 55.05 5.11
C HIS E 112 -4.66 54.46 4.74
N ILE E 113 -4.68 53.72 3.65
CA ILE E 113 -5.75 52.81 3.33
C ILE E 113 -5.19 51.40 3.48
N VAL E 114 -5.68 50.66 4.46
CA VAL E 114 -5.21 49.30 4.68
C VAL E 114 -6.10 48.39 3.85
N VAL E 115 -5.49 47.67 2.91
CA VAL E 115 -6.22 46.75 2.05
C VAL E 115 -5.82 45.33 2.45
N SER E 116 -6.71 44.61 3.10
CA SER E 116 -6.41 43.22 3.44
C SER E 116 -6.75 42.28 2.29
N CYS E 117 -5.77 41.46 1.91
CA CYS E 117 -5.97 40.42 0.91
C CYS E 117 -6.11 39.03 1.48
N ALA E 118 -5.87 38.85 2.77
CA ALA E 118 -5.86 37.51 3.35
C ALA E 118 -7.24 36.85 3.28
N ALA E 119 -7.25 35.57 2.94
CA ALA E 119 -8.53 34.87 2.83
C ALA E 119 -9.21 34.76 4.19
N GLY E 120 -10.53 34.94 4.21
CA GLY E 120 -11.33 34.78 5.40
C GLY E 120 -11.26 35.89 6.42
N VAL E 121 -10.18 36.68 6.47
CA VAL E 121 -9.93 37.61 7.57
C VAL E 121 -10.93 38.76 7.50
N THR E 122 -11.69 38.93 8.58
CA THR E 122 -12.77 39.92 8.57
C THR E 122 -12.26 41.33 8.79
N ILE E 123 -13.02 42.28 8.23
CA ILE E 123 -12.79 43.70 8.46
C ILE E 123 -12.87 44.00 9.94
N SER E 124 -13.77 43.30 10.65
CA SER E 124 -13.92 43.52 12.08
C SER E 124 -12.65 43.21 12.84
N SER E 125 -12.04 42.05 12.57
CA SER E 125 -10.81 41.69 13.27
C SER E 125 -9.69 42.66 12.97
N ILE E 126 -9.67 43.20 11.75
CA ILE E 126 -8.62 44.14 11.37
C ILE E 126 -8.83 45.46 12.06
N GLU E 127 -10.05 46.01 11.99
CA GLU E 127 -10.32 47.28 12.65
C GLU E 127 -10.16 47.18 14.16
N LYS E 128 -10.60 46.06 14.76
CA LYS E 128 -10.52 45.94 16.22
C LYS E 128 -9.07 45.98 16.69
N LYS E 129 -8.15 45.35 15.95
CA LYS E 129 -6.73 45.42 16.29
C LYS E 129 -6.16 46.80 15.99
N LEU E 130 -6.43 47.35 14.79
CA LEU E 130 -5.91 48.66 14.46
C LEU E 130 -6.50 49.77 15.34
N SER E 131 -7.77 49.66 15.76
CA SER E 131 -8.36 50.74 16.55
C SER E 131 -7.71 50.91 17.91
N ALA E 132 -7.05 49.87 18.43
CA ALA E 132 -6.29 50.00 19.67
C ALA E 132 -5.19 51.04 19.57
N PHE E 133 -4.70 51.35 18.38
CA PHE E 133 -3.58 52.28 18.23
C PHE E 133 -4.04 53.68 17.83
N ARG E 134 -4.77 53.78 16.71
CA ARG E 134 -5.33 55.05 16.28
C ARG E 134 -6.77 54.74 15.87
N PRO E 135 -7.74 55.54 16.31
CA PRO E 135 -9.14 55.24 15.95
C PRO E 135 -9.39 55.54 14.48
N ALA E 136 -10.48 54.99 13.96
CA ALA E 136 -10.84 55.19 12.57
C ALA E 136 -9.75 54.78 11.56
N PRO E 137 -9.23 53.55 11.60
CA PRO E 137 -8.39 53.09 10.49
C PRO E 137 -9.25 52.79 9.26
N ARG E 138 -8.71 53.13 8.08
CA ARG E 138 -9.44 53.03 6.81
C ARG E 138 -9.09 51.69 6.18
N VAL E 139 -9.97 50.72 6.36
CA VAL E 139 -9.71 49.33 6.01
C VAL E 139 -10.63 48.94 4.86
N ILE E 140 -10.06 48.21 3.89
CA ILE E 140 -10.81 47.60 2.80
C ILE E 140 -10.42 46.14 2.73
N ARG E 141 -11.40 45.25 2.65
CA ARG E 141 -11.11 43.84 2.42
C ARG E 141 -11.28 43.51 0.95
N CYS E 142 -10.34 42.76 0.40
CA CYS E 142 -10.56 42.29 -0.95
C CYS E 142 -10.25 40.80 -1.07
N MET E 143 -10.77 40.23 -2.16
CA MET E 143 -10.43 38.90 -2.63
C MET E 143 -10.13 39.04 -4.11
N THR E 144 -8.91 38.67 -4.51
CA THR E 144 -8.53 38.71 -5.92
C THR E 144 -8.01 37.32 -6.24
N ASN E 145 -7.29 37.18 -7.36
CA ASN E 145 -6.65 35.91 -7.71
C ASN E 145 -5.40 36.18 -8.53
N THR E 146 -4.59 35.13 -8.70
CA THR E 146 -3.30 35.29 -9.35
C THR E 146 -3.34 35.77 -10.81
N PRO E 147 -4.39 35.52 -11.61
CA PRO E 147 -4.41 36.05 -12.99
C PRO E 147 -4.32 37.56 -13.12
N VAL E 148 -4.37 38.33 -12.01
CA VAL E 148 -4.00 39.74 -12.05
C VAL E 148 -2.62 39.89 -12.67
N VAL E 149 -1.78 38.86 -12.57
CA VAL E 149 -0.43 38.88 -13.12
C VAL E 149 -0.43 39.05 -14.63
N VAL E 150 -1.54 38.75 -15.31
CA VAL E 150 -1.75 38.99 -16.73
C VAL E 150 -2.94 39.91 -16.95
N ARG E 151 -3.33 40.66 -15.91
CA ARG E 151 -4.41 41.66 -16.00
C ARG E 151 -5.75 41.03 -16.39
N GLU E 152 -6.01 39.83 -15.90
CA GLU E 152 -7.30 39.19 -16.10
C GLU E 152 -7.80 38.62 -14.79
N GLY E 153 -7.62 39.34 -13.71
CA GLY E 153 -8.05 38.86 -12.42
C GLY E 153 -9.52 39.05 -12.19
N ALA E 154 -10.03 38.41 -11.14
CA ALA E 154 -11.40 38.63 -10.68
C ALA E 154 -11.31 39.09 -9.23
N THR E 155 -11.78 40.29 -8.96
CA THR E 155 -11.61 40.92 -7.66
C THR E 155 -12.95 41.42 -7.14
N VAL E 156 -13.17 41.26 -5.84
CA VAL E 156 -14.24 41.95 -5.13
C VAL E 156 -13.62 42.59 -3.91
N TYR E 157 -14.31 43.60 -3.40
CA TYR E 157 -13.85 44.32 -2.23
C TYR E 157 -15.08 44.80 -1.44
N ALA E 158 -14.92 44.87 -0.12
CA ALA E 158 -15.86 45.54 0.77
C ALA E 158 -15.11 46.62 1.52
N THR E 159 -15.78 47.76 1.73
CA THR E 159 -15.22 48.89 2.46
C THR E 159 -15.62 48.79 3.93
N GLY E 160 -14.67 49.05 4.82
CA GLY E 160 -14.93 49.03 6.25
C GLY E 160 -15.60 50.29 6.74
N THR E 161 -15.65 50.41 8.07
CA THR E 161 -16.46 51.45 8.74
C THR E 161 -15.99 52.87 8.39
N HIS E 162 -14.68 53.06 8.31
CA HIS E 162 -14.11 54.39 8.16
C HIS E 162 -13.55 54.64 6.78
N ALA E 163 -13.63 53.67 5.87
CA ALA E 163 -13.28 53.87 4.48
C ALA E 163 -14.15 54.97 3.88
N GLN E 164 -13.54 56.10 3.52
CA GLN E 164 -14.24 57.20 2.87
C GLN E 164 -14.77 56.77 1.49
N VAL E 165 -15.65 57.58 0.93
CA VAL E 165 -16.28 57.25 -0.35
C VAL E 165 -15.22 57.13 -1.44
N GLU E 166 -14.32 58.12 -1.52
CA GLU E 166 -13.25 58.07 -2.52
C GLU E 166 -12.39 56.81 -2.38
N ASP E 167 -12.24 56.30 -1.16
CA ASP E 167 -11.34 55.16 -0.93
C ASP E 167 -11.83 53.90 -1.65
N GLY E 168 -13.14 53.72 -1.70
CA GLY E 168 -13.70 52.64 -2.50
C GLY E 168 -13.51 52.89 -3.98
N ARG E 169 -13.71 54.14 -4.42
CA ARG E 169 -13.52 54.47 -5.83
C ARG E 169 -12.06 54.31 -6.23
N LEU E 170 -11.13 54.80 -5.40
CA LEU E 170 -9.71 54.64 -5.71
C LEU E 170 -9.35 53.16 -5.81
N MET E 171 -9.79 52.38 -4.84
CA MET E 171 -9.52 50.94 -4.85
C MET E 171 -10.08 50.28 -6.10
N GLU E 172 -11.30 50.64 -6.50
CA GLU E 172 -11.85 50.06 -7.71
C GLU E 172 -11.04 50.44 -8.93
N GLN E 173 -10.65 51.71 -9.04
CA GLN E 173 -9.88 52.16 -10.19
C GLN E 173 -8.57 51.38 -10.30
N LEU E 174 -7.82 51.31 -9.19
CA LEU E 174 -6.58 50.54 -9.15
C LEU E 174 -6.81 49.08 -9.58
N LEU E 175 -7.80 48.40 -9.01
CA LEU E 175 -7.91 46.97 -9.26
C LEU E 175 -8.58 46.66 -10.58
N SER E 176 -9.40 47.56 -11.10
CA SER E 176 -9.94 47.40 -12.43
C SER E 176 -8.85 47.41 -13.49
N SER E 177 -7.67 47.94 -13.18
CA SER E 177 -6.60 47.95 -14.17
C SER E 177 -6.01 46.56 -14.38
N VAL E 178 -6.27 45.61 -13.49
CA VAL E 178 -5.71 44.28 -13.62
C VAL E 178 -6.80 43.19 -13.69
N GLY E 179 -8.04 43.58 -14.00
CA GLY E 179 -9.10 42.60 -14.21
C GLY E 179 -10.47 43.16 -13.88
N PHE E 180 -11.42 42.26 -13.65
CA PHE E 180 -12.76 42.64 -13.24
C PHE E 180 -12.74 43.04 -11.77
N CYS E 181 -13.45 44.11 -11.44
CA CYS E 181 -13.50 44.54 -10.04
C CYS E 181 -14.89 45.08 -9.73
N THR E 182 -15.48 44.62 -8.64
CA THR E 182 -16.76 45.16 -8.22
C THR E 182 -16.82 45.17 -6.71
N GLU E 183 -17.69 46.01 -6.19
CA GLU E 183 -17.96 46.05 -4.77
C GLU E 183 -19.02 45.01 -4.38
N VAL E 184 -18.81 44.34 -3.26
CA VAL E 184 -19.80 43.42 -2.69
C VAL E 184 -19.93 43.73 -1.21
N GLU E 185 -21.01 43.22 -0.61
CA GLU E 185 -21.10 43.18 0.85
C GLU E 185 -20.13 42.13 1.37
N GLU E 186 -19.60 42.37 2.57
CA GLU E 186 -18.55 41.50 3.09
C GLU E 186 -19.03 40.06 3.24
N ASP E 187 -20.32 39.84 3.51
CA ASP E 187 -20.71 38.45 3.73
C ASP E 187 -20.72 37.61 2.44
N LEU E 188 -20.44 38.19 1.28
CA LEU E 188 -20.24 37.40 0.09
C LEU E 188 -18.78 36.99 -0.14
N ILE E 189 -17.82 37.53 0.61
CA ILE E 189 -16.43 37.36 0.17
C ILE E 189 -15.92 35.95 0.41
N ASP E 190 -16.37 35.25 1.45
CA ASP E 190 -15.92 33.87 1.64
C ASP E 190 -16.41 32.96 0.51
N ALA E 191 -17.60 33.23 -0.04
CA ALA E 191 -18.09 32.45 -1.16
C ALA E 191 -17.37 32.84 -2.45
N VAL E 192 -17.07 34.12 -2.64
CA VAL E 192 -16.26 34.50 -3.78
C VAL E 192 -14.89 33.82 -3.71
N THR E 193 -14.35 33.66 -2.50
CA THR E 193 -13.06 32.99 -2.39
C THR E 193 -13.14 31.58 -2.97
N GLY E 194 -14.23 30.87 -2.70
CA GLY E 194 -14.37 29.51 -3.21
C GLY E 194 -14.58 29.45 -4.71
N LEU E 195 -15.05 30.54 -5.29
CA LEU E 195 -15.39 30.56 -6.72
C LEU E 195 -14.21 31.11 -7.50
N SER E 196 -13.96 32.41 -7.42
CA SER E 196 -12.86 32.91 -8.23
C SER E 196 -11.52 32.92 -7.49
N GLY E 197 -11.52 32.98 -6.17
CA GLY E 197 -10.27 32.90 -5.42
C GLY E 197 -9.57 31.58 -5.67
N SER E 198 -10.23 30.46 -5.36
CA SER E 198 -9.70 29.13 -5.68
C SER E 198 -9.80 28.79 -7.17
N GLY E 199 -10.68 29.47 -7.91
CA GLY E 199 -11.01 29.12 -9.28
C GLY E 199 -9.91 28.75 -10.25
N PRO E 200 -8.87 29.59 -10.39
CA PRO E 200 -7.76 29.23 -11.28
C PRO E 200 -7.20 27.85 -11.01
N ALA E 201 -7.07 27.44 -9.75
CA ALA E 201 -6.55 26.10 -9.46
C ALA E 201 -7.46 25.01 -10.04
N TYR E 202 -8.78 25.22 -10.05
CA TYR E 202 -9.66 24.28 -10.72
C TYR E 202 -9.42 24.29 -12.23
N ALA E 203 -9.23 25.47 -12.81
CA ALA E 203 -8.91 25.54 -14.24
C ALA E 203 -7.59 24.84 -14.57
N PHE E 204 -6.59 24.94 -13.67
CA PHE E 204 -5.30 24.30 -13.92
C PHE E 204 -5.39 22.78 -13.87
N THR E 205 -6.13 22.25 -12.89
CA THR E 205 -6.40 20.82 -12.86
C THR E 205 -7.11 20.35 -14.13
N ALA E 206 -8.14 21.10 -14.54
CA ALA E 206 -8.89 20.75 -15.75
C ALA E 206 -8.01 20.72 -16.97
N LEU E 207 -7.15 21.75 -17.13
CA LEU E 207 -6.29 21.84 -18.32
C LEU E 207 -5.24 20.75 -18.35
N ASP E 208 -4.71 20.36 -17.19
CA ASP E 208 -3.75 19.26 -17.20
C ASP E 208 -4.43 17.96 -17.63
N ALA E 209 -5.67 17.73 -17.17
CA ALA E 209 -6.45 16.54 -17.54
C ALA E 209 -6.85 16.56 -19.02
N LEU E 210 -7.30 17.70 -19.53
CA LEU E 210 -7.62 17.83 -20.94
C LEU E 210 -6.42 17.52 -21.81
N ALA E 211 -5.25 18.01 -21.41
CA ALA E 211 -4.03 17.73 -22.16
C ALA E 211 -3.69 16.25 -22.12
N ASP E 212 -3.87 15.62 -20.95
CA ASP E 212 -3.69 14.17 -20.87
C ASP E 212 -4.63 13.45 -21.85
N GLY E 213 -5.87 13.90 -21.94
CA GLY E 213 -6.78 13.34 -22.91
C GLY E 213 -6.31 13.54 -24.35
N GLY E 214 -5.87 14.76 -24.67
CA GLY E 214 -5.27 15.00 -25.97
C GLY E 214 -4.14 14.04 -26.25
N VAL E 215 -3.22 13.89 -25.29
CA VAL E 215 -2.07 13.01 -25.50
C VAL E 215 -2.55 11.57 -25.68
N LYS E 216 -3.54 11.16 -24.89
CA LYS E 216 -4.07 9.80 -25.02
C LYS E 216 -4.57 9.53 -26.42
N MET E 217 -5.18 10.53 -27.05
CA MET E 217 -5.74 10.39 -28.40
C MET E 217 -4.74 10.68 -29.51
N GLY E 218 -3.49 11.04 -29.17
CA GLY E 218 -2.42 11.14 -30.15
C GLY E 218 -1.78 12.51 -30.30
N LEU E 219 -2.19 13.57 -29.54
CA LEU E 219 -1.54 14.88 -29.72
C LEU E 219 -0.24 14.95 -28.92
N PRO E 220 0.78 15.63 -29.44
CA PRO E 220 1.94 15.96 -28.60
C PRO E 220 1.52 16.81 -27.40
N ARG E 221 2.29 16.73 -26.32
CA ARG E 221 1.91 17.42 -25.09
CA ARG E 221 1.91 17.42 -25.09
C ARG E 221 1.83 18.92 -25.31
N ARG E 222 2.86 19.52 -25.92
CA ARG E 222 2.88 20.97 -26.10
C ARG E 222 1.64 21.45 -26.86
N LEU E 223 1.28 20.75 -27.92
CA LEU E 223 0.10 21.15 -28.69
C LEU E 223 -1.17 20.92 -27.89
N ALA E 224 -1.27 19.80 -27.18
CA ALA E 224 -2.46 19.55 -26.40
C ALA E 224 -2.66 20.62 -25.32
N VAL E 225 -1.57 21.06 -24.68
CA VAL E 225 -1.69 22.08 -23.62
C VAL E 225 -2.16 23.41 -24.20
N ARG E 226 -1.58 23.82 -25.32
CA ARG E 226 -1.94 25.08 -25.96
C ARG E 226 -3.39 25.05 -26.44
N LEU E 227 -3.80 23.97 -27.10
CA LEU E 227 -5.16 23.91 -27.63
C LEU E 227 -6.19 23.93 -26.51
N GLY E 228 -5.98 23.12 -25.46
CA GLY E 228 -6.93 23.10 -24.36
C GLY E 228 -7.03 24.44 -23.66
N ALA E 229 -5.90 25.10 -23.43
CA ALA E 229 -5.92 26.39 -22.77
C ALA E 229 -6.62 27.42 -23.64
N GLN E 230 -6.38 27.36 -24.95
CA GLN E 230 -7.04 28.30 -25.86
C GLN E 230 -8.55 28.05 -25.95
N ALA E 231 -8.98 26.80 -25.81
CA ALA E 231 -10.42 26.53 -25.81
C ALA E 231 -11.07 27.09 -24.55
N LEU E 232 -10.47 26.83 -23.38
CA LEU E 232 -10.98 27.42 -22.14
C LEU E 232 -11.04 28.93 -22.25
N LEU E 233 -9.97 29.58 -22.73
CA LEU E 233 -9.94 31.03 -22.80
C LEU E 233 -11.06 31.54 -23.70
N GLY E 234 -11.16 30.99 -24.91
CA GLY E 234 -12.15 31.45 -25.86
C GLY E 234 -13.56 31.18 -25.39
N ALA E 235 -13.77 30.04 -24.72
CA ALA E 235 -15.13 29.76 -24.21
C ALA E 235 -15.51 30.74 -23.11
N ALA E 236 -14.59 31.02 -22.19
CA ALA E 236 -14.87 31.97 -21.13
C ALA E 236 -15.13 33.36 -21.70
N LYS E 237 -14.34 33.77 -22.70
CA LYS E 237 -14.57 35.10 -23.28
C LYS E 237 -15.91 35.16 -23.99
N MET E 238 -16.33 34.06 -24.63
CA MET E 238 -17.65 34.00 -25.25
C MET E 238 -18.76 34.27 -24.23
N LEU E 239 -18.61 33.72 -23.02
CA LEU E 239 -19.66 33.86 -22.02
C LEU E 239 -19.68 35.28 -21.43
N LEU E 240 -18.51 35.88 -21.24
CA LEU E 240 -18.49 37.26 -20.77
C LEU E 240 -19.06 38.22 -21.80
N HIS E 241 -18.90 37.95 -23.09
CA HIS E 241 -19.38 38.83 -24.14
C HIS E 241 -20.78 38.48 -24.63
N SER E 242 -21.41 37.45 -24.07
CA SER E 242 -22.70 36.99 -24.55
C SER E 242 -23.81 37.34 -23.56
N GLU E 243 -25.00 37.57 -24.09
CA GLU E 243 -26.17 37.72 -23.25
C GLU E 243 -26.79 36.39 -22.87
N GLN E 244 -26.27 35.29 -23.38
CA GLN E 244 -26.97 34.01 -23.38
C GLN E 244 -26.59 33.15 -22.19
N HIS E 245 -27.49 32.25 -21.85
CA HIS E 245 -27.23 31.29 -20.80
C HIS E 245 -26.09 30.37 -21.23
N PRO E 246 -25.22 29.96 -20.29
CA PRO E 246 -24.16 29.00 -20.65
C PRO E 246 -24.69 27.69 -21.22
N GLY E 247 -25.90 27.26 -20.86
CA GLY E 247 -26.52 26.12 -21.51
C GLY E 247 -26.88 26.37 -22.96
N GLN E 248 -27.30 27.60 -23.28
CA GLN E 248 -27.53 27.95 -24.67
C GLN E 248 -26.25 27.83 -25.49
N LEU E 249 -25.14 28.40 -25.00
CA LEU E 249 -23.92 28.33 -25.79
C LEU E 249 -23.46 26.89 -25.97
N LYS E 250 -23.70 26.06 -24.96
CA LYS E 250 -23.36 24.64 -25.12
C LYS E 250 -24.27 23.97 -26.15
N ASP E 251 -25.57 24.28 -26.11
CA ASP E 251 -26.51 23.85 -27.14
C ASP E 251 -26.04 24.27 -28.54
N ASN E 252 -25.56 25.50 -28.67
CA ASN E 252 -25.01 25.97 -29.94
C ASN E 252 -23.91 25.05 -30.45
N VAL E 253 -23.06 24.56 -29.56
CA VAL E 253 -21.86 23.84 -29.98
C VAL E 253 -22.14 22.39 -30.37
N SER E 254 -23.09 21.72 -29.70
CA SER E 254 -23.23 20.27 -29.84
C SER E 254 -24.33 19.97 -30.85
N SER E 255 -23.94 19.44 -32.00
CA SER E 255 -24.90 19.07 -33.03
C SER E 255 -25.41 17.64 -32.83
N PRO E 256 -26.62 17.34 -33.33
CA PRO E 256 -27.26 16.06 -33.02
C PRO E 256 -26.41 14.88 -33.41
N GLY E 257 -26.36 13.89 -32.52
CA GLY E 257 -25.60 12.69 -32.72
C GLY E 257 -24.11 12.87 -32.74
N GLY E 258 -23.62 14.11 -32.65
CA GLY E 258 -22.26 14.43 -32.96
C GLY E 258 -21.29 14.13 -31.82
N ALA E 259 -20.04 14.55 -32.04
CA ALA E 259 -18.95 14.19 -31.13
C ALA E 259 -19.09 14.88 -29.78
N THR E 260 -19.44 16.16 -29.79
CA THR E 260 -19.52 16.92 -28.55
C THR E 260 -20.60 16.37 -27.63
N ILE E 261 -21.82 16.13 -28.15
CA ILE E 261 -22.87 15.59 -27.30
C ILE E 261 -22.48 14.22 -26.74
N HIS E 262 -21.71 13.42 -27.48
CA HIS E 262 -21.25 12.16 -26.90
C HIS E 262 -20.31 12.40 -25.73
N ALA E 263 -19.44 13.42 -25.82
CA ALA E 263 -18.51 13.66 -24.72
C ALA E 263 -19.22 14.26 -23.52
N LEU E 264 -20.21 15.14 -23.77
CA LEU E 264 -20.98 15.71 -22.66
C LEU E 264 -21.63 14.62 -21.83
N HIS E 265 -22.11 13.56 -22.50
CA HIS E 265 -22.71 12.45 -21.77
C HIS E 265 -21.72 11.81 -20.79
N VAL E 266 -20.47 11.59 -21.21
CA VAL E 266 -19.56 10.94 -20.27
C VAL E 266 -19.21 11.85 -19.09
N LEU E 267 -19.13 13.16 -19.31
CA LEU E 267 -18.97 14.08 -18.18
C LEU E 267 -20.16 13.98 -17.23
N GLU E 268 -21.37 14.06 -17.80
CA GLU E 268 -22.60 13.93 -17.05
C GLU E 268 -22.67 12.62 -16.26
N SER E 269 -22.23 11.51 -16.86
CA SER E 269 -22.24 10.22 -16.17
C SER E 269 -21.30 10.19 -15.00
N GLY E 270 -20.29 11.06 -14.97
CA GLY E 270 -19.39 11.08 -13.85
C GLY E 270 -19.77 12.02 -12.74
N GLY E 271 -20.86 12.78 -12.91
CA GLY E 271 -21.23 13.79 -11.92
C GLY E 271 -20.33 14.99 -11.97
N PHE E 272 -19.80 15.30 -13.17
CA PHE E 272 -18.84 16.38 -13.34
C PHE E 272 -19.34 17.68 -12.75
N ARG E 273 -20.60 18.00 -13.00
CA ARG E 273 -21.18 19.22 -12.47
C ARG E 273 -21.08 19.24 -10.95
N SER E 274 -21.40 18.11 -10.29
CA SER E 274 -21.42 18.11 -8.86
C SER E 274 -20.03 18.21 -8.26
N LEU E 275 -18.98 17.82 -8.99
CA LEU E 275 -17.65 17.90 -8.39
C LEU E 275 -17.24 19.36 -8.24
N LEU E 276 -17.59 20.18 -9.23
CA LEU E 276 -17.25 21.61 -9.20
C LEU E 276 -18.09 22.35 -8.17
N ILE E 277 -19.35 21.96 -7.98
CA ILE E 277 -20.13 22.49 -6.88
C ILE E 277 -19.52 22.07 -5.54
N ASN E 278 -19.11 20.80 -5.43
CA ASN E 278 -18.43 20.34 -4.23
C ASN E 278 -17.18 21.17 -3.95
N ALA E 279 -16.43 21.49 -5.02
CA ALA E 279 -15.22 22.27 -4.88
C ALA E 279 -15.50 23.66 -4.32
N VAL E 280 -16.36 24.42 -5.01
CA VAL E 280 -16.70 25.76 -4.54
C VAL E 280 -17.12 25.70 -3.07
N GLU E 281 -17.99 24.73 -2.75
CA GLU E 281 -18.49 24.61 -1.39
C GLU E 281 -17.37 24.31 -0.39
N ALA E 282 -16.52 23.33 -0.71
CA ALA E 282 -15.46 22.93 0.21
C ALA E 282 -14.49 24.07 0.45
N SER E 283 -14.13 24.80 -0.60
CA SER E 283 -13.28 25.96 -0.43
C SER E 283 -13.93 27.00 0.48
N CYS E 284 -15.22 27.27 0.26
CA CYS E 284 -15.88 28.32 1.03
C CYS E 284 -16.02 27.89 2.49
N ILE E 285 -16.39 26.65 2.75
CA ILE E 285 -16.54 26.19 4.13
C ILE E 285 -15.19 26.20 4.85
N ARG E 286 -14.13 25.78 4.17
CA ARG E 286 -12.81 25.86 4.78
C ARG E 286 -12.45 27.30 5.14
N THR E 287 -12.81 28.26 4.27
CA THR E 287 -12.50 29.66 4.53
C THR E 287 -13.20 30.16 5.79
N ARG E 288 -14.48 29.80 5.96
CA ARG E 288 -15.20 30.13 7.18
C ARG E 288 -14.57 29.45 8.41
N GLU E 289 -14.25 28.15 8.29
CA GLU E 289 -13.64 27.41 9.39
C GLU E 289 -12.34 28.05 9.85
N LEU E 290 -11.51 28.50 8.91
CA LEU E 290 -10.23 29.10 9.26
C LEU E 290 -10.44 30.40 10.03
N GLN E 291 -11.43 31.20 9.62
CA GLN E 291 -11.68 32.44 10.34
C GLN E 291 -12.26 32.18 11.73
N SER E 292 -13.13 31.16 11.86
CA SER E 292 -13.68 30.86 13.18
C SER E 292 -12.59 30.38 14.13
N MET E 293 -11.66 29.55 13.65
CA MET E 293 -10.55 29.15 14.50
C MET E 293 -9.63 30.34 14.79
N ALA E 294 -9.54 31.31 13.88
CA ALA E 294 -8.83 32.55 14.21
C ALA E 294 -9.54 33.30 15.33
N ASP E 295 -10.86 33.45 15.22
CA ASP E 295 -11.63 34.20 16.21
C ASP E 295 -11.66 33.47 17.56
N GLN E 296 -11.69 32.14 17.56
CA GLN E 296 -11.56 31.38 18.80
C GLN E 296 -10.30 31.82 19.56
N GLU E 297 -9.16 31.84 18.88
CA GLU E 297 -7.90 32.30 19.49
C GLU E 297 -7.97 33.80 19.84
PA NAI F . 8.39 -1.14 18.70
O1A NAI F . 7.24 -1.65 19.53
O2A NAI F . 9.09 -1.85 17.60
O5B NAI F . 9.56 -0.97 19.94
C5B NAI F . 8.92 -0.48 21.06
C4B NAI F . 9.91 -0.84 22.19
O4B NAI F . 9.62 -0.19 23.43
C3B NAI F . 9.78 -2.37 22.43
O3B NAI F . 11.05 -2.85 22.24
C2B NAI F . 9.39 -2.45 23.91
O2B NAI F . 9.99 -3.54 24.56
C1B NAI F . 10.00 -1.12 24.43
N9A NAI F . 9.38 -0.75 25.68
C8A NAI F . 8.03 -0.96 26.07
N7A NAI F . 7.80 -0.51 27.32
C5A NAI F . 9.03 0.00 27.75
C6A NAI F . 9.41 0.60 28.95
N6A NAI F . 8.53 0.78 29.95
N1A NAI F . 10.68 1.01 29.14
C2A NAI F . 11.54 0.80 28.09
N3A NAI F . 11.34 0.25 26.88
C4A NAI F . 10.03 -0.14 26.74
O3 NAI F . 7.96 0.39 18.42
PN NAI F . 8.76 1.00 17.16
O1N NAI F . 8.20 0.64 15.82
O2N NAI F . 10.20 0.90 17.60
O5D NAI F . 8.63 2.72 17.23
C5D NAI F . 8.61 3.17 18.53
C4D NAI F . 8.39 4.68 18.45
O4D NAI F . 9.02 5.19 17.25
C3D NAI F . 6.84 4.94 18.28
O3D NAI F . 6.51 6.01 19.12
C2D NAI F . 6.67 5.35 16.82
O2D NAI F . 5.82 6.40 16.72
C1D NAI F . 8.07 5.89 16.45
N1N NAI F . 8.37 5.67 15.03
C2N NAI F . 8.44 4.38 14.48
C3N NAI F . 8.64 4.19 13.11
C7N NAI F . 8.32 2.84 12.47
O7N NAI F . 8.07 2.69 11.25
N7N NAI F . 8.32 1.68 13.24
C4N NAI F . 9.03 5.36 12.23
C5N NAI F . 9.11 6.65 12.97
C6N NAI F . 8.60 6.80 14.20
C01 GHO G . 7.10 4.45 -22.70
C02 GHO G . 6.96 2.97 -22.27
O03 GHO G . 7.03 5.25 -21.53
O05 GHO G . 4.38 4.72 -23.30
O06 GHO G . 5.98 4.57 -25.16
O07 GHO G . 5.84 6.55 -23.87
S04 GHO G . 5.62 5.12 -23.86
PA NAI H . 10.97 11.49 -27.90
O1A NAI H . 9.81 11.82 -28.80
O2A NAI H . 11.38 12.26 -26.68
O5B NAI H . 12.28 11.75 -29.01
C5B NAI H . 12.10 10.90 -30.10
C4B NAI H . 13.11 11.38 -31.16
O4B NAI H . 12.94 10.74 -32.46
C3B NAI H . 12.84 12.91 -31.37
O3B NAI H . 14.03 13.54 -31.04
C2B NAI H . 12.57 13.01 -32.89
O2B NAI H . 13.18 14.12 -33.47
C1B NAI H . 13.34 11.72 -33.39
N9A NAI H . 12.93 11.33 -34.74
C8A NAI H . 11.64 11.38 -35.33
N7A NAI H . 11.66 10.95 -36.61
C5A NAI H . 13.01 10.62 -36.84
C6A NAI H . 13.69 10.12 -38.00
N6A NAI H . 13.01 9.88 -39.14
N1A NAI H . 15.04 9.90 -37.98
C2A NAI H . 15.68 10.17 -36.80
N3A NAI H . 15.18 10.64 -35.62
C4A NAI H . 13.80 10.86 -35.70
O3 NAI H . 10.78 9.91 -27.74
PN NAI H . 11.43 9.28 -26.38
O1N NAI H . 10.69 9.52 -25.09
O2N NAI H . 12.91 9.39 -26.58
O5D NAI H . 11.22 7.54 -26.60
C5D NAI H . 11.69 7.19 -27.87
C4D NAI H . 11.69 5.67 -27.93
O4D NAI H . 12.18 5.15 -26.66
C3D NAI H . 10.22 5.20 -28.08
O3D NAI H . 10.19 4.13 -29.00
C2D NAI H . 9.83 4.77 -26.64
O2D NAI H . 8.97 3.69 -26.57
C1D NAI H . 11.18 4.31 -26.07
N1N NAI H . 11.19 4.46 -24.58
C2N NAI H . 11.14 5.75 -23.97
C3N NAI H . 11.01 5.88 -22.59
C7N NAI H . 10.52 7.18 -22.02
O7N NAI H . 10.11 7.29 -20.85
N7N NAI H . 10.49 8.32 -22.83
C4N NAI H . 11.10 4.68 -21.68
C5N NAI H . 11.37 3.41 -22.41
C6N NAI H . 11.24 3.29 -23.74
C01 GHO I . 4.76 5.29 12.69
C02 GHO I . 4.77 6.82 12.90
O03 GHO I . 4.67 5.08 11.27
O05 GHO I . 2.16 4.42 12.63
O06 GHO I . 3.69 3.07 13.88
O07 GHO I . 3.09 5.14 14.76
S04 GHO I . 3.21 4.37 13.55
PA NAI J . -26.78 -18.60 23.99
O1A NAI J . -27.71 -17.44 23.69
O2A NAI J . -26.57 -19.81 23.16
O5B NAI J . -27.55 -19.25 25.40
C5B NAI J . -27.00 -18.65 26.52
C4B NAI J . -27.64 -19.42 27.69
O4B NAI J . -27.84 -18.60 28.85
C3B NAI J . -29.07 -19.90 27.25
O3B NAI J . -29.16 -21.25 27.56
C2B NAI J . -29.99 -19.07 28.18
O2B NAI J . -31.15 -19.75 28.55
C1B NAI J . -29.06 -19.04 29.42
N9A NAI J . -29.54 -18.09 30.37
C8A NAI J . -30.25 -16.90 30.15
N7A NAI J . -30.52 -16.27 31.31
C5A NAI J . -29.95 -17.09 32.32
C6A NAI J . -29.90 -16.98 33.74
N6A NAI J . -30.45 -15.93 34.40
N1A NAI J . -29.28 -17.94 34.50
C2A NAI J . -28.73 -18.98 33.80
N3A NAI J . -28.71 -19.22 32.47
C4A NAI J . -29.34 -18.23 31.75
O3 NAI J . -25.47 -17.79 24.44
PN NAI J . -24.18 -18.15 23.52
O1N NAI J . -24.20 -17.72 22.10
O2N NAI J . -23.79 -19.48 24.09
O5D NAI J . -22.90 -17.27 24.16
C5D NAI J . -23.31 -16.82 25.40
C4D NAI J . -22.18 -15.99 25.94
O4D NAI J . -20.95 -16.53 25.43
C3D NAI J . -22.29 -14.54 25.38
O3D NAI J . -21.85 -13.65 26.37
C2D NAI J . -21.35 -14.52 24.18
O2D NAI J . -20.68 -13.30 24.06
C1D NAI J . -20.29 -15.56 24.62
N1N NAI J . -19.67 -16.22 23.44
C2N NAI J . -20.43 -16.87 22.43
C3N NAI J . -19.80 -17.45 21.34
C7N NAI J . -20.56 -17.77 20.11
O7N NAI J . -20.07 -17.63 18.97
N7N NAI J . -21.86 -18.26 20.22
C4N NAI J . -18.32 -17.56 21.26
C5N NAI J . -17.63 -16.97 22.44
C6N NAI J . -18.26 -16.17 23.31
C01 GHO K . -2.74 -22.90 -9.92
C02 GHO K . -4.01 -23.69 -10.27
O03 GHO K . -2.92 -22.39 -8.59
O05 GHO K . -3.55 -20.64 -11.26
O06 GHO K . -1.97 -22.06 -12.37
O07 GHO K . -1.26 -20.66 -10.61
S04 GHO K . -2.37 -21.38 -11.17
PA NAI L . 6.56 -23.95 -10.65
O1A NAI L . 6.97 -23.09 -11.81
O2A NAI L . 6.89 -23.76 -9.20
O5B NAI L . 7.41 -25.41 -11.04
C5B NAI L . 7.58 -25.41 -12.40
C4B NAI L . 8.72 -26.39 -12.61
O4B NAI L . 8.76 -26.89 -13.97
C3B NAI L . 10.01 -25.59 -12.40
O3B NAI L . 10.78 -26.41 -11.58
C2B NAI L . 10.57 -25.51 -13.83
O2B NAI L . 11.94 -25.48 -13.87
C1B NAI L . 10.13 -26.90 -14.31
N9A NAI L . 10.27 -27.00 -15.74
C8A NAI L . 10.14 -26.00 -16.73
N7A NAI L . 10.36 -26.48 -17.97
C5A NAI L . 10.65 -27.85 -17.76
C6A NAI L . 10.97 -28.89 -18.65
N6A NAI L . 11.04 -28.65 -19.98
N1A NAI L . 11.22 -30.16 -18.18
C2A NAI L . 11.14 -30.33 -16.82
N3A NAI L . 10.84 -29.45 -15.86
C4A NAI L . 10.60 -28.18 -16.37
O3 NAI L . 5.01 -24.26 -11.06
PN NAI L . 4.10 -24.90 -9.87
O1N NAI L . 3.25 -23.94 -9.11
O2N NAI L . 4.94 -26.03 -9.37
O5D NAI L . 2.89 -25.83 -10.61
C5D NAI L . 3.34 -26.31 -11.82
C4D NAI L . 2.17 -26.98 -12.45
O4D NAI L . 1.28 -27.45 -11.41
C3D NAI L . 1.37 -25.90 -13.24
O3D NAI L . 0.84 -26.53 -14.36
C2D NAI L . 0.27 -25.44 -12.25
O2D NAI L . -0.92 -25.06 -12.87
C1D NAI L . -0.01 -26.78 -11.51
N1N NAI L . -0.58 -26.54 -10.17
C2N NAI L . 0.03 -25.63 -9.27
C3N NAI L . -0.45 -25.47 -7.99
C7N NAI L . 0.11 -24.39 -7.12
O7N NAI L . -0.59 -23.75 -6.30
N7N NAI L . 1.46 -24.07 -7.21
C4N NAI L . -1.54 -26.37 -7.45
C5N NAI L . -2.16 -27.23 -8.50
C6N NAI L . -1.78 -27.19 -9.79
C01 GHO M . -19.77 -13.05 19.68
C02 GHO M . -18.65 -12.11 19.21
O03 GHO M . -19.94 -14.07 18.68
O05 GHO M . -21.57 -11.25 18.60
O06 GHO M . -22.47 -13.08 20.00
O07 GHO M . -21.34 -11.35 21.06
S04 GHO M . -21.49 -12.04 19.82
PA NAI N . 2.92 33.36 0.03
O1A NAI N . 3.04 31.97 0.59
O2A NAI N . 3.58 33.89 -1.19
O5B NAI N . 3.68 34.18 1.38
C5B NAI N . 3.46 35.54 1.22
C4B NAI N . 4.67 36.33 1.84
O4B NAI N . 4.44 36.67 3.21
C3B NAI N . 5.99 35.46 1.82
O3B NAI N . 6.86 36.11 0.97
C2B NAI N . 6.47 35.57 3.31
O2B NAI N . 7.84 35.76 3.45
C1B NAI N . 5.75 36.86 3.74
N9A NAI N . 5.72 36.92 5.18
C8A NAI N . 5.56 35.86 6.11
N7A NAI N . 5.58 36.30 7.38
C5A NAI N . 5.76 37.70 7.27
C6A NAI N . 5.90 38.73 8.25
N6A NAI N . 5.83 38.45 9.58
N1A NAI N . 6.08 40.04 7.85
C2A NAI N . 6.15 40.27 6.51
N3A NAI N . 6.05 39.41 5.48
C4A NAI N . 5.86 38.10 5.91
O3 NAI N . 1.29 33.55 0.23
PN NAI N . 0.44 34.08 -1.07
O1N NAI N . -0.04 33.01 -2.01
O2N NAI N . 1.08 35.39 -1.43
O5D NAI N . -1.03 34.70 -0.44
C5D NAI N . -0.79 35.56 0.62
C4D NAI N . -2.13 36.02 1.08
O4D NAI N . -2.87 36.33 -0.08
C3D NAI N . -2.90 34.83 1.81
O3D NAI N . -3.54 35.33 2.93
C2D NAI N . -3.92 34.36 0.78
O2D NAI N . -5.17 34.05 1.34
C1D NAI N . -4.12 35.64 -0.05
N1N NAI N . -4.46 35.29 -1.42
C2N NAI N . -3.62 34.45 -2.18
C3N NAI N . -4.04 33.97 -3.42
C7N NAI N . -3.23 32.94 -4.15
O7N NAI N . -3.71 32.24 -5.04
N7N NAI N . -1.89 32.73 -3.83
C4N NAI N . -5.41 34.32 -3.94
C5N NAI N . -6.00 35.49 -3.25
C6N NAI N . -5.65 35.81 -1.99
C01 GHO O . -18.25 19.52 -33.28
C02 GHO O . -17.05 18.87 -32.60
O03 GHO O . -18.49 20.76 -32.58
O05 GHO O . -19.55 17.25 -32.40
O06 GHO O . -20.13 18.10 -34.57
O07 GHO O . -20.95 19.23 -32.69
S04 GHO O . -19.89 18.37 -33.19
#